data_5DO6
# 
_entry.id   5DO6 
# 
_audit_conform.dict_name       mmcif_pdbx.dic 
_audit_conform.dict_version    5.397 
_audit_conform.dict_location   http://mmcif.pdb.org/dictionaries/ascii/mmcif_pdbx.dic 
# 
loop_
_database_2.database_id 
_database_2.database_code 
_database_2.pdbx_database_accession 
_database_2.pdbx_DOI 
PDB   5DO6         pdb_00005do6 10.2210/pdb5do6/pdb 
WWPDB D_1000213518 ?            ?                   
# 
loop_
_pdbx_audit_revision_history.ordinal 
_pdbx_audit_revision_history.data_content_type 
_pdbx_audit_revision_history.major_revision 
_pdbx_audit_revision_history.minor_revision 
_pdbx_audit_revision_history.revision_date 
1 'Structure model' 1 0 2015-12-30 
2 'Structure model' 1 1 2016-02-17 
3 'Structure model' 1 2 2017-01-25 
4 'Structure model' 1 3 2024-10-23 
# 
_pdbx_audit_revision_details.ordinal             1 
_pdbx_audit_revision_details.revision_ordinal    1 
_pdbx_audit_revision_details.data_content_type   'Structure model' 
_pdbx_audit_revision_details.provider            repository 
_pdbx_audit_revision_details.type                'Initial release' 
_pdbx_audit_revision_details.description         ? 
_pdbx_audit_revision_details.details             ? 
# 
loop_
_pdbx_audit_revision_group.ordinal 
_pdbx_audit_revision_group.revision_ordinal 
_pdbx_audit_revision_group.data_content_type 
_pdbx_audit_revision_group.group 
1 2 'Structure model' 'Database references' 
2 3 'Structure model' 'Database references' 
3 4 'Structure model' 'Data collection'     
4 4 'Structure model' 'Database references' 
5 4 'Structure model' 'Structure summary'   
# 
loop_
_pdbx_audit_revision_category.ordinal 
_pdbx_audit_revision_category.revision_ordinal 
_pdbx_audit_revision_category.data_content_type 
_pdbx_audit_revision_category.category 
1 4 'Structure model' chem_comp_atom            
2 4 'Structure model' chem_comp_bond            
3 4 'Structure model' database_2                
4 4 'Structure model' pdbx_entry_details        
5 4 'Structure model' pdbx_modification_feature 
# 
loop_
_pdbx_audit_revision_item.ordinal 
_pdbx_audit_revision_item.revision_ordinal 
_pdbx_audit_revision_item.data_content_type 
_pdbx_audit_revision_item.item 
1 4 'Structure model' '_database_2.pdbx_DOI'                
2 4 'Structure model' '_database_2.pdbx_database_accession' 
# 
_pdbx_database_status.status_code                     REL 
_pdbx_database_status.status_code_sf                  REL 
_pdbx_database_status.status_code_mr                  ? 
_pdbx_database_status.entry_id                        5DO6 
_pdbx_database_status.recvd_initial_deposition_date   2015-09-10 
_pdbx_database_status.SG_entry                        N 
_pdbx_database_status.deposit_site                    RCSB 
_pdbx_database_status.process_site                    PDBE 
_pdbx_database_status.status_code_cs                  ? 
_pdbx_database_status.methods_development_category    ? 
_pdbx_database_status.pdb_format_compatible           Y 
_pdbx_database_status.status_code_nmr_data            ? 
# 
loop_
_pdbx_database_related.db_name 
_pdbx_database_related.details 
_pdbx_database_related.db_id 
_pdbx_database_related.content_type 
PDB 'NMR structure of the wild-type mambalgin-1'                  2MJY unspecified 
PDB 'NMR structure of mambalgin-2. Related to mambalgin 1 (Y4F).' 2MFA unspecified 
# 
loop_
_audit_author.name 
_audit_author.pdbx_ordinal 
'Stura, E.A.' 1 
'Tepshi, L.'  2 
'Kessler, P.' 3 
'Gilles, M.'  4 
'Servent, D.' 5 
# 
loop_
_citation.abstract 
_citation.abstract_id_CAS 
_citation.book_id_ISBN 
_citation.book_publisher 
_citation.book_publisher_city 
_citation.book_title 
_citation.coordinate_linkage 
_citation.country 
_citation.database_id_Medline 
_citation.details 
_citation.id 
_citation.journal_abbrev 
_citation.journal_id_ASTM 
_citation.journal_id_CSD 
_citation.journal_id_ISSN 
_citation.journal_full 
_citation.journal_issue 
_citation.journal_volume 
_citation.language 
_citation.page_first 
_citation.page_last 
_citation.title 
_citation.year 
_citation.database_id_CSD 
_citation.pdbx_database_id_DOI 
_citation.pdbx_database_id_PubMed 
_citation.unpublished_flag 
? ? ? ? ? ? ? US ? ? primary J.Biol.Chem.           JBCHA3 0071 1083-351X ? ? 291 ? 2616 2629 
;Mambalgin-1 Pain-relieving Peptide, Stepwise Solid-phase Synthesis, Crystal Structure, and Functional Domain for Acid-sensing Ion Channel 1a Inhibition.
;
2016 ? 10.1074/jbc.M115.702373   26680001 ? 
? ? ? ? ? ? ? US ? ? 1       'J Synchrotron Radiat' JSYRES ?    1600-5775 ? ? 24  ? 42   52   
'Comparison of helical scan and standard rotation methods in single-crystal X-ray data collection strategies.' 2017 ? 
10.1107/S1600577516018488 28009545 ? 
# 
loop_
_citation_author.citation_id 
_citation_author.name 
_citation_author.ordinal 
_citation_author.identifier_ORCID 
primary 'Mourier, G.'         1  ? 
primary 'Salinas, M.'         2  ? 
primary 'Kessler, P.'         3  ? 
primary 'Stura, E.A.'         4  ? 
primary 'Leblanc, M.'         5  ? 
primary 'Tepshi, L.'          6  ? 
primary 'Besson, T.'          7  ? 
primary 'Diochot, S.'         8  ? 
primary 'Baron, A.'           9  ? 
primary 'Douguet, D.'         10 ? 
primary 'Lingueglia, E.'      11 ? 
primary 'Servent, D.'         12 ? 
1       'Polsinelli, I.'      13 ? 
1       'Savko, M.'           14 ? 
1       'Rouanet-Mehouas, C.' 15 ? 
1       'Ciccone, L.'         16 ? 
1       'Nencetti, S.'        17 ? 
1       'Orlandini, E.'       18 ? 
1       'Stura, E.A.'         19 ? 
1       'Shepard, W.'         20 ? 
# 
loop_
_entity.id 
_entity.type 
_entity.src_method 
_entity.pdbx_description 
_entity.formula_weight 
_entity.pdbx_number_of_molecules 
_entity.pdbx_ec 
_entity.pdbx_mutation 
_entity.pdbx_fragment 
_entity.details 
1 polymer     syn Mambalgin-1       6544.618 2   ? T23A 'UNP residues 22-78' 'Mambalgin-1 T23A mutant' 
2 non-polymer syn 'IODIDE ION'      126.904  5   ? ?    ?                    ?                         
3 non-polymer syn 1,2-ETHANEDIOL    62.068   1   ? ?    ?                    ?                         
4 non-polymer syn S-1,2-PROPANEDIOL 76.094   1   ? ?    ?                    ?                         
5 water       nat water             18.015   165 ? ?    ?                    ?                         
# 
_entity_name_com.entity_id   1 
_entity_name_com.name        Mamb-1,Pi-Dp1 
# 
_entity_poly.entity_id                      1 
_entity_poly.type                           'polypeptide(L)' 
_entity_poly.nstd_linkage                   no 
_entity_poly.nstd_monomer                   no 
_entity_poly.pdbx_seq_one_letter_code       LKCYQHGKVVTCHRDMKFCYHNAGMPFRNLKLILQGCSSSCSETENNKCCSTDRCNK 
_entity_poly.pdbx_seq_one_letter_code_can   LKCYQHGKVVTCHRDMKFCYHNAGMPFRNLKLILQGCSSSCSETENNKCCSTDRCNK 
_entity_poly.pdbx_strand_id                 A,B 
_entity_poly.pdbx_target_identifier         ? 
# 
loop_
_pdbx_entity_nonpoly.entity_id 
_pdbx_entity_nonpoly.name 
_pdbx_entity_nonpoly.comp_id 
2 'IODIDE ION'      IOD 
3 1,2-ETHANEDIOL    EDO 
4 S-1,2-PROPANEDIOL PGO 
5 water             HOH 
# 
loop_
_entity_poly_seq.entity_id 
_entity_poly_seq.num 
_entity_poly_seq.mon_id 
_entity_poly_seq.hetero 
1 1  LEU n 
1 2  LYS n 
1 3  CYS n 
1 4  TYR n 
1 5  GLN n 
1 6  HIS n 
1 7  GLY n 
1 8  LYS n 
1 9  VAL n 
1 10 VAL n 
1 11 THR n 
1 12 CYS n 
1 13 HIS n 
1 14 ARG n 
1 15 ASP n 
1 16 MET n 
1 17 LYS n 
1 18 PHE n 
1 19 CYS n 
1 20 TYR n 
1 21 HIS n 
1 22 ASN n 
1 23 ALA n 
1 24 GLY n 
1 25 MET n 
1 26 PRO n 
1 27 PHE n 
1 28 ARG n 
1 29 ASN n 
1 30 LEU n 
1 31 LYS n 
1 32 LEU n 
1 33 ILE n 
1 34 LEU n 
1 35 GLN n 
1 36 GLY n 
1 37 CYS n 
1 38 SER n 
1 39 SER n 
1 40 SER n 
1 41 CYS n 
1 42 SER n 
1 43 GLU n 
1 44 THR n 
1 45 GLU n 
1 46 ASN n 
1 47 ASN n 
1 48 LYS n 
1 49 CYS n 
1 50 CYS n 
1 51 SER n 
1 52 THR n 
1 53 ASP n 
1 54 ARG n 
1 55 CYS n 
1 56 ASN n 
1 57 LYS n 
# 
_pdbx_entity_src_syn.entity_id              1 
_pdbx_entity_src_syn.pdbx_src_id            1 
_pdbx_entity_src_syn.pdbx_alt_source_flag   sample 
_pdbx_entity_src_syn.pdbx_beg_seq_num       1 
_pdbx_entity_src_syn.pdbx_end_seq_num       57 
_pdbx_entity_src_syn.organism_scientific    'Dendroaspis polylepis polylepis' 
_pdbx_entity_src_syn.organism_common_name   'Black mamba' 
_pdbx_entity_src_syn.ncbi_taxonomy_id       8620 
_pdbx_entity_src_syn.details                'T23A mutant' 
# 
loop_
_chem_comp.id 
_chem_comp.type 
_chem_comp.mon_nstd_flag 
_chem_comp.name 
_chem_comp.pdbx_synonyms 
_chem_comp.formula 
_chem_comp.formula_weight 
ALA 'L-peptide linking' y ALANINE           ?                 'C3 H7 N O2'     89.093  
ARG 'L-peptide linking' y ARGININE          ?                 'C6 H15 N4 O2 1' 175.209 
ASN 'L-peptide linking' y ASPARAGINE        ?                 'C4 H8 N2 O3'    132.118 
ASP 'L-peptide linking' y 'ASPARTIC ACID'   ?                 'C4 H7 N O4'     133.103 
CYS 'L-peptide linking' y CYSTEINE          ?                 'C3 H7 N O2 S'   121.158 
EDO non-polymer         . 1,2-ETHANEDIOL    'ETHYLENE GLYCOL' 'C2 H6 O2'       62.068  
GLN 'L-peptide linking' y GLUTAMINE         ?                 'C5 H10 N2 O3'   146.144 
GLU 'L-peptide linking' y 'GLUTAMIC ACID'   ?                 'C5 H9 N O4'     147.129 
GLY 'peptide linking'   y GLYCINE           ?                 'C2 H5 N O2'     75.067  
HIS 'L-peptide linking' y HISTIDINE         ?                 'C6 H10 N3 O2 1' 156.162 
HOH non-polymer         . WATER             ?                 'H2 O'           18.015  
ILE 'L-peptide linking' y ISOLEUCINE        ?                 'C6 H13 N O2'    131.173 
IOD non-polymer         . 'IODIDE ION'      ?                 'I -1'           126.904 
LEU 'L-peptide linking' y LEUCINE           ?                 'C6 H13 N O2'    131.173 
LYS 'L-peptide linking' y LYSINE            ?                 'C6 H15 N2 O2 1' 147.195 
MET 'L-peptide linking' y METHIONINE        ?                 'C5 H11 N O2 S'  149.211 
PGO non-polymer         . S-1,2-PROPANEDIOL ?                 'C3 H8 O2'       76.094  
PHE 'L-peptide linking' y PHENYLALANINE     ?                 'C9 H11 N O2'    165.189 
PRO 'L-peptide linking' y PROLINE           ?                 'C5 H9 N O2'     115.130 
SER 'L-peptide linking' y SERINE            ?                 'C3 H7 N O3'     105.093 
THR 'L-peptide linking' y THREONINE         ?                 'C4 H9 N O3'     119.119 
TYR 'L-peptide linking' y TYROSINE          ?                 'C9 H11 N O3'    181.189 
VAL 'L-peptide linking' y VALINE            ?                 'C5 H11 N O2'    117.146 
# 
loop_
_pdbx_poly_seq_scheme.asym_id 
_pdbx_poly_seq_scheme.entity_id 
_pdbx_poly_seq_scheme.seq_id 
_pdbx_poly_seq_scheme.mon_id 
_pdbx_poly_seq_scheme.ndb_seq_num 
_pdbx_poly_seq_scheme.pdb_seq_num 
_pdbx_poly_seq_scheme.auth_seq_num 
_pdbx_poly_seq_scheme.pdb_mon_id 
_pdbx_poly_seq_scheme.auth_mon_id 
_pdbx_poly_seq_scheme.pdb_strand_id 
_pdbx_poly_seq_scheme.pdb_ins_code 
_pdbx_poly_seq_scheme.hetero 
A 1 1  LEU 1  1  1  LEU LEU A . n 
A 1 2  LYS 2  2  2  LYS LYS A . n 
A 1 3  CYS 3  3  3  CYS CYS A . n 
A 1 4  TYR 4  4  4  TYR TYR A . n 
A 1 5  GLN 5  5  5  GLN GLN A . n 
A 1 6  HIS 6  6  6  HIS HIS A . n 
A 1 7  GLY 7  7  7  GLY GLY A . n 
A 1 8  LYS 8  8  8  LYS LYS A . n 
A 1 9  VAL 9  9  9  VAL VAL A . n 
A 1 10 VAL 10 10 10 VAL VAL A . n 
A 1 11 THR 11 11 11 THR THR A . n 
A 1 12 CYS 12 12 12 CYS CYS A . n 
A 1 13 HIS 13 13 13 HIS HIS A . n 
A 1 14 ARG 14 14 14 ARG ARG A . n 
A 1 15 ASP 15 15 15 ASP ASP A . n 
A 1 16 MET 16 16 16 MET MET A . n 
A 1 17 LYS 17 17 17 LYS LYS A . n 
A 1 18 PHE 18 18 18 PHE PHE A . n 
A 1 19 CYS 19 19 19 CYS CYS A . n 
A 1 20 TYR 20 20 20 TYR TYR A . n 
A 1 21 HIS 21 21 21 HIS HIS A . n 
A 1 22 ASN 22 22 22 ASN ASN A . n 
A 1 23 ALA 23 23 23 ALA ALA A . n 
A 1 24 GLY 24 24 24 GLY GLY A . n 
A 1 25 MET 25 25 25 MET MET A . n 
A 1 26 PRO 26 26 26 PRO PRO A . n 
A 1 27 PHE 27 27 27 PHE PHE A . n 
A 1 28 ARG 28 28 28 ARG ARG A . n 
A 1 29 ASN 29 29 29 ASN ASN A . n 
A 1 30 LEU 30 30 30 LEU LEU A . n 
A 1 31 LYS 31 31 31 LYS LYS A . n 
A 1 32 LEU 32 32 32 LEU LEU A . n 
A 1 33 ILE 33 33 33 ILE ILE A . n 
A 1 34 LEU 34 34 34 LEU LEU A . n 
A 1 35 GLN 35 35 35 GLN GLN A . n 
A 1 36 GLY 36 36 36 GLY GLY A . n 
A 1 37 CYS 37 37 37 CYS CYS A . n 
A 1 38 SER 38 38 38 SER SER A . n 
A 1 39 SER 39 39 39 SER SER A . n 
A 1 40 SER 40 40 40 SER SER A . n 
A 1 41 CYS 41 41 41 CYS CYS A . n 
A 1 42 SER 42 42 42 SER SER A . n 
A 1 43 GLU 43 43 43 GLU GLU A . n 
A 1 44 THR 44 44 44 THR THR A . n 
A 1 45 GLU 45 45 45 GLU GLU A . n 
A 1 46 ASN 46 46 46 ASN ASN A . n 
A 1 47 ASN 47 47 47 ASN ASN A . n 
A 1 48 LYS 48 48 48 LYS LYS A . n 
A 1 49 CYS 49 49 49 CYS CYS A . n 
A 1 50 CYS 50 50 50 CYS CYS A . n 
A 1 51 SER 51 51 51 SER SER A . n 
A 1 52 THR 52 52 52 THR THR A . n 
A 1 53 ASP 53 53 53 ASP ASP A . n 
A 1 54 ARG 54 54 54 ARG ARG A . n 
A 1 55 CYS 55 55 55 CYS CYS A . n 
A 1 56 ASN 56 56 56 ASN ASN A . n 
A 1 57 LYS 57 57 57 LYS LYS A . n 
B 1 1  LEU 1  1  1  LEU LEU B . n 
B 1 2  LYS 2  2  2  LYS LYS B . n 
B 1 3  CYS 3  3  3  CYS CYS B . n 
B 1 4  TYR 4  4  4  TYR TYR B . n 
B 1 5  GLN 5  5  5  GLN GLN B . n 
B 1 6  HIS 6  6  6  HIS HIS B . n 
B 1 7  GLY 7  7  7  GLY GLY B . n 
B 1 8  LYS 8  8  8  LYS LYS B . n 
B 1 9  VAL 9  9  9  VAL VAL B . n 
B 1 10 VAL 10 10 10 VAL VAL B . n 
B 1 11 THR 11 11 11 THR THR B . n 
B 1 12 CYS 12 12 12 CYS CYS B . n 
B 1 13 HIS 13 13 13 HIS HIS B . n 
B 1 14 ARG 14 14 14 ARG ARG B . n 
B 1 15 ASP 15 15 15 ASP ASP B . n 
B 1 16 MET 16 16 16 MET MET B . n 
B 1 17 LYS 17 17 17 LYS LYS B . n 
B 1 18 PHE 18 18 18 PHE PHE B . n 
B 1 19 CYS 19 19 19 CYS CYS B . n 
B 1 20 TYR 20 20 20 TYR TYR B . n 
B 1 21 HIS 21 21 21 HIS HIS B . n 
B 1 22 ASN 22 22 22 ASN ASN B . n 
B 1 23 ALA 23 23 23 ALA ALA B . n 
B 1 24 GLY 24 24 24 GLY GLY B . n 
B 1 25 MET 25 25 25 MET MET B . n 
B 1 26 PRO 26 26 26 PRO PRO B . n 
B 1 27 PHE 27 27 27 PHE PHE B . n 
B 1 28 ARG 28 28 28 ARG ARG B . n 
B 1 29 ASN 29 29 29 ASN ASN B . n 
B 1 30 LEU 30 30 30 LEU LEU B . n 
B 1 31 LYS 31 31 31 LYS LYS B . n 
B 1 32 LEU 32 32 32 LEU LEU B . n 
B 1 33 ILE 33 33 33 ILE ILE B . n 
B 1 34 LEU 34 34 34 LEU LEU B . n 
B 1 35 GLN 35 35 35 GLN GLN B . n 
B 1 36 GLY 36 36 36 GLY GLY B . n 
B 1 37 CYS 37 37 37 CYS CYS B . n 
B 1 38 SER 38 38 38 SER SER B . n 
B 1 39 SER 39 39 39 SER SER B . n 
B 1 40 SER 40 40 40 SER SER B . n 
B 1 41 CYS 41 41 41 CYS CYS B . n 
B 1 42 SER 42 42 42 SER SER B . n 
B 1 43 GLU 43 43 43 GLU GLU B . n 
B 1 44 THR 44 44 44 THR THR B . n 
B 1 45 GLU 45 45 45 GLU GLU B . n 
B 1 46 ASN 46 46 46 ASN ASN B . n 
B 1 47 ASN 47 47 47 ASN ASN B . n 
B 1 48 LYS 48 48 48 LYS LYS B . n 
B 1 49 CYS 49 49 49 CYS CYS B . n 
B 1 50 CYS 50 50 50 CYS CYS B . n 
B 1 51 SER 51 51 51 SER SER B . n 
B 1 52 THR 52 52 52 THR THR B . n 
B 1 53 ASP 53 53 53 ASP ASP B . n 
B 1 54 ARG 54 54 54 ARG ARG B . n 
B 1 55 CYS 55 55 55 CYS CYS B . n 
B 1 56 ASN 56 56 56 ASN ASN B . n 
B 1 57 LYS 57 57 57 LYS LYS B . n 
# 
loop_
_pdbx_nonpoly_scheme.asym_id 
_pdbx_nonpoly_scheme.entity_id 
_pdbx_nonpoly_scheme.mon_id 
_pdbx_nonpoly_scheme.ndb_seq_num 
_pdbx_nonpoly_scheme.pdb_seq_num 
_pdbx_nonpoly_scheme.auth_seq_num 
_pdbx_nonpoly_scheme.pdb_mon_id 
_pdbx_nonpoly_scheme.auth_mon_id 
_pdbx_nonpoly_scheme.pdb_strand_id 
_pdbx_nonpoly_scheme.pdb_ins_code 
C 2 IOD 1  101 1   IOD IOD A . 
D 2 IOD 1  102 2   IOD IOD A . 
E 2 IOD 1  103 3   IOD IOD A . 
F 2 IOD 1  104 4   IOD IOD A . 
G 3 EDO 1  105 4   EDO EDO A . 
H 2 IOD 1  101 5   IOD IOD B . 
I 4 PGO 1  102 1   PGO PGO B . 
J 5 HOH 1  201 13  HOH HOH A . 
J 5 HOH 2  202 158 HOH HOH A . 
J 5 HOH 3  203 92  HOH HOH A . 
J 5 HOH 4  204 141 HOH HOH A . 
J 5 HOH 5  205 21  HOH HOH A . 
J 5 HOH 6  206 131 HOH HOH A . 
J 5 HOH 7  207 79  HOH HOH A . 
J 5 HOH 8  208 97  HOH HOH A . 
J 5 HOH 9  209 43  HOH HOH A . 
J 5 HOH 10 210 121 HOH HOH A . 
J 5 HOH 11 211 68  HOH HOH A . 
J 5 HOH 12 212 7   HOH HOH A . 
J 5 HOH 13 213 37  HOH HOH A . 
J 5 HOH 14 214 20  HOH HOH A . 
J 5 HOH 15 215 74  HOH HOH A . 
J 5 HOH 16 216 35  HOH HOH A . 
J 5 HOH 17 217 45  HOH HOH A . 
J 5 HOH 18 218 11  HOH HOH A . 
J 5 HOH 19 219 28  HOH HOH A . 
J 5 HOH 20 220 42  HOH HOH A . 
J 5 HOH 21 221 122 HOH HOH A . 
J 5 HOH 22 222 1   HOH HOH A . 
J 5 HOH 23 223 17  HOH HOH A . 
J 5 HOH 24 224 135 HOH HOH A . 
J 5 HOH 25 225 6   HOH HOH A . 
J 5 HOH 26 226 12  HOH HOH A . 
J 5 HOH 27 227 46  HOH HOH A . 
J 5 HOH 28 228 8   HOH HOH A . 
J 5 HOH 29 229 94  HOH HOH A . 
J 5 HOH 30 230 29  HOH HOH A . 
J 5 HOH 31 231 59  HOH HOH A . 
J 5 HOH 32 232 54  HOH HOH A . 
J 5 HOH 33 233 10  HOH HOH A . 
J 5 HOH 34 234 3   HOH HOH A . 
J 5 HOH 35 235 83  HOH HOH A . 
J 5 HOH 36 236 109 HOH HOH A . 
J 5 HOH 37 237 2   HOH HOH A . 
J 5 HOH 38 238 16  HOH HOH A . 
J 5 HOH 39 239 110 HOH HOH A . 
J 5 HOH 40 240 25  HOH HOH A . 
J 5 HOH 41 241 86  HOH HOH A . 
J 5 HOH 42 242 36  HOH HOH A . 
J 5 HOH 43 243 24  HOH HOH A . 
J 5 HOH 44 244 26  HOH HOH A . 
J 5 HOH 45 245 102 HOH HOH A . 
J 5 HOH 46 246 14  HOH HOH A . 
J 5 HOH 47 247 82  HOH HOH A . 
J 5 HOH 48 248 23  HOH HOH A . 
J 5 HOH 49 249 38  HOH HOH A . 
J 5 HOH 50 250 123 HOH HOH A . 
J 5 HOH 51 251 111 HOH HOH A . 
J 5 HOH 52 252 76  HOH HOH A . 
J 5 HOH 53 253 87  HOH HOH A . 
J 5 HOH 54 254 90  HOH HOH A . 
J 5 HOH 55 255 144 HOH HOH A . 
J 5 HOH 56 256 19  HOH HOH A . 
J 5 HOH 57 257 32  HOH HOH A . 
J 5 HOH 58 258 151 HOH HOH A . 
J 5 HOH 59 259 137 HOH HOH A . 
J 5 HOH 60 260 67  HOH HOH A . 
J 5 HOH 61 261 75  HOH HOH A . 
J 5 HOH 62 262 63  HOH HOH A . 
J 5 HOH 63 263 93  HOH HOH A . 
J 5 HOH 64 264 72  HOH HOH A . 
J 5 HOH 65 265 165 HOH HOH A . 
J 5 HOH 66 266 128 HOH HOH A . 
J 5 HOH 67 267 113 HOH HOH A . 
J 5 HOH 68 268 99  HOH HOH A . 
J 5 HOH 69 269 114 HOH HOH A . 
J 5 HOH 70 270 148 HOH HOH A . 
J 5 HOH 71 271 117 HOH HOH A . 
J 5 HOH 72 272 132 HOH HOH A . 
J 5 HOH 73 273 157 HOH HOH A . 
J 5 HOH 74 274 52  HOH HOH A . 
J 5 HOH 75 275 124 HOH HOH A . 
J 5 HOH 76 276 66  HOH HOH A . 
J 5 HOH 77 277 60  HOH HOH A . 
J 5 HOH 78 278 145 HOH HOH A . 
J 5 HOH 79 279 143 HOH HOH A . 
J 5 HOH 80 280 34  HOH HOH A . 
J 5 HOH 81 281 88  HOH HOH A . 
J 5 HOH 82 282 164 HOH HOH A . 
J 5 HOH 83 283 127 HOH HOH A . 
J 5 HOH 84 284 150 HOH HOH A . 
J 5 HOH 85 285 156 HOH HOH A . 
J 5 HOH 86 286 149 HOH HOH A . 
J 5 HOH 87 287 89  HOH HOH A . 
J 5 HOH 88 288 139 HOH HOH A . 
J 5 HOH 89 289 101 HOH HOH A . 
J 5 HOH 90 290 125 HOH HOH A . 
J 5 HOH 91 291 103 HOH HOH A . 
J 5 HOH 92 292 134 HOH HOH A . 
J 5 HOH 93 293 100 HOH HOH A . 
J 5 HOH 94 294 112 HOH HOH A . 
J 5 HOH 95 295 130 HOH HOH A . 
K 5 HOH 1  201 57  HOH HOH B . 
K 5 HOH 2  202 51  HOH HOH B . 
K 5 HOH 3  203 58  HOH HOH B . 
K 5 HOH 4  204 80  HOH HOH B . 
K 5 HOH 5  205 147 HOH HOH B . 
K 5 HOH 6  206 55  HOH HOH B . 
K 5 HOH 7  207 64  HOH HOH B . 
K 5 HOH 8  208 95  HOH HOH B . 
K 5 HOH 9  209 71  HOH HOH B . 
K 5 HOH 10 210 77  HOH HOH B . 
K 5 HOH 11 211 162 HOH HOH B . 
K 5 HOH 12 212 27  HOH HOH B . 
K 5 HOH 13 213 33  HOH HOH B . 
K 5 HOH 14 214 30  HOH HOH B . 
K 5 HOH 15 215 15  HOH HOH B . 
K 5 HOH 16 216 9   HOH HOH B . 
K 5 HOH 17 217 18  HOH HOH B . 
K 5 HOH 18 218 104 HOH HOH B . 
K 5 HOH 19 219 119 HOH HOH B . 
K 5 HOH 20 220 140 HOH HOH B . 
K 5 HOH 21 221 39  HOH HOH B . 
K 5 HOH 22 222 138 HOH HOH B . 
K 5 HOH 23 223 61  HOH HOH B . 
K 5 HOH 24 224 85  HOH HOH B . 
K 5 HOH 25 225 48  HOH HOH B . 
K 5 HOH 26 226 4   HOH HOH B . 
K 5 HOH 27 227 70  HOH HOH B . 
K 5 HOH 28 228 5   HOH HOH B . 
K 5 HOH 29 229 81  HOH HOH B . 
K 5 HOH 30 230 44  HOH HOH B . 
K 5 HOH 31 231 96  HOH HOH B . 
K 5 HOH 32 232 31  HOH HOH B . 
K 5 HOH 33 233 53  HOH HOH B . 
K 5 HOH 34 234 56  HOH HOH B . 
K 5 HOH 35 235 78  HOH HOH B . 
K 5 HOH 36 236 133 HOH HOH B . 
K 5 HOH 37 237 146 HOH HOH B . 
K 5 HOH 38 238 49  HOH HOH B . 
K 5 HOH 39 239 65  HOH HOH B . 
K 5 HOH 40 240 47  HOH HOH B . 
K 5 HOH 41 241 41  HOH HOH B . 
K 5 HOH 42 242 40  HOH HOH B . 
K 5 HOH 43 243 22  HOH HOH B . 
K 5 HOH 44 244 129 HOH HOH B . 
K 5 HOH 45 245 50  HOH HOH B . 
K 5 HOH 46 246 153 HOH HOH B . 
K 5 HOH 47 247 73  HOH HOH B . 
K 5 HOH 48 248 161 HOH HOH B . 
K 5 HOH 49 249 154 HOH HOH B . 
K 5 HOH 50 250 116 HOH HOH B . 
K 5 HOH 51 251 98  HOH HOH B . 
K 5 HOH 52 252 106 HOH HOH B . 
K 5 HOH 53 253 105 HOH HOH B . 
K 5 HOH 54 254 91  HOH HOH B . 
K 5 HOH 55 255 115 HOH HOH B . 
K 5 HOH 56 256 136 HOH HOH B . 
K 5 HOH 57 257 62  HOH HOH B . 
K 5 HOH 58 258 159 HOH HOH B . 
K 5 HOH 59 259 108 HOH HOH B . 
K 5 HOH 60 260 163 HOH HOH B . 
K 5 HOH 61 261 118 HOH HOH B . 
K 5 HOH 62 262 69  HOH HOH B . 
K 5 HOH 63 263 160 HOH HOH B . 
K 5 HOH 64 264 120 HOH HOH B . 
K 5 HOH 65 265 155 HOH HOH B . 
K 5 HOH 66 266 84  HOH HOH B . 
K 5 HOH 67 267 107 HOH HOH B . 
K 5 HOH 68 268 152 HOH HOH B . 
K 5 HOH 69 269 126 HOH HOH B . 
K 5 HOH 70 270 142 HOH HOH B . 
# 
loop_
_software.citation_id 
_software.classification 
_software.compiler_name 
_software.compiler_version 
_software.contact_author 
_software.contact_author_email 
_software.date 
_software.description 
_software.dependencies 
_software.hardware 
_software.language 
_software.location 
_software.mods 
_software.name 
_software.os 
_software.os_version 
_software.type 
_software.version 
_software.pdbx_ordinal 
? refinement       ? ? ? ? ? ? ? ? ? ? ? PHENIX ? ? ? 1.9_1692 1 
? 'data reduction' ? ? ? ? ? ? ? ? ? ? ? XDS    ? ? ? .        2 
? 'data scaling'   ? ? ? ? ? ? ? ? ? ? ? XSCALE ? ? ? .        3 
? phasing          ? ? ? ? ? ? ? ? ? ? ? PHENIX ? ? ? AutoSol  4 
? 'model building' ? ? ? ? ? ? ? ? ? ? ? Coot   ? ? ? .        5 
# 
_cell.angle_alpha                  90.00 
_cell.angle_alpha_esd              ? 
_cell.angle_beta                   90.00 
_cell.angle_beta_esd               ? 
_cell.angle_gamma                  90.00 
_cell.angle_gamma_esd              ? 
_cell.entry_id                     5DO6 
_cell.details                      ? 
_cell.formula_units_Z              ? 
_cell.length_a                     55.900 
_cell.length_a_esd                 ? 
_cell.length_b                     100.990 
_cell.length_b_esd                 ? 
_cell.length_c                     53.480 
_cell.length_c_esd                 ? 
_cell.volume                       ? 
_cell.volume_esd                   ? 
_cell.Z_PDB                        16 
_cell.reciprocal_angle_alpha       ? 
_cell.reciprocal_angle_beta        ? 
_cell.reciprocal_angle_gamma       ? 
_cell.reciprocal_angle_alpha_esd   ? 
_cell.reciprocal_angle_beta_esd    ? 
_cell.reciprocal_angle_gamma_esd   ? 
_cell.reciprocal_length_a          ? 
_cell.reciprocal_length_b          ? 
_cell.reciprocal_length_c          ? 
_cell.reciprocal_length_a_esd      ? 
_cell.reciprocal_length_b_esd      ? 
_cell.reciprocal_length_c_esd      ? 
_cell.pdbx_unique_axis             ? 
# 
_symmetry.entry_id                         5DO6 
_symmetry.cell_setting                     ? 
_symmetry.Int_Tables_number                20 
_symmetry.space_group_name_Hall            ? 
_symmetry.space_group_name_H-M             'C 2 2 21' 
_symmetry.pdbx_full_space_group_name_H-M   ? 
# 
_exptl.absorpt_coefficient_mu     ? 
_exptl.absorpt_correction_T_max   ? 
_exptl.absorpt_correction_T_min   ? 
_exptl.absorpt_correction_type    ? 
_exptl.absorpt_process_details    ? 
_exptl.entry_id                   5DO6 
_exptl.crystals_number            ? 
_exptl.details                    ? 
_exptl.method                     'X-RAY DIFFRACTION' 
_exptl.method_details             ? 
# 
_exptl_crystal.colour                      ? 
_exptl_crystal.density_diffrn              ? 
_exptl_crystal.density_Matthews            2.88 
_exptl_crystal.density_method              ? 
_exptl_crystal.density_percent_sol         57.34 
_exptl_crystal.description                 'Prismatic crystals' 
_exptl_crystal.F_000                       ? 
_exptl_crystal.id                          1 
_exptl_crystal.preparation                 ? 
_exptl_crystal.size_max                    ? 
_exptl_crystal.size_mid                    ? 
_exptl_crystal.size_min                    ? 
_exptl_crystal.size_rad                    ? 
_exptl_crystal.colour_lustre               ? 
_exptl_crystal.colour_modifier             ? 
_exptl_crystal.colour_primary              ? 
_exptl_crystal.density_meas                ? 
_exptl_crystal.density_meas_esd            ? 
_exptl_crystal.density_meas_gt             ? 
_exptl_crystal.density_meas_lt             ? 
_exptl_crystal.density_meas_temp           ? 
_exptl_crystal.density_meas_temp_esd       ? 
_exptl_crystal.density_meas_temp_gt        ? 
_exptl_crystal.density_meas_temp_lt        ? 
_exptl_crystal.pdbx_crystal_image_url      ? 
_exptl_crystal.pdbx_crystal_image_format   ? 
_exptl_crystal.pdbx_mosaicity              ? 
_exptl_crystal.pdbx_mosaicity_esd          ? 
# 
_exptl_crystal_grow.apparatus       ? 
_exptl_crystal_grow.atmosphere      ? 
_exptl_crystal_grow.crystal_id      1 
_exptl_crystal_grow.details         ? 
_exptl_crystal_grow.method          'VAPOR DIFFUSION, SITTING DROP' 
_exptl_crystal_grow.method_ref      ? 
_exptl_crystal_grow.pH              7.6 
_exptl_crystal_grow.pressure        ? 
_exptl_crystal_grow.pressure_esd    ? 
_exptl_crystal_grow.seeding         ? 
_exptl_crystal_grow.seeding_ref     ? 
_exptl_crystal_grow.temp            293 
_exptl_crystal_grow.temp_details    'cooled incubator' 
_exptl_crystal_grow.temp_esd        ? 
_exptl_crystal_grow.time            ? 
_exptl_crystal_grow.pdbx_details    
;Protein: redissolved from lyophilized at 5mg/ml mamb-1-T23A in 50mM Na Acetate, pH 5.5.
Precipitant: 21.6% PEG600, 3.6% PEG 20K
0.18M mixed  L-malic acid, MES, Tris (pH4) and  mixed sodium Malonate, imidazole, boric acid(pH10) in the ratio 40:60.
Cryoprotectant: 30% MPEG 550, 40% CryoProtX cryomix9, 10% NaAc pH 6.5, 0.1M potassium iodide soaked for 1 min.
;
_exptl_crystal_grow.pdbx_pH_range   '5.5 - 7.6' 
# 
_diffrn.ambient_environment    ? 
_diffrn.ambient_temp           100 
_diffrn.ambient_temp_details   'N2 cryostat - Helical scan' 
_diffrn.ambient_temp_esd       ? 
_diffrn.crystal_id             1 
_diffrn.crystal_support        ? 
_diffrn.crystal_treatment      ? 
_diffrn.details                ? 
_diffrn.id                     1 
_diffrn.ambient_pressure       ? 
_diffrn.ambient_pressure_esd   ? 
_diffrn.ambient_pressure_gt    ? 
_diffrn.ambient_pressure_lt    ? 
_diffrn.ambient_temp_gt        ? 
_diffrn.ambient_temp_lt        ? 
# 
_diffrn_detector.details                      'X-ray centering - Helical scan' 
_diffrn_detector.detector                     CCD 
_diffrn_detector.diffrn_id                    1 
_diffrn_detector.type                         'ADSC QUANTUM 315' 
_diffrn_detector.area_resol_mean              ? 
_diffrn_detector.dtime                        ? 
_diffrn_detector.pdbx_frames_total            ? 
_diffrn_detector.pdbx_collection_time_total   ? 
_diffrn_detector.pdbx_collection_date         2015-06-03 
# 
_diffrn_radiation.collimation                      ? 
_diffrn_radiation.diffrn_id                        1 
_diffrn_radiation.filter_edge                      ? 
_diffrn_radiation.inhomogeneity                    ? 
_diffrn_radiation.monochromator                    '[111] Si Cut monochromator' 
_diffrn_radiation.polarisn_norm                    ? 
_diffrn_radiation.polarisn_ratio                   ? 
_diffrn_radiation.probe                            ? 
_diffrn_radiation.type                             ? 
_diffrn_radiation.xray_symbol                      ? 
_diffrn_radiation.wavelength_id                    1 
_diffrn_radiation.pdbx_monochromatic_or_laue_m_l   M 
_diffrn_radiation.pdbx_wavelength_list             ? 
_diffrn_radiation.pdbx_wavelength                  ? 
_diffrn_radiation.pdbx_diffrn_protocol             'SINGLE WAVELENGTH' 
_diffrn_radiation.pdbx_analyzer                    ? 
_diffrn_radiation.pdbx_scattering_type             x-ray 
# 
_diffrn_radiation_wavelength.id           1 
_diffrn_radiation_wavelength.wavelength   0.9801 
_diffrn_radiation_wavelength.wt           1.0 
# 
_diffrn_source.current                     ? 
_diffrn_source.details                     ? 
_diffrn_source.diffrn_id                   1 
_diffrn_source.power                       ? 
_diffrn_source.size                        ? 
_diffrn_source.source                      SYNCHROTRON 
_diffrn_source.target                      ? 
_diffrn_source.type                        'SOLEIL BEAMLINE PROXIMA 2' 
_diffrn_source.voltage                     ? 
_diffrn_source.take-off_angle              ? 
_diffrn_source.pdbx_wavelength_list        0.9801 
_diffrn_source.pdbx_wavelength             ? 
_diffrn_source.pdbx_synchrotron_beamline   'PROXIMA 2' 
_diffrn_source.pdbx_synchrotron_site       SOLEIL 
# 
_reflns.B_iso_Wilson_estimate            ? 
_reflns.entry_id                         5DO6 
_reflns.data_reduction_details           ? 
_reflns.data_reduction_method            ? 
_reflns.d_resolution_high                1.697 
_reflns.d_resolution_low                 37 
_reflns.details                          ? 
_reflns.limit_h_max                      ? 
_reflns.limit_h_min                      ? 
_reflns.limit_k_max                      ? 
_reflns.limit_k_min                      ? 
_reflns.limit_l_max                      ? 
_reflns.limit_l_min                      ? 
_reflns.number_all                       16719 
_reflns.number_obs                       31543 
_reflns.observed_criterion               ? 
_reflns.observed_criterion_F_max         ? 
_reflns.observed_criterion_F_min         ? 
_reflns.observed_criterion_I_max         ? 
_reflns.observed_criterion_I_min         ? 
_reflns.observed_criterion_sigma_F       0 
_reflns.observed_criterion_sigma_I       -3 
_reflns.percent_possible_obs             97.5 
_reflns.R_free_details                   ? 
_reflns.Rmerge_F_all                     ? 
_reflns.Rmerge_F_obs                     ? 
_reflns.Friedel_coverage                 ? 
_reflns.number_gt                        ? 
_reflns.threshold_expression             ? 
_reflns.pdbx_redundancy                  7.1 
_reflns.pdbx_Rmerge_I_obs                0.061 
_reflns.pdbx_Rmerge_I_all                ? 
_reflns.pdbx_Rsym_value                  0.057 
_reflns.pdbx_netI_over_av_sigmaI         ? 
_reflns.pdbx_netI_over_sigmaI            21.83 
_reflns.pdbx_res_netI_over_av_sigmaI_2   ? 
_reflns.pdbx_res_netI_over_sigmaI_2      ? 
_reflns.pdbx_chi_squared                 ? 
_reflns.pdbx_scaling_rejects             ? 
_reflns.pdbx_d_res_high_opt              ? 
_reflns.pdbx_d_res_low_opt               ? 
_reflns.pdbx_d_res_opt_method            ? 
_reflns.phase_calculation_details        ? 
_reflns.pdbx_Rrim_I_all                  ? 
_reflns.pdbx_Rpim_I_all                  ? 
_reflns.pdbx_d_opt                       ? 
_reflns.pdbx_number_measured_all         ? 
_reflns.pdbx_diffrn_id                   1 
_reflns.pdbx_ordinal                     1 
_reflns.pdbx_CC_half                     ? 
_reflns.pdbx_R_split                     ? 
# 
_reflns_shell.d_res_high                  1.697 
_reflns_shell.d_res_low                   1.74 
_reflns_shell.meanI_over_sigI_all         ? 
_reflns_shell.meanI_over_sigI_obs         4.64 
_reflns_shell.number_measured_all         ? 
_reflns_shell.number_measured_obs         ? 
_reflns_shell.number_possible             ? 
_reflns_shell.number_unique_all           ? 
_reflns_shell.number_unique_obs           ? 
_reflns_shell.percent_possible_all        78.7 
_reflns_shell.percent_possible_obs        ? 
_reflns_shell.Rmerge_F_all                ? 
_reflns_shell.Rmerge_F_obs                ? 
_reflns_shell.Rmerge_I_all                ? 
_reflns_shell.Rmerge_I_obs                0.408 
_reflns_shell.meanI_over_sigI_gt          ? 
_reflns_shell.meanI_over_uI_all           ? 
_reflns_shell.meanI_over_uI_gt            ? 
_reflns_shell.number_measured_gt          ? 
_reflns_shell.number_unique_gt            ? 
_reflns_shell.percent_possible_gt         ? 
_reflns_shell.Rmerge_F_gt                 ? 
_reflns_shell.Rmerge_I_gt                 ? 
_reflns_shell.pdbx_redundancy             4.8 
_reflns_shell.pdbx_Rsym_value             ? 
_reflns_shell.pdbx_chi_squared            ? 
_reflns_shell.pdbx_netI_over_sigmaI_all   ? 
_reflns_shell.pdbx_netI_over_sigmaI_obs   ? 
_reflns_shell.pdbx_Rrim_I_all             ? 
_reflns_shell.pdbx_Rpim_I_all             ? 
_reflns_shell.pdbx_rejects                ? 
_reflns_shell.pdbx_ordinal                1 
_reflns_shell.pdbx_diffrn_id              1 
_reflns_shell.pdbx_CC_half                ? 
_reflns_shell.pdbx_R_split                ? 
# 
_refine.aniso_B[1][1]                            ? 
_refine.aniso_B[1][2]                            ? 
_refine.aniso_B[1][3]                            ? 
_refine.aniso_B[2][2]                            ? 
_refine.aniso_B[2][3]                            ? 
_refine.aniso_B[3][3]                            ? 
_refine.B_iso_max                                ? 
_refine.B_iso_mean                               ? 
_refine.B_iso_min                                ? 
_refine.correlation_coeff_Fo_to_Fc               ? 
_refine.correlation_coeff_Fo_to_Fc_free          ? 
_refine.details                                  ? 
_refine.diff_density_max                         ? 
_refine.diff_density_max_esd                     ? 
_refine.diff_density_min                         ? 
_refine.diff_density_min_esd                     ? 
_refine.diff_density_rms                         ? 
_refine.diff_density_rms_esd                     ? 
_refine.entry_id                                 5DO6 
_refine.pdbx_refine_id                           'X-RAY DIFFRACTION' 
_refine.ls_abs_structure_details                 ? 
_refine.ls_abs_structure_Flack                   ? 
_refine.ls_abs_structure_Flack_esd               ? 
_refine.ls_abs_structure_Rogers                  ? 
_refine.ls_abs_structure_Rogers_esd              ? 
_refine.ls_d_res_high                            1.697 
_refine.ls_d_res_low                             27.950 
_refine.ls_extinction_coef                       ? 
_refine.ls_extinction_coef_esd                   ? 
_refine.ls_extinction_expression                 ? 
_refine.ls_extinction_method                     ? 
_refine.ls_goodness_of_fit_all                   ? 
_refine.ls_goodness_of_fit_all_esd               ? 
_refine.ls_goodness_of_fit_obs                   ? 
_refine.ls_goodness_of_fit_obs_esd               ? 
_refine.ls_hydrogen_treatment                    ? 
_refine.ls_matrix_type                           ? 
_refine.ls_number_constraints                    ? 
_refine.ls_number_parameters                     ? 
_refine.ls_number_reflns_all                     ? 
_refine.ls_number_reflns_obs                     16719 
_refine.ls_number_reflns_R_free                  837 
_refine.ls_number_reflns_R_work                  ? 
_refine.ls_number_restraints                     ? 
_refine.ls_percent_reflns_obs                    97.69 
_refine.ls_percent_reflns_R_free                 5.01 
_refine.ls_R_factor_all                          ? 
_refine.ls_R_factor_obs                          0.1731 
_refine.ls_R_factor_R_free                       0.2048 
_refine.ls_R_factor_R_free_error                 ? 
_refine.ls_R_factor_R_free_error_details         ? 
_refine.ls_R_factor_R_work                       0.1715 
_refine.ls_R_Fsqd_factor_obs                     ? 
_refine.ls_R_I_factor_obs                        ? 
_refine.ls_redundancy_reflns_all                 ? 
_refine.ls_redundancy_reflns_obs                 ? 
_refine.ls_restrained_S_all                      ? 
_refine.ls_restrained_S_obs                      ? 
_refine.ls_shift_over_esd_max                    ? 
_refine.ls_shift_over_esd_mean                   ? 
_refine.ls_structure_factor_coef                 ? 
_refine.ls_weighting_details                     ? 
_refine.ls_weighting_scheme                      ? 
_refine.ls_wR_factor_all                         ? 
_refine.ls_wR_factor_obs                         ? 
_refine.ls_wR_factor_R_free                      ? 
_refine.ls_wR_factor_R_work                      ? 
_refine.occupancy_max                            ? 
_refine.occupancy_min                            ? 
_refine.solvent_model_details                    'FLAT BULK SOLVENT MODEL' 
_refine.solvent_model_param_bsol                 ? 
_refine.solvent_model_param_ksol                 ? 
_refine.ls_R_factor_gt                           ? 
_refine.ls_goodness_of_fit_gt                    ? 
_refine.ls_goodness_of_fit_ref                   ? 
_refine.ls_shift_over_su_max                     ? 
_refine.ls_shift_over_su_max_lt                  ? 
_refine.ls_shift_over_su_mean                    ? 
_refine.ls_shift_over_su_mean_lt                 ? 
_refine.pdbx_ls_sigma_I                          ? 
_refine.pdbx_ls_sigma_F                          1.38 
_refine.pdbx_ls_sigma_Fsqd                       ? 
_refine.pdbx_data_cutoff_high_absF               ? 
_refine.pdbx_data_cutoff_high_rms_absF           ? 
_refine.pdbx_data_cutoff_low_absF                ? 
_refine.pdbx_isotropic_thermal_model             ? 
_refine.pdbx_ls_cross_valid_method               THROUGHOUT 
_refine.pdbx_method_to_determine_struct          SAD 
_refine.pdbx_starting_model                      ? 
_refine.pdbx_stereochemistry_target_values       ML 
_refine.pdbx_R_Free_selection_details            Random 
_refine.pdbx_stereochem_target_val_spec_case     ? 
_refine.pdbx_overall_ESU_R                       ? 
_refine.pdbx_overall_ESU_R_Free                  ? 
_refine.pdbx_solvent_vdw_probe_radii             1.11 
_refine.pdbx_solvent_ion_probe_radii             ? 
_refine.pdbx_solvent_shrinkage_radii             0.90 
_refine.pdbx_real_space_R                        ? 
_refine.pdbx_density_correlation                 ? 
_refine.pdbx_pd_number_of_powder_patterns        ? 
_refine.pdbx_pd_number_of_points                 ? 
_refine.pdbx_pd_meas_number_of_points            ? 
_refine.pdbx_pd_proc_ls_prof_R_factor            ? 
_refine.pdbx_pd_proc_ls_prof_wR_factor           ? 
_refine.pdbx_pd_Marquardt_correlation_coeff      ? 
_refine.pdbx_pd_Fsqrd_R_factor                   ? 
_refine.pdbx_pd_ls_matrix_band_width             ? 
_refine.pdbx_overall_phase_error                 21.25 
_refine.pdbx_overall_SU_R_free_Cruickshank_DPI   ? 
_refine.pdbx_overall_SU_R_free_Blow_DPI          ? 
_refine.pdbx_overall_SU_R_Blow_DPI               ? 
_refine.pdbx_TLS_residual_ADP_flag               ? 
_refine.pdbx_diffrn_id                           1 
_refine.overall_SU_B                             ? 
_refine.overall_SU_ML                            0.16 
_refine.overall_SU_R_Cruickshank_DPI             ? 
_refine.overall_SU_R_free                        ? 
_refine.overall_FOM_free_R_set                   ? 
_refine.overall_FOM_work_R_set                   ? 
_refine.pdbx_average_fsc_overall                 ? 
_refine.pdbx_average_fsc_work                    ? 
_refine.pdbx_average_fsc_free                    ? 
# 
_refine_hist.pdbx_refine_id                   'X-RAY DIFFRACTION' 
_refine_hist.cycle_id                         LAST 
_refine_hist.pdbx_number_atoms_protein        898 
_refine_hist.pdbx_number_atoms_nucleic_acid   0 
_refine_hist.pdbx_number_atoms_ligand         14 
_refine_hist.number_atoms_solvent             165 
_refine_hist.number_atoms_total               1077 
_refine_hist.d_res_high                       1.697 
_refine_hist.d_res_low                        27.950 
# 
loop_
_refine_ls_restr.pdbx_refine_id 
_refine_ls_restr.criterion 
_refine_ls_restr.dev_ideal 
_refine_ls_restr.dev_ideal_target 
_refine_ls_restr.number 
_refine_ls_restr.rejects 
_refine_ls_restr.type 
_refine_ls_restr.weight 
_refine_ls_restr.pdbx_restraint_function 
'X-RAY DIFFRACTION' ? 0.006  ? 1033 ? f_bond_d           ? ? 
'X-RAY DIFFRACTION' ? 1.017  ? 1382 ? f_angle_d          ? ? 
'X-RAY DIFFRACTION' ? 12.350 ? 406  ? f_dihedral_angle_d ? ? 
'X-RAY DIFFRACTION' ? 0.043  ? 142  ? f_chiral_restr     ? ? 
'X-RAY DIFFRACTION' ? 0.005  ? 187  ? f_plane_restr      ? ? 
# 
loop_
_refine_ls_shell.pdbx_refine_id 
_refine_ls_shell.d_res_high 
_refine_ls_shell.d_res_low 
_refine_ls_shell.number_reflns_all 
_refine_ls_shell.number_reflns_obs 
_refine_ls_shell.number_reflns_R_free 
_refine_ls_shell.number_reflns_R_work 
_refine_ls_shell.percent_reflns_obs 
_refine_ls_shell.percent_reflns_R_free 
_refine_ls_shell.R_factor_all 
_refine_ls_shell.R_factor_obs 
_refine_ls_shell.R_factor_R_free 
_refine_ls_shell.R_factor_R_free_error 
_refine_ls_shell.R_factor_R_work 
_refine_ls_shell.redundancy_reflns_all 
_refine_ls_shell.redundancy_reflns_obs 
_refine_ls_shell.wR_factor_all 
_refine_ls_shell.wR_factor_obs 
_refine_ls_shell.wR_factor_R_free 
_refine_ls_shell.wR_factor_R_work 
_refine_ls_shell.pdbx_total_number_of_bins_used 
_refine_ls_shell.pdbx_phase_error 
_refine_ls_shell.pdbx_fsc_work 
_refine_ls_shell.pdbx_fsc_free 
'X-RAY DIFFRACTION' 1.6974 1.8038  . . 122 2302 87.00  . . . 0.2524 . 0.2042 . . . . . . . . . . 
'X-RAY DIFFRACTION' 1.8038 1.9430  . . 139 2650 100.00 . . . 0.2376 . 0.1829 . . . . . . . . . . 
'X-RAY DIFFRACTION' 1.9430 2.1385  . . 142 2700 100.00 . . . 0.2185 . 0.1611 . . . . . . . . . . 
'X-RAY DIFFRACTION' 2.1385 2.4478  . . 141 2683 100.00 . . . 0.1961 . 0.1651 . . . . . . . . . . 
'X-RAY DIFFRACTION' 2.4478 3.0833  . . 144 2725 100.00 . . . 0.2270 . 0.1741 . . . . . . . . . . 
'X-RAY DIFFRACTION' 3.0833 27.9538 . . 149 2822 100.00 . . . 0.1788 . 0.1686 . . . . . . . . . . 
# 
_struct.entry_id                     5DO6 
_struct.title                        'Crystal structure of Dendroaspis polylepis venom mambalgin-1 T23A mutant' 
_struct.pdbx_model_details           ? 
_struct.pdbx_formula_weight          ? 
_struct.pdbx_formula_weight_method   ? 
_struct.pdbx_model_type_details      ? 
_struct.pdbx_CASP_flag               ? 
# 
_struct_keywords.entry_id        5DO6 
_struct_keywords.text            'toxin, Acid Sensing Ion Channels, Pain suppression Drug, Elapid Venom polypeptide' 
_struct_keywords.pdbx_keywords   TOXIN 
# 
loop_
_struct_asym.id 
_struct_asym.pdbx_blank_PDB_chainid_flag 
_struct_asym.pdbx_modified 
_struct_asym.entity_id 
_struct_asym.details 
A N N 1 ? 
B N N 1 ? 
C N N 2 ? 
D N N 2 ? 
E N N 2 ? 
F N N 2 ? 
G N N 3 ? 
H N N 2 ? 
I N N 4 ? 
J N N 5 ? 
K N N 5 ? 
# 
_struct_ref.id                         1 
_struct_ref.db_name                    UNP 
_struct_ref.db_code                    3SX1_DENPO 
_struct_ref.pdbx_db_accession          P0DKR6 
_struct_ref.pdbx_db_isoform            ? 
_struct_ref.entity_id                  1 
_struct_ref.pdbx_seq_one_letter_code   LKCYQHGKVVTCHRDMKFCYHNTGMPFRNLKLILQGCSSSCSETENNKCCSTDRCNK 
_struct_ref.pdbx_align_begin           22 
# 
loop_
_struct_ref_seq.align_id 
_struct_ref_seq.ref_id 
_struct_ref_seq.pdbx_PDB_id_code 
_struct_ref_seq.pdbx_strand_id 
_struct_ref_seq.seq_align_beg 
_struct_ref_seq.pdbx_seq_align_beg_ins_code 
_struct_ref_seq.seq_align_end 
_struct_ref_seq.pdbx_seq_align_end_ins_code 
_struct_ref_seq.pdbx_db_accession 
_struct_ref_seq.db_align_beg 
_struct_ref_seq.pdbx_db_align_beg_ins_code 
_struct_ref_seq.db_align_end 
_struct_ref_seq.pdbx_db_align_end_ins_code 
_struct_ref_seq.pdbx_auth_seq_align_beg 
_struct_ref_seq.pdbx_auth_seq_align_end 
1 1 5DO6 A 1 ? 57 ? P0DKR6 22 ? 78 ? 1 57 
2 1 5DO6 B 1 ? 57 ? P0DKR6 22 ? 78 ? 1 57 
# 
loop_
_struct_ref_seq_dif.align_id 
_struct_ref_seq_dif.pdbx_pdb_id_code 
_struct_ref_seq_dif.mon_id 
_struct_ref_seq_dif.pdbx_pdb_strand_id 
_struct_ref_seq_dif.seq_num 
_struct_ref_seq_dif.pdbx_pdb_ins_code 
_struct_ref_seq_dif.pdbx_seq_db_name 
_struct_ref_seq_dif.pdbx_seq_db_accession_code 
_struct_ref_seq_dif.db_mon_id 
_struct_ref_seq_dif.pdbx_seq_db_seq_num 
_struct_ref_seq_dif.details 
_struct_ref_seq_dif.pdbx_auth_seq_num 
_struct_ref_seq_dif.pdbx_ordinal 
1 5DO6 ALA A 23 ? UNP P0DKR6 THR 44 'engineered mutation' 23 1 
2 5DO6 ALA B 23 ? UNP P0DKR6 THR 44 'engineered mutation' 23 2 
# 
_pdbx_struct_assembly.id                   1 
_pdbx_struct_assembly.details              author_and_software_defined_assembly 
_pdbx_struct_assembly.method_details       PISA 
_pdbx_struct_assembly.oligomeric_details   tetrameric 
_pdbx_struct_assembly.oligomeric_count     4 
# 
loop_
_pdbx_struct_assembly_prop.biol_id 
_pdbx_struct_assembly_prop.type 
_pdbx_struct_assembly_prop.value 
_pdbx_struct_assembly_prop.details 
1 'ABSA (A^2)' 6410  ? 
1 MORE         -27   ? 
1 'SSA (A^2)'  12520 ? 
# 
_pdbx_struct_assembly_gen.assembly_id       1 
_pdbx_struct_assembly_gen.oper_expression   1,2 
_pdbx_struct_assembly_gen.asym_id_list      A,B,C,D,E,F,G,H,I,J,K 
# 
loop_
_pdbx_struct_oper_list.id 
_pdbx_struct_oper_list.type 
_pdbx_struct_oper_list.name 
_pdbx_struct_oper_list.symmetry_operation 
_pdbx_struct_oper_list.matrix[1][1] 
_pdbx_struct_oper_list.matrix[1][2] 
_pdbx_struct_oper_list.matrix[1][3] 
_pdbx_struct_oper_list.vector[1] 
_pdbx_struct_oper_list.matrix[2][1] 
_pdbx_struct_oper_list.matrix[2][2] 
_pdbx_struct_oper_list.matrix[2][3] 
_pdbx_struct_oper_list.vector[2] 
_pdbx_struct_oper_list.matrix[3][1] 
_pdbx_struct_oper_list.matrix[3][2] 
_pdbx_struct_oper_list.matrix[3][3] 
_pdbx_struct_oper_list.vector[3] 
1 'identity operation'         1_555 x,y,z         1.0000000000 0.0000000000 0.0000000000 0.0000000000  0.0000000000 1.0000000000  0.0000000000 0.0000000000  0.0000000000 0.0000000000 1.0000000000  0.0000000000  
2 'crystal symmetry operation' 3_655 -x+1,y,-z+1/2 0.6840050145 0.4376620431 0.5836000996 -3.1845354915 0.4376620431 -0.8862544575 0.1516739022 15.6140561978 0.5836000996 0.1516739022 -0.7977505570 -2.5204005311 
# 
loop_
_struct_conf.conf_type_id 
_struct_conf.id 
_struct_conf.pdbx_PDB_helix_id 
_struct_conf.beg_label_comp_id 
_struct_conf.beg_label_asym_id 
_struct_conf.beg_label_seq_id 
_struct_conf.pdbx_beg_PDB_ins_code 
_struct_conf.end_label_comp_id 
_struct_conf.end_label_asym_id 
_struct_conf.end_label_seq_id 
_struct_conf.pdbx_end_PDB_ins_code 
_struct_conf.beg_auth_comp_id 
_struct_conf.beg_auth_asym_id 
_struct_conf.beg_auth_seq_id 
_struct_conf.end_auth_comp_id 
_struct_conf.end_auth_asym_id 
_struct_conf.end_auth_seq_id 
_struct_conf.pdbx_PDB_helix_class 
_struct_conf.details 
_struct_conf.pdbx_PDB_helix_length 
HELX_P HELX_P1 AA1 SER A 42 ? ASN A 47 ? SER A 42 ASN A 47 5 ? 6 
HELX_P HELX_P2 AA2 SER B 42 ? ASN B 46 ? SER B 42 ASN B 46 5 ? 5 
# 
_struct_conf_type.id          HELX_P 
_struct_conf_type.criteria    ? 
_struct_conf_type.reference   ? 
# 
loop_
_struct_conn.id 
_struct_conn.conn_type_id 
_struct_conn.pdbx_leaving_atom_flag 
_struct_conn.pdbx_PDB_id 
_struct_conn.ptnr1_label_asym_id 
_struct_conn.ptnr1_label_comp_id 
_struct_conn.ptnr1_label_seq_id 
_struct_conn.ptnr1_label_atom_id 
_struct_conn.pdbx_ptnr1_label_alt_id 
_struct_conn.pdbx_ptnr1_PDB_ins_code 
_struct_conn.pdbx_ptnr1_standard_comp_id 
_struct_conn.ptnr1_symmetry 
_struct_conn.ptnr2_label_asym_id 
_struct_conn.ptnr2_label_comp_id 
_struct_conn.ptnr2_label_seq_id 
_struct_conn.ptnr2_label_atom_id 
_struct_conn.pdbx_ptnr2_label_alt_id 
_struct_conn.pdbx_ptnr2_PDB_ins_code 
_struct_conn.ptnr1_auth_asym_id 
_struct_conn.ptnr1_auth_comp_id 
_struct_conn.ptnr1_auth_seq_id 
_struct_conn.ptnr2_auth_asym_id 
_struct_conn.ptnr2_auth_comp_id 
_struct_conn.ptnr2_auth_seq_id 
_struct_conn.ptnr2_symmetry 
_struct_conn.pdbx_ptnr3_label_atom_id 
_struct_conn.pdbx_ptnr3_label_seq_id 
_struct_conn.pdbx_ptnr3_label_comp_id 
_struct_conn.pdbx_ptnr3_label_asym_id 
_struct_conn.pdbx_ptnr3_label_alt_id 
_struct_conn.pdbx_ptnr3_PDB_ins_code 
_struct_conn.details 
_struct_conn.pdbx_dist_value 
_struct_conn.pdbx_value_order 
_struct_conn.pdbx_role 
disulf1 disulf ? ? A CYS 3  SG ? ? ? 1_555 A CYS 19 SG ? ? A CYS 3  A CYS 19 1_555 ? ? ? ? ? ? ? 2.017 ? ? 
disulf2 disulf ? ? A CYS 12 SG ? ? ? 1_555 A CYS 37 SG ? ? A CYS 12 A CYS 37 1_555 ? ? ? ? ? ? ? 2.044 ? ? 
disulf3 disulf ? ? A CYS 41 SG ? ? ? 1_555 A CYS 49 SG ? ? A CYS 41 A CYS 49 1_555 ? ? ? ? ? ? ? 2.038 ? ? 
disulf4 disulf ? ? A CYS 50 SG ? ? ? 1_555 A CYS 55 SG ? ? A CYS 50 A CYS 55 1_555 ? ? ? ? ? ? ? 2.015 ? ? 
disulf5 disulf ? ? B CYS 3  SG ? ? ? 1_555 B CYS 19 SG ? ? B CYS 3  B CYS 19 1_555 ? ? ? ? ? ? ? 2.025 ? ? 
disulf6 disulf ? ? B CYS 12 SG ? ? ? 1_555 B CYS 37 SG ? ? B CYS 12 B CYS 37 1_555 ? ? ? ? ? ? ? 2.049 ? ? 
disulf7 disulf ? ? B CYS 41 SG ? ? ? 1_555 B CYS 49 SG ? ? B CYS 41 B CYS 49 1_555 ? ? ? ? ? ? ? 2.028 ? ? 
disulf8 disulf ? ? B CYS 50 SG ? ? ? 1_555 B CYS 55 SG ? ? B CYS 50 B CYS 55 1_555 ? ? ? ? ? ? ? 2.028 ? ? 
# 
_struct_conn_type.id          disulf 
_struct_conn_type.criteria    ? 
_struct_conn_type.reference   ? 
# 
loop_
_pdbx_modification_feature.ordinal 
_pdbx_modification_feature.label_comp_id 
_pdbx_modification_feature.label_asym_id 
_pdbx_modification_feature.label_seq_id 
_pdbx_modification_feature.label_alt_id 
_pdbx_modification_feature.modified_residue_label_comp_id 
_pdbx_modification_feature.modified_residue_label_asym_id 
_pdbx_modification_feature.modified_residue_label_seq_id 
_pdbx_modification_feature.modified_residue_label_alt_id 
_pdbx_modification_feature.auth_comp_id 
_pdbx_modification_feature.auth_asym_id 
_pdbx_modification_feature.auth_seq_id 
_pdbx_modification_feature.PDB_ins_code 
_pdbx_modification_feature.symmetry 
_pdbx_modification_feature.modified_residue_auth_comp_id 
_pdbx_modification_feature.modified_residue_auth_asym_id 
_pdbx_modification_feature.modified_residue_auth_seq_id 
_pdbx_modification_feature.modified_residue_PDB_ins_code 
_pdbx_modification_feature.modified_residue_symmetry 
_pdbx_modification_feature.comp_id_linking_atom 
_pdbx_modification_feature.modified_residue_id_linking_atom 
_pdbx_modification_feature.modified_residue_id 
_pdbx_modification_feature.ref_pcm_id 
_pdbx_modification_feature.ref_comp_id 
_pdbx_modification_feature.type 
_pdbx_modification_feature.category 
1 CYS A 3  ? CYS A 19 ? CYS A 3  ? 1_555 CYS A 19 ? 1_555 SG SG . . . None 'Disulfide bridge' 
2 CYS A 12 ? CYS A 37 ? CYS A 12 ? 1_555 CYS A 37 ? 1_555 SG SG . . . None 'Disulfide bridge' 
3 CYS A 41 ? CYS A 49 ? CYS A 41 ? 1_555 CYS A 49 ? 1_555 SG SG . . . None 'Disulfide bridge' 
4 CYS A 50 ? CYS A 55 ? CYS A 50 ? 1_555 CYS A 55 ? 1_555 SG SG . . . None 'Disulfide bridge' 
5 CYS B 3  ? CYS B 19 ? CYS B 3  ? 1_555 CYS B 19 ? 1_555 SG SG . . . None 'Disulfide bridge' 
6 CYS B 12 ? CYS B 37 ? CYS B 12 ? 1_555 CYS B 37 ? 1_555 SG SG . . . None 'Disulfide bridge' 
7 CYS B 41 ? CYS B 49 ? CYS B 41 ? 1_555 CYS B 49 ? 1_555 SG SG . . . None 'Disulfide bridge' 
8 CYS B 50 ? CYS B 55 ? CYS B 50 ? 1_555 CYS B 55 ? 1_555 SG SG . . . None 'Disulfide bridge' 
# 
loop_
_struct_sheet.id 
_struct_sheet.type 
_struct_sheet.number_strands 
_struct_sheet.details 
AA1 ? 2 ? 
AA2 ? 6 ? 
AA3 ? 2 ? 
# 
loop_
_struct_sheet_order.sheet_id 
_struct_sheet_order.range_id_1 
_struct_sheet_order.range_id_2 
_struct_sheet_order.offset 
_struct_sheet_order.sense 
AA1 1 2 ? anti-parallel 
AA2 1 2 ? anti-parallel 
AA2 2 3 ? anti-parallel 
AA2 3 4 ? anti-parallel 
AA2 4 5 ? anti-parallel 
AA2 5 6 ? anti-parallel 
AA3 1 2 ? anti-parallel 
# 
loop_
_struct_sheet_range.sheet_id 
_struct_sheet_range.id 
_struct_sheet_range.beg_label_comp_id 
_struct_sheet_range.beg_label_asym_id 
_struct_sheet_range.beg_label_seq_id 
_struct_sheet_range.pdbx_beg_PDB_ins_code 
_struct_sheet_range.end_label_comp_id 
_struct_sheet_range.end_label_asym_id 
_struct_sheet_range.end_label_seq_id 
_struct_sheet_range.pdbx_end_PDB_ins_code 
_struct_sheet_range.beg_auth_comp_id 
_struct_sheet_range.beg_auth_asym_id 
_struct_sheet_range.beg_auth_seq_id 
_struct_sheet_range.end_auth_comp_id 
_struct_sheet_range.end_auth_asym_id 
_struct_sheet_range.end_auth_seq_id 
AA1 1 LYS A 2  ? GLN A 5  ? LYS A 2  GLN A 5  
AA1 2 LYS A 8  ? THR A 11 ? LYS A 8  THR A 11 
AA2 1 CYS A 49 ? CYS A 50 ? CYS A 49 CYS A 50 
AA2 2 PHE A 18 ? PHE A 27 ? PHE A 18 PHE A 27 
AA2 3 LEU A 30 ? SER A 38 ? LEU A 30 SER A 38 
AA2 4 LEU B 30 ? SER B 38 ? LEU B 30 SER B 38 
AA2 5 PHE B 18 ? PHE B 27 ? PHE B 18 PHE B 27 
AA2 6 CYS B 49 ? CYS B 50 ? CYS B 49 CYS B 50 
AA3 1 LYS B 2  ? GLN B 5  ? LYS B 2  GLN B 5  
AA3 2 LYS B 8  ? THR B 11 ? LYS B 8  THR B 11 
# 
loop_
_pdbx_struct_sheet_hbond.sheet_id 
_pdbx_struct_sheet_hbond.range_id_1 
_pdbx_struct_sheet_hbond.range_id_2 
_pdbx_struct_sheet_hbond.range_1_label_atom_id 
_pdbx_struct_sheet_hbond.range_1_label_comp_id 
_pdbx_struct_sheet_hbond.range_1_label_asym_id 
_pdbx_struct_sheet_hbond.range_1_label_seq_id 
_pdbx_struct_sheet_hbond.range_1_PDB_ins_code 
_pdbx_struct_sheet_hbond.range_1_auth_atom_id 
_pdbx_struct_sheet_hbond.range_1_auth_comp_id 
_pdbx_struct_sheet_hbond.range_1_auth_asym_id 
_pdbx_struct_sheet_hbond.range_1_auth_seq_id 
_pdbx_struct_sheet_hbond.range_2_label_atom_id 
_pdbx_struct_sheet_hbond.range_2_label_comp_id 
_pdbx_struct_sheet_hbond.range_2_label_asym_id 
_pdbx_struct_sheet_hbond.range_2_label_seq_id 
_pdbx_struct_sheet_hbond.range_2_PDB_ins_code 
_pdbx_struct_sheet_hbond.range_2_auth_atom_id 
_pdbx_struct_sheet_hbond.range_2_auth_comp_id 
_pdbx_struct_sheet_hbond.range_2_auth_asym_id 
_pdbx_struct_sheet_hbond.range_2_auth_seq_id 
AA1 1 2 N CYS A 3  ? N CYS A 3  O VAL A 10 ? O VAL A 10 
AA2 1 2 O CYS A 50 ? O CYS A 50 N CYS A 19 ? N CYS A 19 
AA2 2 3 N GLY A 24 ? N GLY A 24 O LEU A 32 ? O LEU A 32 
AA2 3 4 N ILE A 33 ? N ILE A 33 O LYS B 31 ? O LYS B 31 
AA2 4 5 O LEU B 32 ? O LEU B 32 N GLY B 24 ? N GLY B 24 
AA2 5 6 N CYS B 19 ? N CYS B 19 O CYS B 50 ? O CYS B 50 
AA3 1 2 N CYS B 3  ? N CYS B 3  O VAL B 10 ? O VAL B 10 
# 
loop_
_struct_site.id 
_struct_site.pdbx_evidence_code 
_struct_site.pdbx_auth_asym_id 
_struct_site.pdbx_auth_comp_id 
_struct_site.pdbx_auth_seq_id 
_struct_site.pdbx_auth_ins_code 
_struct_site.pdbx_num_residues 
_struct_site.details 
AC1 Software A IOD 101 ? 2 'binding site for residue IOD A 101' 
AC2 Software A IOD 103 ? 1 'binding site for residue IOD A 103' 
AC3 Software A IOD 104 ? 2 'binding site for residue IOD A 104' 
AC4 Software A EDO 105 ? 4 'binding site for residue EDO A 105' 
AC5 Software B IOD 101 ? 1 'binding site for residue IOD B 101' 
AC6 Software B PGO 102 ? 5 'binding site for residue PGO B 102' 
# 
loop_
_struct_site_gen.id 
_struct_site_gen.site_id 
_struct_site_gen.pdbx_num_res 
_struct_site_gen.label_comp_id 
_struct_site_gen.label_asym_id 
_struct_site_gen.label_seq_id 
_struct_site_gen.pdbx_auth_ins_code 
_struct_site_gen.auth_comp_id 
_struct_site_gen.auth_asym_id 
_struct_site_gen.auth_seq_id 
_struct_site_gen.label_atom_id 
_struct_site_gen.label_alt_id 
_struct_site_gen.symmetry 
_struct_site_gen.details 
1  AC1 2 LEU A 1  ? LEU A 1   . ? 1_555 ? 
2  AC1 2 LEU B 1  ? LEU B 1   . ? 7_555 ? 
3  AC2 1 SER A 39 ? SER A 39  . ? 3_655 ? 
4  AC3 2 THR A 44 ? THR A 44  . ? 1_555 ? 
5  AC3 2 HOH K .  ? HOH B 254 . ? 2_664 ? 
6  AC4 4 HIS A 6  ? HIS A 6   . ? 1_555 ? 
7  AC4 4 GLY A 7  ? GLY A 7   . ? 1_555 ? 
8  AC4 4 GLN A 35 ? GLN A 35  . ? 1_555 ? 
9  AC4 4 LYS A 57 ? LYS A 57  . ? 1_555 ? 
10 AC5 1 MET B 25 ? MET B 25  . ? 1_555 ? 
11 AC6 5 ARG B 14 ? ARG B 14  . ? 1_555 ? 
12 AC6 5 ASP B 15 ? ASP B 15  . ? 1_555 ? 
13 AC6 5 LYS B 17 ? LYS B 17  . ? 1_555 ? 
14 AC6 5 HOH K .  ? HOH B 239 . ? 3_655 ? 
15 AC6 5 HOH K .  ? HOH B 239 . ? 1_555 ? 
# 
_pdbx_entry_details.entry_id                   5DO6 
_pdbx_entry_details.compound_details           ? 
_pdbx_entry_details.source_details             ? 
_pdbx_entry_details.nonpolymer_details         ? 
_pdbx_entry_details.sequence_details           ? 
_pdbx_entry_details.has_ligand_of_interest     ? 
_pdbx_entry_details.has_protein_modification   Y 
# 
_pdbx_validate_close_contact.id               1 
_pdbx_validate_close_contact.PDB_model_num    1 
_pdbx_validate_close_contact.auth_atom_id_1   OG1 
_pdbx_validate_close_contact.auth_asym_id_1   B 
_pdbx_validate_close_contact.auth_comp_id_1   THR 
_pdbx_validate_close_contact.auth_seq_id_1    44 
_pdbx_validate_close_contact.PDB_ins_code_1   ? 
_pdbx_validate_close_contact.label_alt_id_1   ? 
_pdbx_validate_close_contact.auth_atom_id_2   O 
_pdbx_validate_close_contact.auth_asym_id_2   B 
_pdbx_validate_close_contact.auth_comp_id_2   HOH 
_pdbx_validate_close_contact.auth_seq_id_2    201 
_pdbx_validate_close_contact.PDB_ins_code_2   ? 
_pdbx_validate_close_contact.label_alt_id_2   ? 
_pdbx_validate_close_contact.dist             2.16 
# 
_pdbx_validate_torsion.id              1 
_pdbx_validate_torsion.PDB_model_num   1 
_pdbx_validate_torsion.auth_comp_id    ASN 
_pdbx_validate_torsion.auth_asym_id    B 
_pdbx_validate_torsion.auth_seq_id     56 
_pdbx_validate_torsion.PDB_ins_code    ? 
_pdbx_validate_torsion.label_alt_id    ? 
_pdbx_validate_torsion.phi             -96.69 
_pdbx_validate_torsion.psi             33.38 
# 
loop_
_pdbx_struct_special_symmetry.id 
_pdbx_struct_special_symmetry.PDB_model_num 
_pdbx_struct_special_symmetry.auth_asym_id 
_pdbx_struct_special_symmetry.auth_comp_id 
_pdbx_struct_special_symmetry.auth_seq_id 
_pdbx_struct_special_symmetry.PDB_ins_code 
_pdbx_struct_special_symmetry.label_asym_id 
_pdbx_struct_special_symmetry.label_comp_id 
_pdbx_struct_special_symmetry.label_seq_id 
1 1 A HOH 266 ? J HOH . 
2 1 B HOH 239 ? K HOH . 
# 
loop_
_chem_comp_atom.comp_id 
_chem_comp_atom.atom_id 
_chem_comp_atom.type_symbol 
_chem_comp_atom.pdbx_aromatic_flag 
_chem_comp_atom.pdbx_stereo_config 
_chem_comp_atom.pdbx_ordinal 
ALA N    N N N 1   
ALA CA   C N S 2   
ALA C    C N N 3   
ALA O    O N N 4   
ALA CB   C N N 5   
ALA OXT  O N N 6   
ALA H    H N N 7   
ALA H2   H N N 8   
ALA HA   H N N 9   
ALA HB1  H N N 10  
ALA HB2  H N N 11  
ALA HB3  H N N 12  
ALA HXT  H N N 13  
ARG N    N N N 14  
ARG CA   C N S 15  
ARG C    C N N 16  
ARG O    O N N 17  
ARG CB   C N N 18  
ARG CG   C N N 19  
ARG CD   C N N 20  
ARG NE   N N N 21  
ARG CZ   C N N 22  
ARG NH1  N N N 23  
ARG NH2  N N N 24  
ARG OXT  O N N 25  
ARG H    H N N 26  
ARG H2   H N N 27  
ARG HA   H N N 28  
ARG HB2  H N N 29  
ARG HB3  H N N 30  
ARG HG2  H N N 31  
ARG HG3  H N N 32  
ARG HD2  H N N 33  
ARG HD3  H N N 34  
ARG HE   H N N 35  
ARG HH11 H N N 36  
ARG HH12 H N N 37  
ARG HH21 H N N 38  
ARG HH22 H N N 39  
ARG HXT  H N N 40  
ASN N    N N N 41  
ASN CA   C N S 42  
ASN C    C N N 43  
ASN O    O N N 44  
ASN CB   C N N 45  
ASN CG   C N N 46  
ASN OD1  O N N 47  
ASN ND2  N N N 48  
ASN OXT  O N N 49  
ASN H    H N N 50  
ASN H2   H N N 51  
ASN HA   H N N 52  
ASN HB2  H N N 53  
ASN HB3  H N N 54  
ASN HD21 H N N 55  
ASN HD22 H N N 56  
ASN HXT  H N N 57  
ASP N    N N N 58  
ASP CA   C N S 59  
ASP C    C N N 60  
ASP O    O N N 61  
ASP CB   C N N 62  
ASP CG   C N N 63  
ASP OD1  O N N 64  
ASP OD2  O N N 65  
ASP OXT  O N N 66  
ASP H    H N N 67  
ASP H2   H N N 68  
ASP HA   H N N 69  
ASP HB2  H N N 70  
ASP HB3  H N N 71  
ASP HD2  H N N 72  
ASP HXT  H N N 73  
CYS N    N N N 74  
CYS CA   C N R 75  
CYS C    C N N 76  
CYS O    O N N 77  
CYS CB   C N N 78  
CYS SG   S N N 79  
CYS OXT  O N N 80  
CYS H    H N N 81  
CYS H2   H N N 82  
CYS HA   H N N 83  
CYS HB2  H N N 84  
CYS HB3  H N N 85  
CYS HG   H N N 86  
CYS HXT  H N N 87  
EDO C1   C N N 88  
EDO O1   O N N 89  
EDO C2   C N N 90  
EDO O2   O N N 91  
EDO H11  H N N 92  
EDO H12  H N N 93  
EDO HO1  H N N 94  
EDO H21  H N N 95  
EDO H22  H N N 96  
EDO HO2  H N N 97  
GLN N    N N N 98  
GLN CA   C N S 99  
GLN C    C N N 100 
GLN O    O N N 101 
GLN CB   C N N 102 
GLN CG   C N N 103 
GLN CD   C N N 104 
GLN OE1  O N N 105 
GLN NE2  N N N 106 
GLN OXT  O N N 107 
GLN H    H N N 108 
GLN H2   H N N 109 
GLN HA   H N N 110 
GLN HB2  H N N 111 
GLN HB3  H N N 112 
GLN HG2  H N N 113 
GLN HG3  H N N 114 
GLN HE21 H N N 115 
GLN HE22 H N N 116 
GLN HXT  H N N 117 
GLU N    N N N 118 
GLU CA   C N S 119 
GLU C    C N N 120 
GLU O    O N N 121 
GLU CB   C N N 122 
GLU CG   C N N 123 
GLU CD   C N N 124 
GLU OE1  O N N 125 
GLU OE2  O N N 126 
GLU OXT  O N N 127 
GLU H    H N N 128 
GLU H2   H N N 129 
GLU HA   H N N 130 
GLU HB2  H N N 131 
GLU HB3  H N N 132 
GLU HG2  H N N 133 
GLU HG3  H N N 134 
GLU HE2  H N N 135 
GLU HXT  H N N 136 
GLY N    N N N 137 
GLY CA   C N N 138 
GLY C    C N N 139 
GLY O    O N N 140 
GLY OXT  O N N 141 
GLY H    H N N 142 
GLY H2   H N N 143 
GLY HA2  H N N 144 
GLY HA3  H N N 145 
GLY HXT  H N N 146 
HIS N    N N N 147 
HIS CA   C N S 148 
HIS C    C N N 149 
HIS O    O N N 150 
HIS CB   C N N 151 
HIS CG   C Y N 152 
HIS ND1  N Y N 153 
HIS CD2  C Y N 154 
HIS CE1  C Y N 155 
HIS NE2  N Y N 156 
HIS OXT  O N N 157 
HIS H    H N N 158 
HIS H2   H N N 159 
HIS HA   H N N 160 
HIS HB2  H N N 161 
HIS HB3  H N N 162 
HIS HD1  H N N 163 
HIS HD2  H N N 164 
HIS HE1  H N N 165 
HIS HE2  H N N 166 
HIS HXT  H N N 167 
HOH O    O N N 168 
HOH H1   H N N 169 
HOH H2   H N N 170 
ILE N    N N N 171 
ILE CA   C N S 172 
ILE C    C N N 173 
ILE O    O N N 174 
ILE CB   C N S 175 
ILE CG1  C N N 176 
ILE CG2  C N N 177 
ILE CD1  C N N 178 
ILE OXT  O N N 179 
ILE H    H N N 180 
ILE H2   H N N 181 
ILE HA   H N N 182 
ILE HB   H N N 183 
ILE HG12 H N N 184 
ILE HG13 H N N 185 
ILE HG21 H N N 186 
ILE HG22 H N N 187 
ILE HG23 H N N 188 
ILE HD11 H N N 189 
ILE HD12 H N N 190 
ILE HD13 H N N 191 
ILE HXT  H N N 192 
IOD I    I N N 193 
LEU N    N N N 194 
LEU CA   C N S 195 
LEU C    C N N 196 
LEU O    O N N 197 
LEU CB   C N N 198 
LEU CG   C N N 199 
LEU CD1  C N N 200 
LEU CD2  C N N 201 
LEU OXT  O N N 202 
LEU H    H N N 203 
LEU H2   H N N 204 
LEU HA   H N N 205 
LEU HB2  H N N 206 
LEU HB3  H N N 207 
LEU HG   H N N 208 
LEU HD11 H N N 209 
LEU HD12 H N N 210 
LEU HD13 H N N 211 
LEU HD21 H N N 212 
LEU HD22 H N N 213 
LEU HD23 H N N 214 
LEU HXT  H N N 215 
LYS N    N N N 216 
LYS CA   C N S 217 
LYS C    C N N 218 
LYS O    O N N 219 
LYS CB   C N N 220 
LYS CG   C N N 221 
LYS CD   C N N 222 
LYS CE   C N N 223 
LYS NZ   N N N 224 
LYS OXT  O N N 225 
LYS H    H N N 226 
LYS H2   H N N 227 
LYS HA   H N N 228 
LYS HB2  H N N 229 
LYS HB3  H N N 230 
LYS HG2  H N N 231 
LYS HG3  H N N 232 
LYS HD2  H N N 233 
LYS HD3  H N N 234 
LYS HE2  H N N 235 
LYS HE3  H N N 236 
LYS HZ1  H N N 237 
LYS HZ2  H N N 238 
LYS HZ3  H N N 239 
LYS HXT  H N N 240 
MET N    N N N 241 
MET CA   C N S 242 
MET C    C N N 243 
MET O    O N N 244 
MET CB   C N N 245 
MET CG   C N N 246 
MET SD   S N N 247 
MET CE   C N N 248 
MET OXT  O N N 249 
MET H    H N N 250 
MET H2   H N N 251 
MET HA   H N N 252 
MET HB2  H N N 253 
MET HB3  H N N 254 
MET HG2  H N N 255 
MET HG3  H N N 256 
MET HE1  H N N 257 
MET HE2  H N N 258 
MET HE3  H N N 259 
MET HXT  H N N 260 
PGO C1   C N N 261 
PGO C2   C N S 262 
PGO C3   C N N 263 
PGO O1   O N N 264 
PGO O2   O N N 265 
PGO H11  H N N 266 
PGO H12  H N N 267 
PGO H2   H N N 268 
PGO H31  H N N 269 
PGO H32  H N N 270 
PGO H33  H N N 271 
PGO HO1  H N N 272 
PGO HO2  H N N 273 
PHE N    N N N 274 
PHE CA   C N S 275 
PHE C    C N N 276 
PHE O    O N N 277 
PHE CB   C N N 278 
PHE CG   C Y N 279 
PHE CD1  C Y N 280 
PHE CD2  C Y N 281 
PHE CE1  C Y N 282 
PHE CE2  C Y N 283 
PHE CZ   C Y N 284 
PHE OXT  O N N 285 
PHE H    H N N 286 
PHE H2   H N N 287 
PHE HA   H N N 288 
PHE HB2  H N N 289 
PHE HB3  H N N 290 
PHE HD1  H N N 291 
PHE HD2  H N N 292 
PHE HE1  H N N 293 
PHE HE2  H N N 294 
PHE HZ   H N N 295 
PHE HXT  H N N 296 
PRO N    N N N 297 
PRO CA   C N S 298 
PRO C    C N N 299 
PRO O    O N N 300 
PRO CB   C N N 301 
PRO CG   C N N 302 
PRO CD   C N N 303 
PRO OXT  O N N 304 
PRO H    H N N 305 
PRO HA   H N N 306 
PRO HB2  H N N 307 
PRO HB3  H N N 308 
PRO HG2  H N N 309 
PRO HG3  H N N 310 
PRO HD2  H N N 311 
PRO HD3  H N N 312 
PRO HXT  H N N 313 
SER N    N N N 314 
SER CA   C N S 315 
SER C    C N N 316 
SER O    O N N 317 
SER CB   C N N 318 
SER OG   O N N 319 
SER OXT  O N N 320 
SER H    H N N 321 
SER H2   H N N 322 
SER HA   H N N 323 
SER HB2  H N N 324 
SER HB3  H N N 325 
SER HG   H N N 326 
SER HXT  H N N 327 
THR N    N N N 328 
THR CA   C N S 329 
THR C    C N N 330 
THR O    O N N 331 
THR CB   C N R 332 
THR OG1  O N N 333 
THR CG2  C N N 334 
THR OXT  O N N 335 
THR H    H N N 336 
THR H2   H N N 337 
THR HA   H N N 338 
THR HB   H N N 339 
THR HG1  H N N 340 
THR HG21 H N N 341 
THR HG22 H N N 342 
THR HG23 H N N 343 
THR HXT  H N N 344 
TYR N    N N N 345 
TYR CA   C N S 346 
TYR C    C N N 347 
TYR O    O N N 348 
TYR CB   C N N 349 
TYR CG   C Y N 350 
TYR CD1  C Y N 351 
TYR CD2  C Y N 352 
TYR CE1  C Y N 353 
TYR CE2  C Y N 354 
TYR CZ   C Y N 355 
TYR OH   O N N 356 
TYR OXT  O N N 357 
TYR H    H N N 358 
TYR H2   H N N 359 
TYR HA   H N N 360 
TYR HB2  H N N 361 
TYR HB3  H N N 362 
TYR HD1  H N N 363 
TYR HD2  H N N 364 
TYR HE1  H N N 365 
TYR HE2  H N N 366 
TYR HH   H N N 367 
TYR HXT  H N N 368 
VAL N    N N N 369 
VAL CA   C N S 370 
VAL C    C N N 371 
VAL O    O N N 372 
VAL CB   C N N 373 
VAL CG1  C N N 374 
VAL CG2  C N N 375 
VAL OXT  O N N 376 
VAL H    H N N 377 
VAL H2   H N N 378 
VAL HA   H N N 379 
VAL HB   H N N 380 
VAL HG11 H N N 381 
VAL HG12 H N N 382 
VAL HG13 H N N 383 
VAL HG21 H N N 384 
VAL HG22 H N N 385 
VAL HG23 H N N 386 
VAL HXT  H N N 387 
# 
loop_
_chem_comp_bond.comp_id 
_chem_comp_bond.atom_id_1 
_chem_comp_bond.atom_id_2 
_chem_comp_bond.value_order 
_chem_comp_bond.pdbx_aromatic_flag 
_chem_comp_bond.pdbx_stereo_config 
_chem_comp_bond.pdbx_ordinal 
ALA N   CA   sing N N 1   
ALA N   H    sing N N 2   
ALA N   H2   sing N N 3   
ALA CA  C    sing N N 4   
ALA CA  CB   sing N N 5   
ALA CA  HA   sing N N 6   
ALA C   O    doub N N 7   
ALA C   OXT  sing N N 8   
ALA CB  HB1  sing N N 9   
ALA CB  HB2  sing N N 10  
ALA CB  HB3  sing N N 11  
ALA OXT HXT  sing N N 12  
ARG N   CA   sing N N 13  
ARG N   H    sing N N 14  
ARG N   H2   sing N N 15  
ARG CA  C    sing N N 16  
ARG CA  CB   sing N N 17  
ARG CA  HA   sing N N 18  
ARG C   O    doub N N 19  
ARG C   OXT  sing N N 20  
ARG CB  CG   sing N N 21  
ARG CB  HB2  sing N N 22  
ARG CB  HB3  sing N N 23  
ARG CG  CD   sing N N 24  
ARG CG  HG2  sing N N 25  
ARG CG  HG3  sing N N 26  
ARG CD  NE   sing N N 27  
ARG CD  HD2  sing N N 28  
ARG CD  HD3  sing N N 29  
ARG NE  CZ   sing N N 30  
ARG NE  HE   sing N N 31  
ARG CZ  NH1  sing N N 32  
ARG CZ  NH2  doub N N 33  
ARG NH1 HH11 sing N N 34  
ARG NH1 HH12 sing N N 35  
ARG NH2 HH21 sing N N 36  
ARG NH2 HH22 sing N N 37  
ARG OXT HXT  sing N N 38  
ASN N   CA   sing N N 39  
ASN N   H    sing N N 40  
ASN N   H2   sing N N 41  
ASN CA  C    sing N N 42  
ASN CA  CB   sing N N 43  
ASN CA  HA   sing N N 44  
ASN C   O    doub N N 45  
ASN C   OXT  sing N N 46  
ASN CB  CG   sing N N 47  
ASN CB  HB2  sing N N 48  
ASN CB  HB3  sing N N 49  
ASN CG  OD1  doub N N 50  
ASN CG  ND2  sing N N 51  
ASN ND2 HD21 sing N N 52  
ASN ND2 HD22 sing N N 53  
ASN OXT HXT  sing N N 54  
ASP N   CA   sing N N 55  
ASP N   H    sing N N 56  
ASP N   H2   sing N N 57  
ASP CA  C    sing N N 58  
ASP CA  CB   sing N N 59  
ASP CA  HA   sing N N 60  
ASP C   O    doub N N 61  
ASP C   OXT  sing N N 62  
ASP CB  CG   sing N N 63  
ASP CB  HB2  sing N N 64  
ASP CB  HB3  sing N N 65  
ASP CG  OD1  doub N N 66  
ASP CG  OD2  sing N N 67  
ASP OD2 HD2  sing N N 68  
ASP OXT HXT  sing N N 69  
CYS N   CA   sing N N 70  
CYS N   H    sing N N 71  
CYS N   H2   sing N N 72  
CYS CA  C    sing N N 73  
CYS CA  CB   sing N N 74  
CYS CA  HA   sing N N 75  
CYS C   O    doub N N 76  
CYS C   OXT  sing N N 77  
CYS CB  SG   sing N N 78  
CYS CB  HB2  sing N N 79  
CYS CB  HB3  sing N N 80  
CYS SG  HG   sing N N 81  
CYS OXT HXT  sing N N 82  
EDO C1  O1   sing N N 83  
EDO C1  C2   sing N N 84  
EDO C1  H11  sing N N 85  
EDO C1  H12  sing N N 86  
EDO O1  HO1  sing N N 87  
EDO C2  O2   sing N N 88  
EDO C2  H21  sing N N 89  
EDO C2  H22  sing N N 90  
EDO O2  HO2  sing N N 91  
GLN N   CA   sing N N 92  
GLN N   H    sing N N 93  
GLN N   H2   sing N N 94  
GLN CA  C    sing N N 95  
GLN CA  CB   sing N N 96  
GLN CA  HA   sing N N 97  
GLN C   O    doub N N 98  
GLN C   OXT  sing N N 99  
GLN CB  CG   sing N N 100 
GLN CB  HB2  sing N N 101 
GLN CB  HB3  sing N N 102 
GLN CG  CD   sing N N 103 
GLN CG  HG2  sing N N 104 
GLN CG  HG3  sing N N 105 
GLN CD  OE1  doub N N 106 
GLN CD  NE2  sing N N 107 
GLN NE2 HE21 sing N N 108 
GLN NE2 HE22 sing N N 109 
GLN OXT HXT  sing N N 110 
GLU N   CA   sing N N 111 
GLU N   H    sing N N 112 
GLU N   H2   sing N N 113 
GLU CA  C    sing N N 114 
GLU CA  CB   sing N N 115 
GLU CA  HA   sing N N 116 
GLU C   O    doub N N 117 
GLU C   OXT  sing N N 118 
GLU CB  CG   sing N N 119 
GLU CB  HB2  sing N N 120 
GLU CB  HB3  sing N N 121 
GLU CG  CD   sing N N 122 
GLU CG  HG2  sing N N 123 
GLU CG  HG3  sing N N 124 
GLU CD  OE1  doub N N 125 
GLU CD  OE2  sing N N 126 
GLU OE2 HE2  sing N N 127 
GLU OXT HXT  sing N N 128 
GLY N   CA   sing N N 129 
GLY N   H    sing N N 130 
GLY N   H2   sing N N 131 
GLY CA  C    sing N N 132 
GLY CA  HA2  sing N N 133 
GLY CA  HA3  sing N N 134 
GLY C   O    doub N N 135 
GLY C   OXT  sing N N 136 
GLY OXT HXT  sing N N 137 
HIS N   CA   sing N N 138 
HIS N   H    sing N N 139 
HIS N   H2   sing N N 140 
HIS CA  C    sing N N 141 
HIS CA  CB   sing N N 142 
HIS CA  HA   sing N N 143 
HIS C   O    doub N N 144 
HIS C   OXT  sing N N 145 
HIS CB  CG   sing N N 146 
HIS CB  HB2  sing N N 147 
HIS CB  HB3  sing N N 148 
HIS CG  ND1  sing Y N 149 
HIS CG  CD2  doub Y N 150 
HIS ND1 CE1  doub Y N 151 
HIS ND1 HD1  sing N N 152 
HIS CD2 NE2  sing Y N 153 
HIS CD2 HD2  sing N N 154 
HIS CE1 NE2  sing Y N 155 
HIS CE1 HE1  sing N N 156 
HIS NE2 HE2  sing N N 157 
HIS OXT HXT  sing N N 158 
HOH O   H1   sing N N 159 
HOH O   H2   sing N N 160 
ILE N   CA   sing N N 161 
ILE N   H    sing N N 162 
ILE N   H2   sing N N 163 
ILE CA  C    sing N N 164 
ILE CA  CB   sing N N 165 
ILE CA  HA   sing N N 166 
ILE C   O    doub N N 167 
ILE C   OXT  sing N N 168 
ILE CB  CG1  sing N N 169 
ILE CB  CG2  sing N N 170 
ILE CB  HB   sing N N 171 
ILE CG1 CD1  sing N N 172 
ILE CG1 HG12 sing N N 173 
ILE CG1 HG13 sing N N 174 
ILE CG2 HG21 sing N N 175 
ILE CG2 HG22 sing N N 176 
ILE CG2 HG23 sing N N 177 
ILE CD1 HD11 sing N N 178 
ILE CD1 HD12 sing N N 179 
ILE CD1 HD13 sing N N 180 
ILE OXT HXT  sing N N 181 
LEU N   CA   sing N N 182 
LEU N   H    sing N N 183 
LEU N   H2   sing N N 184 
LEU CA  C    sing N N 185 
LEU CA  CB   sing N N 186 
LEU CA  HA   sing N N 187 
LEU C   O    doub N N 188 
LEU C   OXT  sing N N 189 
LEU CB  CG   sing N N 190 
LEU CB  HB2  sing N N 191 
LEU CB  HB3  sing N N 192 
LEU CG  CD1  sing N N 193 
LEU CG  CD2  sing N N 194 
LEU CG  HG   sing N N 195 
LEU CD1 HD11 sing N N 196 
LEU CD1 HD12 sing N N 197 
LEU CD1 HD13 sing N N 198 
LEU CD2 HD21 sing N N 199 
LEU CD2 HD22 sing N N 200 
LEU CD2 HD23 sing N N 201 
LEU OXT HXT  sing N N 202 
LYS N   CA   sing N N 203 
LYS N   H    sing N N 204 
LYS N   H2   sing N N 205 
LYS CA  C    sing N N 206 
LYS CA  CB   sing N N 207 
LYS CA  HA   sing N N 208 
LYS C   O    doub N N 209 
LYS C   OXT  sing N N 210 
LYS CB  CG   sing N N 211 
LYS CB  HB2  sing N N 212 
LYS CB  HB3  sing N N 213 
LYS CG  CD   sing N N 214 
LYS CG  HG2  sing N N 215 
LYS CG  HG3  sing N N 216 
LYS CD  CE   sing N N 217 
LYS CD  HD2  sing N N 218 
LYS CD  HD3  sing N N 219 
LYS CE  NZ   sing N N 220 
LYS CE  HE2  sing N N 221 
LYS CE  HE3  sing N N 222 
LYS NZ  HZ1  sing N N 223 
LYS NZ  HZ2  sing N N 224 
LYS NZ  HZ3  sing N N 225 
LYS OXT HXT  sing N N 226 
MET N   CA   sing N N 227 
MET N   H    sing N N 228 
MET N   H2   sing N N 229 
MET CA  C    sing N N 230 
MET CA  CB   sing N N 231 
MET CA  HA   sing N N 232 
MET C   O    doub N N 233 
MET C   OXT  sing N N 234 
MET CB  CG   sing N N 235 
MET CB  HB2  sing N N 236 
MET CB  HB3  sing N N 237 
MET CG  SD   sing N N 238 
MET CG  HG2  sing N N 239 
MET CG  HG3  sing N N 240 
MET SD  CE   sing N N 241 
MET CE  HE1  sing N N 242 
MET CE  HE2  sing N N 243 
MET CE  HE3  sing N N 244 
MET OXT HXT  sing N N 245 
PGO C1  C2   sing N N 246 
PGO C1  O1   sing N N 247 
PGO C1  H11  sing N N 248 
PGO C1  H12  sing N N 249 
PGO C2  C3   sing N N 250 
PGO C2  O2   sing N N 251 
PGO C2  H2   sing N N 252 
PGO C3  H31  sing N N 253 
PGO C3  H32  sing N N 254 
PGO C3  H33  sing N N 255 
PGO O1  HO1  sing N N 256 
PGO O2  HO2  sing N N 257 
PHE N   CA   sing N N 258 
PHE N   H    sing N N 259 
PHE N   H2   sing N N 260 
PHE CA  C    sing N N 261 
PHE CA  CB   sing N N 262 
PHE CA  HA   sing N N 263 
PHE C   O    doub N N 264 
PHE C   OXT  sing N N 265 
PHE CB  CG   sing N N 266 
PHE CB  HB2  sing N N 267 
PHE CB  HB3  sing N N 268 
PHE CG  CD1  doub Y N 269 
PHE CG  CD2  sing Y N 270 
PHE CD1 CE1  sing Y N 271 
PHE CD1 HD1  sing N N 272 
PHE CD2 CE2  doub Y N 273 
PHE CD2 HD2  sing N N 274 
PHE CE1 CZ   doub Y N 275 
PHE CE1 HE1  sing N N 276 
PHE CE2 CZ   sing Y N 277 
PHE CE2 HE2  sing N N 278 
PHE CZ  HZ   sing N N 279 
PHE OXT HXT  sing N N 280 
PRO N   CA   sing N N 281 
PRO N   CD   sing N N 282 
PRO N   H    sing N N 283 
PRO CA  C    sing N N 284 
PRO CA  CB   sing N N 285 
PRO CA  HA   sing N N 286 
PRO C   O    doub N N 287 
PRO C   OXT  sing N N 288 
PRO CB  CG   sing N N 289 
PRO CB  HB2  sing N N 290 
PRO CB  HB3  sing N N 291 
PRO CG  CD   sing N N 292 
PRO CG  HG2  sing N N 293 
PRO CG  HG3  sing N N 294 
PRO CD  HD2  sing N N 295 
PRO CD  HD3  sing N N 296 
PRO OXT HXT  sing N N 297 
SER N   CA   sing N N 298 
SER N   H    sing N N 299 
SER N   H2   sing N N 300 
SER CA  C    sing N N 301 
SER CA  CB   sing N N 302 
SER CA  HA   sing N N 303 
SER C   O    doub N N 304 
SER C   OXT  sing N N 305 
SER CB  OG   sing N N 306 
SER CB  HB2  sing N N 307 
SER CB  HB3  sing N N 308 
SER OG  HG   sing N N 309 
SER OXT HXT  sing N N 310 
THR N   CA   sing N N 311 
THR N   H    sing N N 312 
THR N   H2   sing N N 313 
THR CA  C    sing N N 314 
THR CA  CB   sing N N 315 
THR CA  HA   sing N N 316 
THR C   O    doub N N 317 
THR C   OXT  sing N N 318 
THR CB  OG1  sing N N 319 
THR CB  CG2  sing N N 320 
THR CB  HB   sing N N 321 
THR OG1 HG1  sing N N 322 
THR CG2 HG21 sing N N 323 
THR CG2 HG22 sing N N 324 
THR CG2 HG23 sing N N 325 
THR OXT HXT  sing N N 326 
TYR N   CA   sing N N 327 
TYR N   H    sing N N 328 
TYR N   H2   sing N N 329 
TYR CA  C    sing N N 330 
TYR CA  CB   sing N N 331 
TYR CA  HA   sing N N 332 
TYR C   O    doub N N 333 
TYR C   OXT  sing N N 334 
TYR CB  CG   sing N N 335 
TYR CB  HB2  sing N N 336 
TYR CB  HB3  sing N N 337 
TYR CG  CD1  doub Y N 338 
TYR CG  CD2  sing Y N 339 
TYR CD1 CE1  sing Y N 340 
TYR CD1 HD1  sing N N 341 
TYR CD2 CE2  doub Y N 342 
TYR CD2 HD2  sing N N 343 
TYR CE1 CZ   doub Y N 344 
TYR CE1 HE1  sing N N 345 
TYR CE2 CZ   sing Y N 346 
TYR CE2 HE2  sing N N 347 
TYR CZ  OH   sing N N 348 
TYR OH  HH   sing N N 349 
TYR OXT HXT  sing N N 350 
VAL N   CA   sing N N 351 
VAL N   H    sing N N 352 
VAL N   H2   sing N N 353 
VAL CA  C    sing N N 354 
VAL CA  CB   sing N N 355 
VAL CA  HA   sing N N 356 
VAL C   O    doub N N 357 
VAL C   OXT  sing N N 358 
VAL CB  CG1  sing N N 359 
VAL CB  CG2  sing N N 360 
VAL CB  HB   sing N N 361 
VAL CG1 HG11 sing N N 362 
VAL CG1 HG12 sing N N 363 
VAL CG1 HG13 sing N N 364 
VAL CG2 HG21 sing N N 365 
VAL CG2 HG22 sing N N 366 
VAL CG2 HG23 sing N N 367 
VAL OXT HXT  sing N N 368 
# 
_atom_sites.entry_id                    5DO6 
_atom_sites.fract_transf_matrix[1][1]   -0.00360093 
_atom_sites.fract_transf_matrix[1][2]   0.01732821 
_atom_sites.fract_transf_matrix[1][3]   -0.00260439 
_atom_sites.fract_transf_matrix[2][1]   0.00908614 
_atom_sites.fract_transf_matrix[2][2]   0.00236143 
_atom_sites.fract_transf_matrix[2][3]   0.00314885 
_atom_sites.fract_transf_matrix[3][1]   0.00640911 
_atom_sites.fract_transf_matrix[3][2]   -0.00130107 
_atom_sites.fract_transf_matrix[3][3]   -0.01751808 
_atom_sites.fract_transf_vector[1]      0.355700 
_atom_sites.fract_transf_vector[2]      0.460290 
_atom_sites.fract_transf_vector[3]      0.248292 
# 
loop_
_atom_type.symbol 
C 
I 
N 
O 
S 
# 
loop_
_atom_site.group_PDB 
_atom_site.id 
_atom_site.type_symbol 
_atom_site.label_atom_id 
_atom_site.label_alt_id 
_atom_site.label_comp_id 
_atom_site.label_asym_id 
_atom_site.label_entity_id 
_atom_site.label_seq_id 
_atom_site.pdbx_PDB_ins_code 
_atom_site.Cartn_x 
_atom_site.Cartn_y 
_atom_site.Cartn_z 
_atom_site.occupancy 
_atom_site.B_iso_or_equiv 
_atom_site.pdbx_formal_charge 
_atom_site.auth_seq_id 
_atom_site.auth_comp_id 
_atom_site.auth_asym_id 
_atom_site.auth_atom_id 
_atom_site.pdbx_PDB_model_num 
ATOM   1    N N   . LEU A 1 1  ? 24.102  2.121   4.566   1.00 13.13 ? 1   LEU A N   1 
ATOM   2    C CA  . LEU A 1 1  ? 22.864  1.551   5.086   1.00 13.71 ? 1   LEU A CA  1 
ATOM   3    C C   . LEU A 1 1  ? 22.038  0.950   3.962   1.00 11.62 ? 1   LEU A C   1 
ATOM   4    O O   . LEU A 1 1  ? 21.959  1.523   2.882   1.00 13.73 ? 1   LEU A O   1 
ATOM   5    C CB  . LEU A 1 1  ? 22.062  2.623   5.828   1.00 11.18 ? 1   LEU A CB  1 
ATOM   6    C CG  . LEU A 1 1  ? 20.680  2.190   6.308   1.00 11.64 ? 1   LEU A CG  1 
ATOM   7    C CD1 . LEU A 1 1  ? 20.798  1.065   7.328   1.00 12.99 ? 1   LEU A CD1 1 
ATOM   8    C CD2 . LEU A 1 1  ? 19.908  3.398   6.879   1.00 11.80 ? 1   LEU A CD2 1 
ATOM   9    N N   . LYS A 1 2  ? 21.462  -0.228  4.197   1.00 10.67 ? 2   LYS A N   1 
ATOM   10   C CA  . LYS A 1 2  ? 20.517  -0.810  3.258   1.00 11.88 ? 2   LYS A CA  1 
ATOM   11   C C   . LYS A 1 2  ? 19.152  -1.010  3.909   1.00 11.07 ? 2   LYS A C   1 
ATOM   12   O O   . LYS A 1 2  ? 19.060  -1.354  5.090   1.00 13.08 ? 2   LYS A O   1 
ATOM   13   C CB  . LYS A 1 2  ? 21.057  -2.136  2.713   1.00 19.27 ? 2   LYS A CB  1 
ATOM   14   C CG  . LYS A 1 2  ? 22.354  -1.960  1.926   1.00 22.66 ? 2   LYS A CG  1 
ATOM   15   C CD  . LYS A 1 2  ? 22.764  -3.236  1.220   1.00 30.26 ? 2   LYS A CD  1 
ATOM   16   C CE  . LYS A 1 2  ? 24.012  -3.020  0.380   1.00 40.10 ? 2   LYS A CE  1 
ATOM   17   N NZ  . LYS A 1 2  ? 24.423  -4.265  -0.331  1.00 43.32 ? 2   LYS A NZ  1 
ATOM   18   N N   . CYS A 1 3  ? 18.096  -0.782  3.129   1.00 12.80 ? 3   CYS A N   1 
ATOM   19   C CA  . CYS A 1 3  ? 16.727  -0.870  3.627   1.00 10.98 ? 3   CYS A CA  1 
ATOM   20   C C   . CYS A 1 3  ? 15.856  -1.634  2.651   1.00 13.42 ? 3   CYS A C   1 
ATOM   21   O O   . CYS A 1 3  ? 16.121  -1.628  1.450   1.00 14.32 ? 3   CYS A O   1 
ATOM   22   C CB  . CYS A 1 3  ? 16.117  0.526   3.827   1.00 11.32 ? 3   CYS A CB  1 
ATOM   23   S SG  . CYS A 1 3  ? 17.025  1.611   4.909   1.00 13.92 ? 3   CYS A SG  1 
ATOM   24   N N   . TYR A 1 4  ? 14.792  -2.253  3.156   1.00 14.47 ? 4   TYR A N   1 
ATOM   25   C CA  . TYR A 1 4  ? 13.765  -2.791  2.280   1.00 15.72 ? 4   TYR A CA  1 
ATOM   26   C C   . TYR A 1 4  ? 12.977  -1.658  1.660   1.00 15.94 ? 4   TYR A C   1 
ATOM   27   O O   . TYR A 1 4  ? 12.726  -0.640  2.303   1.00 14.04 ? 4   TYR A O   1 
ATOM   28   C CB  . TYR A 1 4  ? 12.836  -3.718  3.033   1.00 15.81 ? 4   TYR A CB  1 
ATOM   29   C CG  . TYR A 1 4  ? 13.452  -5.068  3.275   1.00 17.95 ? 4   TYR A CG  1 
ATOM   30   C CD1 . TYR A 1 4  ? 13.493  -6.018  2.261   1.00 29.64 ? 4   TYR A CD1 1 
ATOM   31   C CD2 . TYR A 1 4  ? 14.002  -5.387  4.505   1.00 25.17 ? 4   TYR A CD2 1 
ATOM   32   C CE1 . TYR A 1 4  ? 14.064  -7.256  2.471   1.00 25.54 ? 4   TYR A CE1 1 
ATOM   33   C CE2 . TYR A 1 4  ? 14.579  -6.624  4.724   1.00 26.64 ? 4   TYR A CE2 1 
ATOM   34   C CZ  . TYR A 1 4  ? 14.609  -7.551  3.702   1.00 27.26 ? 4   TYR A CZ  1 
ATOM   35   O OH  . TYR A 1 4  ? 15.176  -8.789  3.914   1.00 36.49 ? 4   TYR A OH  1 
ATOM   36   N N   . GLN A 1 5  ? 12.615  -1.830  0.398   1.00 14.17 ? 5   GLN A N   1 
ATOM   37   C CA  . GLN A 1 5  ? 11.778  -0.868  -0.294  1.00 14.21 ? 5   GLN A CA  1 
ATOM   38   C C   . GLN A 1 5  ? 10.826  -1.634  -1.211  1.00 20.73 ? 5   GLN A C   1 
ATOM   39   O O   . GLN A 1 5  ? 11.088  -1.781  -2.401  1.00 19.56 ? 5   GLN A O   1 
ATOM   40   C CB  . GLN A 1 5  ? 12.623  0.122   -1.086  1.00 16.17 ? 5   GLN A CB  1 
ATOM   41   C CG  . GLN A 1 5  ? 11.819  1.231   -1.775  1.00 18.49 ? 5   GLN A CG  1 
ATOM   42   C CD  . GLN A 1 5  ? 12.636  1.956   -2.821  1.00 30.26 ? 5   GLN A CD  1 
ATOM   43   O OE1 . GLN A 1 5  ? 12.787  1.480   -3.949  1.00 32.28 ? 5   GLN A OE1 1 
ATOM   44   N NE2 . GLN A 1 5  ? 13.194  3.093   -2.447  1.00 30.77 ? 5   GLN A NE2 1 
ATOM   45   N N   . HIS A 1 6  ? 9.739   -2.136  -0.632  1.00 15.16 ? 6   HIS A N   1 
ATOM   46   C CA  . HIS A 1 6  ? 8.676   -2.800  -1.387  1.00 18.54 ? 6   HIS A CA  1 
ATOM   47   C C   . HIS A 1 6  ? 9.203   -3.927  -2.266  1.00 25.68 ? 6   HIS A C   1 
ATOM   48   O O   . HIS A 1 6  ? 9.025   -3.917  -3.481  1.00 23.74 ? 6   HIS A O   1 
ATOM   49   C CB  . HIS A 1 6  ? 7.914   -1.782  -2.233  1.00 16.71 ? 6   HIS A CB  1 
ATOM   50   C CG  . HIS A 1 6  ? 7.231   -0.736  -1.414  1.00 15.67 ? 6   HIS A CG  1 
ATOM   51   N ND1 . HIS A 1 6  ? 6.264   -1.041  -0.484  1.00 20.97 ? 6   HIS A ND1 1 
ATOM   52   C CD2 . HIS A 1 6  ? 7.406   0.604   -1.353  1.00 13.54 ? 6   HIS A CD2 1 
ATOM   53   C CE1 . HIS A 1 6  ? 5.867   0.070   0.114   1.00 15.61 ? 6   HIS A CE1 1 
ATOM   54   N NE2 . HIS A 1 6  ? 6.541   1.080   -0.395  1.00 14.09 ? 6   HIS A NE2 1 
ATOM   55   N N   . GLY A 1 7  ? 9.869   -4.888  -1.636  1.00 24.28 ? 7   GLY A N   1 
ATOM   56   C CA  . GLY A 1 7  ? 10.275  -6.096  -2.331  1.00 27.86 ? 7   GLY A CA  1 
ATOM   57   C C   . GLY A 1 7  ? 11.732  -6.127  -2.737  1.00 34.58 ? 7   GLY A C   1 
ATOM   58   O O   . GLY A 1 7  ? 12.264  -7.194  -3.037  1.00 35.51 ? 7   GLY A O   1 
ATOM   59   N N   . LYS A 1 8  ? 12.378  -4.966  -2.767  1.00 22.85 ? 8   LYS A N   1 
ATOM   60   C CA  . LYS A 1 8  ? 13.806  -4.922  -3.066  1.00 25.32 ? 8   LYS A CA  1 
ATOM   61   C C   . LYS A 1 8  ? 14.576  -4.357  -1.888  1.00 23.35 ? 8   LYS A C   1 
ATOM   62   O O   . LYS A 1 8  ? 14.004  -3.716  -1.009  1.00 21.51 ? 8   LYS A O   1 
ATOM   63   C CB  . LYS A 1 8  ? 14.084  -4.091  -4.320  1.00 31.97 ? 8   LYS A CB  1 
ATOM   64   C CG  . LYS A 1 8  ? 13.250  -2.838  -4.436  1.00 43.00 ? 8   LYS A CG  1 
ATOM   65   C CD  . LYS A 1 8  ? 13.248  -2.296  -5.860  1.00 47.18 ? 8   LYS A CD  1 
ATOM   66   C CE  . LYS A 1 8  ? 14.481  -1.454  -6.152  1.00 55.52 ? 8   LYS A CE  1 
ATOM   67   N NZ  . LYS A 1 8  ? 14.504  -0.960  -7.560  1.00 62.37 ? 8   LYS A NZ  1 
ATOM   68   N N   . VAL A 1 9  ? 15.877  -4.614  -1.862  1.00 19.82 ? 9   VAL A N   1 
ATOM   69   C CA  . VAL A 1 9  ? 16.740  -3.979  -0.881  1.00 15.81 ? 9   VAL A CA  1 
ATOM   70   C C   . VAL A 1 9  ? 17.536  -2.890  -1.571  1.00 26.47 ? 9   VAL A C   1 
ATOM   71   O O   . VAL A 1 9  ? 18.175  -3.127  -2.600  1.00 25.02 ? 9   VAL A O   1 
ATOM   72   C CB  . VAL A 1 9  ? 17.689  -4.989  -0.213  1.00 17.88 ? 9   VAL A CB  1 
ATOM   73   C CG1 . VAL A 1 9  ? 18.623  -4.288  0.746   1.00 22.35 ? 9   VAL A CG1 1 
ATOM   74   C CG2 . VAL A 1 9  ? 16.885  -6.045  0.523   1.00 20.81 ? 9   VAL A CG2 1 
ATOM   75   N N   . VAL A 1 10 ? 17.488  -1.688  -1.015  1.00 16.62 ? 10  VAL A N   1 
ATOM   76   C CA  . VAL A 1 10 ? 18.162  -0.560  -1.627  1.00 15.64 ? 10  VAL A CA  1 
ATOM   77   C C   . VAL A 1 10 ? 19.225  0.022   -0.720  1.00 16.17 ? 10  VAL A C   1 
ATOM   78   O O   . VAL A 1 10 ? 19.172  -0.106  0.506   1.00 15.58 ? 10  VAL A O   1 
ATOM   79   C CB  . VAL A 1 10 ? 17.168  0.560   -2.004  1.00 15.90 ? 10  VAL A CB  1 
ATOM   80   C CG1 . VAL A 1 10 ? 16.191  0.053   -3.044  1.00 19.91 ? 10  VAL A CG1 1 
ATOM   81   C CG2 . VAL A 1 10 ? 16.428  1.052   -0.764  1.00 20.36 ? 10  VAL A CG2 1 
ATOM   82   N N   . THR A 1 11 ? 20.211  0.647   -1.345  1.00 16.87 ? 11  THR A N   1 
ATOM   83   C CA  . THR A 1 11 ? 21.263  1.328   -0.619  1.00 13.39 ? 11  THR A CA  1 
ATOM   84   C C   . THR A 1 11 ? 20.857  2.774   -0.425  1.00 12.67 ? 11  THR A C   1 
ATOM   85   O O   . THR A 1 11 ? 20.507  3.452   -1.383  1.00 17.23 ? 11  THR A O   1 
ATOM   86   C CB  . THR A 1 11 ? 22.599  1.264   -1.372  1.00 19.56 ? 11  THR A CB  1 
ATOM   87   O OG1 . THR A 1 11 ? 22.989  -0.108  -1.527  1.00 20.84 ? 11  THR A OG1 1 
ATOM   88   C CG2 . THR A 1 11 ? 23.667  2.011   -0.598  1.00 18.66 ? 11  THR A CG2 1 
ATOM   89   N N   . CYS A 1 12 ? 20.893  3.242   0.814   1.00 12.37 ? 12  CYS A N   1 
ATOM   90   C CA  . CYS A 1 12 ? 20.472  4.604   1.105   1.00 10.02 ? 12  CYS A CA  1 
ATOM   91   C C   . CYS A 1 12 ? 21.472  5.632   0.607   1.00 11.98 ? 12  CYS A C   1 
ATOM   92   O O   . CYS A 1 12 ? 22.665  5.376   0.559   1.00 13.66 ? 12  CYS A O   1 
ATOM   93   C CB  . CYS A 1 12 ? 20.272  4.789   2.611   1.00 12.99 ? 12  CYS A CB  1 
ATOM   94   S SG  . CYS A 1 12 ? 19.087  3.627   3.308   1.00 14.86 ? 12  CYS A SG  1 
ATOM   95   N N   . HIS A 1 13 ? 20.976  6.815   0.251   1.00 11.73 ? 13  HIS A N   1 
ATOM   96   C CA  . HIS A 1 13 ? 21.838  7.972   0.066   1.00 13.89 ? 13  HIS A CA  1 
ATOM   97   C C   . HIS A 1 13 ? 22.569  8.252   1.365   1.00 14.71 ? 13  HIS A C   1 
ATOM   98   O O   . HIS A 1 13 ? 22.067  7.948   2.444   1.00 14.70 ? 13  HIS A O   1 
ATOM   99   C CB  . HIS A 1 13 ? 21.039  9.213   -0.345  1.00 10.75 ? 13  HIS A CB  1 
ATOM   100  C CG  . HIS A 1 13 ? 20.108  8.991   -1.496  1.00 18.25 ? 13  HIS A CG  1 
ATOM   101  N ND1 . HIS A 1 13 ? 19.175  9.929   -1.881  1.00 17.46 ? 13  HIS A ND1 1 
ATOM   102  C CD2 . HIS A 1 13 ? 19.962  7.943   -2.342  1.00 18.33 ? 13  HIS A CD2 1 
ATOM   103  C CE1 . HIS A 1 13 ? 18.484  9.465   -2.908  1.00 19.24 ? 13  HIS A CE1 1 
ATOM   104  N NE2 . HIS A 1 13 ? 18.948  8.265   -3.214  1.00 19.74 ? 13  HIS A NE2 1 
ATOM   105  N N   A ARG A 1 14 ? 23.758  8.838   1.273   0.61 13.65 ? 14  ARG A N   1 
ATOM   106  N N   B ARG A 1 14 ? 23.748  8.855   1.251   0.39 13.71 ? 14  ARG A N   1 
ATOM   107  C CA  A ARG A 1 14 ? 24.577  9.040   2.468   0.61 16.17 ? 14  ARG A CA  1 
ATOM   108  C CA  B ARG A 1 14 ? 24.608  9.114   2.404   0.39 16.35 ? 14  ARG A CA  1 
ATOM   109  C C   A ARG A 1 14 ? 23.925  9.953   3.514   0.61 16.82 ? 14  ARG A C   1 
ATOM   110  C C   B ARG A 1 14 ? 23.952  9.974   3.486   0.39 16.82 ? 14  ARG A C   1 
ATOM   111  O O   A ARG A 1 14 ? 24.282  9.893   4.692   0.61 20.45 ? 14  ARG A O   1 
ATOM   112  O O   B ARG A 1 14 ? 24.338  9.900   4.654   0.39 20.41 ? 14  ARG A O   1 
ATOM   113  C CB  A ARG A 1 14 ? 25.955  9.597   2.091   0.61 22.78 ? 14  ARG A CB  1 
ATOM   114  C CB  B ARG A 1 14 ? 25.909  9.781   1.946   0.39 22.78 ? 14  ARG A CB  1 
ATOM   115  C CG  A ARG A 1 14 ? 26.941  9.577   3.261   0.61 33.04 ? 14  ARG A CG  1 
ATOM   116  C CG  B ARG A 1 14 ? 27.015  9.751   2.991   0.39 33.28 ? 14  ARG A CG  1 
ATOM   117  C CD  A ARG A 1 14 ? 28.270  10.242  2.939   0.61 39.53 ? 14  ARG A CD  1 
ATOM   118  C CD  B ARG A 1 14 ? 28.127  10.741  2.671   0.39 36.70 ? 14  ARG A CD  1 
ATOM   119  N NE  A ARG A 1 14 ? 29.084  10.407  4.142   0.61 36.16 ? 14  ARG A NE  1 
ATOM   120  N NE  B ARG A 1 14 ? 28.509  10.709  1.263   0.39 37.87 ? 14  ARG A NE  1 
ATOM   121  C CZ  A ARG A 1 14 ? 30.292  10.961  4.158   0.61 44.43 ? 14  ARG A CZ  1 
ATOM   122  C CZ  B ARG A 1 14 ? 29.599  11.291  0.774   0.39 38.19 ? 14  ARG A CZ  1 
ATOM   123  N NH1 A ARG A 1 14 ? 30.833  11.407  3.032   0.61 42.86 ? 14  ARG A NH1 1 
ATOM   124  N NH1 B ARG A 1 14 ? 30.423  11.947  1.578   0.39 36.19 ? 14  ARG A NH1 1 
ATOM   125  N NH2 A ARG A 1 14 ? 30.959  11.071  5.299   0.61 43.99 ? 14  ARG A NH2 1 
ATOM   126  N NH2 B ARG A 1 14 ? 29.870  11.212  -0.522  0.39 36.64 ? 14  ARG A NH2 1 
ATOM   127  N N   . ASP A 1 15 ? 22.968  10.788  3.111   1.00 11.95 ? 15  ASP A N   1 
ATOM   128  C CA  . ASP A 1 15 ? 22.294  11.638  4.089   1.00 12.86 ? 15  ASP A CA  1 
ATOM   129  C C   . ASP A 1 15 ? 21.007  11.031  4.646   1.00 13.47 ? 15  ASP A C   1 
ATOM   130  O O   . ASP A 1 15 ? 20.295  11.682  5.409   1.00 17.14 ? 15  ASP A O   1 
ATOM   131  C CB  . ASP A 1 15 ? 21.995  13.029  3.501   1.00 13.40 ? 15  ASP A CB  1 
ATOM   132  C CG  . ASP A 1 15 ? 21.003  12.992  2.353   1.00 15.89 ? 15  ASP A CG  1 
ATOM   133  O OD1 . ASP A 1 15 ? 20.907  11.964  1.650   1.00 14.53 ? 15  ASP A OD1 1 
ATOM   134  O OD2 . ASP A 1 15 ? 20.322  14.021  2.131   1.00 14.76 ? 15  ASP A OD2 1 
ATOM   135  N N   A MET A 1 16 ? 20.708  9.790   4.263   0.64 12.28 ? 16  MET A N   1 
ATOM   136  N N   B MET A 1 16 ? 20.718  9.792   4.260   0.36 12.32 ? 16  MET A N   1 
ATOM   137  C CA  A MET A 1 16 ? 19.580  9.055   4.837   0.64 12.23 ? 16  MET A CA  1 
ATOM   138  C CA  B MET A 1 16 ? 19.599  9.048   4.823   0.36 12.26 ? 16  MET A CA  1 
ATOM   139  C C   A MET A 1 16 ? 20.104  7.986   5.774   0.64 14.04 ? 16  MET A C   1 
ATOM   140  C C   B MET A 1 16 ? 20.144  8.000   5.775   0.36 14.03 ? 16  MET A C   1 
ATOM   141  O O   A MET A 1 16 ? 20.599  6.954   5.323   0.64 14.22 ? 16  MET A O   1 
ATOM   142  O O   B MET A 1 16 ? 20.700  6.995   5.336   0.36 14.14 ? 16  MET A O   1 
ATOM   143  C CB  A MET A 1 16 ? 18.720  8.408   3.753   0.64 11.94 ? 16  MET A CB  1 
ATOM   144  C CB  B MET A 1 16 ? 18.773  8.385   3.724   0.36 11.92 ? 16  MET A CB  1 
ATOM   145  C CG  A MET A 1 16 ? 18.080  9.403   2.801   0.64 11.90 ? 16  MET A CG  1 
ATOM   146  C CG  B MET A 1 16 ? 18.197  9.363   2.717   0.36 12.07 ? 16  MET A CG  1 
ATOM   147  S SD  A MET A 1 16 ? 17.005  8.570   1.633   0.64 15.83 ? 16  MET A SD  1 
ATOM   148  S SD  B MET A 1 16 ? 17.704  8.526   1.208   0.36 13.14 ? 16  MET A SD  1 
ATOM   149  C CE  A MET A 1 16 ? 18.196  7.545   0.826   0.64 3.00  ? 16  MET A CE  1 
ATOM   150  C CE  B MET A 1 16 ? 16.751  9.808   0.398   0.36 8.65  ? 16  MET A CE  1 
ATOM   151  N N   . LYS A 1 17 ? 19.996  8.235   7.074   1.00 10.68 ? 17  LYS A N   1 
ATOM   152  C CA  . LYS A 1 17 ? 20.619  7.354   8.057   1.00 12.06 ? 17  LYS A CA  1 
ATOM   153  C C   . LYS A 1 17 ? 19.646  6.380   8.699   1.00 11.46 ? 17  LYS A C   1 
ATOM   154  O O   . LYS A 1 17 ? 20.012  5.654   9.627   1.00 10.92 ? 17  LYS A O   1 
ATOM   155  C CB  . LYS A 1 17 ? 21.313  8.200   9.123   1.00 17.03 ? 17  LYS A CB  1 
ATOM   156  C CG  . LYS A 1 17 ? 22.314  9.162   8.524   1.00 17.26 ? 17  LYS A CG  1 
ATOM   157  C CD  . LYS A 1 17 ? 23.049  9.947   9.598   1.00 25.79 ? 17  LYS A CD  1 
ATOM   158  C CE  . LYS A 1 17 ? 24.026  10.926  8.959   1.00 46.20 ? 17  LYS A CE  1 
ATOM   159  N NZ  . LYS A 1 17 ? 24.939  10.244  8.002   1.00 43.93 ? 17  LYS A NZ  1 
ATOM   160  N N   . PHE A 1 18 ? 18.423  6.332   8.180   1.00 10.45 ? 18  PHE A N   1 
ATOM   161  C CA  . PHE A 1 18 ? 17.396  5.458   8.733   1.00 9.54  ? 18  PHE A CA  1 
ATOM   162  C C   . PHE A 1 18 ? 16.694  4.639   7.661   1.00 9.65  ? 18  PHE A C   1 
ATOM   163  O O   . PHE A 1 18 ? 16.692  5.004   6.471   1.00 10.98 ? 18  PHE A O   1 
ATOM   164  C CB  . PHE A 1 18 ? 16.347  6.293   9.492   1.00 9.73  ? 18  PHE A CB  1 
ATOM   165  C CG  . PHE A 1 18 ? 16.925  7.127   10.585  1.00 10.68 ? 18  PHE A CG  1 
ATOM   166  C CD1 . PHE A 1 18 ? 17.433  8.388   10.324  1.00 10.70 ? 18  PHE A CD1 1 
ATOM   167  C CD2 . PHE A 1 18 ? 16.971  6.641   11.886  1.00 19.19 ? 18  PHE A CD2 1 
ATOM   168  C CE1 . PHE A 1 18 ? 17.983  9.154   11.340  1.00 14.27 ? 18  PHE A CE1 1 
ATOM   169  C CE2 . PHE A 1 18 ? 17.508  7.408   12.906  1.00 20.68 ? 18  PHE A CE2 1 
ATOM   170  C CZ  . PHE A 1 18 ? 18.012  8.657   12.637  1.00 14.25 ? 18  PHE A CZ  1 
ATOM   171  N N   . CYS A 1 19 ? 16.098  3.535   8.103   1.00 9.39  ? 19  CYS A N   1 
ATOM   172  C CA  . CYS A 1 19 ? 15.083  2.817   7.347   1.00 9.15  ? 19  CYS A CA  1 
ATOM   173  C C   . CYS A 1 19 ? 13.722  3.132   7.934   1.00 11.50 ? 19  CYS A C   1 
ATOM   174  O O   . CYS A 1 19 ? 13.586  3.286   9.140   1.00 12.26 ? 19  CYS A O   1 
ATOM   175  C CB  . CYS A 1 19 ? 15.306  1.314   7.396   1.00 11.21 ? 19  CYS A CB  1 
ATOM   176  S SG  . CYS A 1 19 ? 16.883  0.762   6.733   1.00 13.12 ? 19  CYS A SG  1 
ATOM   177  N N   . TYR A 1 20 ? 12.710  3.169   7.081   1.00 10.07 ? 20  TYR A N   1 
ATOM   178  C CA  . TYR A 1 20 ? 11.373  3.567   7.513   1.00 10.98 ? 20  TYR A CA  1 
ATOM   179  C C   . TYR A 1 20 ? 10.328  2.569   7.048   1.00 11.79 ? 20  TYR A C   1 
ATOM   180  O O   . TYR A 1 20 ? 10.451  1.992   5.984   1.00 12.09 ? 20  TYR A O   1 
ATOM   181  C CB  . TYR A 1 20 ? 11.064  4.950   6.959   1.00 12.01 ? 20  TYR A CB  1 
ATOM   182  C CG  . TYR A 1 20 ? 9.729   5.556   7.341   1.00 9.94  ? 20  TYR A CG  1 
ATOM   183  C CD1 . TYR A 1 20 ? 9.600   6.341   8.474   1.00 14.44 ? 20  TYR A CD1 1 
ATOM   184  C CD2 . TYR A 1 20 ? 8.609   5.389   6.531   1.00 15.92 ? 20  TYR A CD2 1 
ATOM   185  C CE1 . TYR A 1 20 ? 8.382   6.938   8.808   1.00 12.72 ? 20  TYR A CE1 1 
ATOM   186  C CE2 . TYR A 1 20 ? 7.400   5.978   6.853   1.00 16.28 ? 20  TYR A CE2 1 
ATOM   187  C CZ  . TYR A 1 20 ? 7.293   6.751   7.993   1.00 16.43 ? 20  TYR A CZ  1 
ATOM   188  O OH  . TYR A 1 20 ? 6.093   7.342   8.309   1.00 15.50 ? 20  TYR A OH  1 
ATOM   189  N N   . HIS A 1 21 ? 9.298   2.360   7.860   1.00 10.37 ? 21  HIS A N   1 
ATOM   190  C CA  . HIS A 1 21 ? 8.180   1.524   7.444   1.00 10.04 ? 21  HIS A CA  1 
ATOM   191  C C   . HIS A 1 21 ? 6.927   1.989   8.165   1.00 14.06 ? 21  HIS A C   1 
ATOM   192  O O   . HIS A 1 21 ? 6.892   2.020   9.386   1.00 12.57 ? 21  HIS A O   1 
ATOM   193  C CB  . HIS A 1 21 ? 8.470   0.052   7.752   1.00 11.68 ? 21  HIS A CB  1 
ATOM   194  C CG  . HIS A 1 21 ? 7.546   -0.915  7.076   1.00 14.72 ? 21  HIS A CG  1 
ATOM   195  N ND1 . HIS A 1 21 ? 7.505   -2.252  7.415   1.00 22.17 ? 21  HIS A ND1 1 
ATOM   196  C CD2 . HIS A 1 21 ? 6.668   -0.757  6.057   1.00 20.95 ? 21  HIS A CD2 1 
ATOM   197  C CE1 . HIS A 1 21 ? 6.623   -2.872  6.648   1.00 23.18 ? 21  HIS A CE1 1 
ATOM   198  N NE2 . HIS A 1 21 ? 6.104   -1.990  5.813   1.00 20.32 ? 21  HIS A NE2 1 
ATOM   199  N N   . ASN A 1 22 ? 5.904   2.372   7.411   1.00 13.26 ? 22  ASN A N   1 
ATOM   200  C CA  . ASN A 1 22 ? 4.653   2.802   8.025   1.00 11.75 ? 22  ASN A CA  1 
ATOM   201  C C   . ASN A 1 22 ? 3.529   2.483   7.071   1.00 15.53 ? 22  ASN A C   1 
ATOM   202  O O   . ASN A 1 22 ? 3.747   2.307   5.875   1.00 15.83 ? 22  ASN A O   1 
ATOM   203  C CB  . ASN A 1 22 ? 4.685   4.298   8.350   1.00 13.36 ? 22  ASN A CB  1 
ATOM   204  C CG  . ASN A 1 22 ? 3.675   4.696   9.418   1.00 13.96 ? 22  ASN A CG  1 
ATOM   205  O OD1 . ASN A 1 22 ? 2.936   3.855   9.947   1.00 16.86 ? 22  ASN A OD1 1 
ATOM   206  N ND2 . ASN A 1 22 ? 3.665   5.979   9.762   1.00 16.14 ? 22  ASN A ND2 1 
ATOM   207  N N   . ALA A 1 23 ? 2.326   2.369   7.589   1.00 15.42 ? 23  ALA A N   1 
ATOM   208  C CA  . ALA A 1 23 ? 1.201   2.094   6.713   1.00 15.82 ? 23  ALA A CA  1 
ATOM   209  C C   . ALA A 1 23 ? -0.017  2.783   7.260   1.00 18.06 ? 23  ALA A C   1 
ATOM   210  O O   . ALA A 1 23 ? -0.103  3.039   8.451   1.00 15.74 ? 23  ALA A O   1 
ATOM   211  C CB  . ALA A 1 23 ? 0.965   0.595   6.581   1.00 13.77 ? 23  ALA A CB  1 
ATOM   212  N N   . GLY A 1 24 ? -0.963  3.083   6.388   1.00 13.90 ? 24  GLY A N   1 
ATOM   213  C CA  . GLY A 1 24 ? -2.225  3.642   6.834   1.00 18.08 ? 24  GLY A CA  1 
ATOM   214  C C   . GLY A 1 24 ? -3.321  3.254   5.868   1.00 14.09 ? 24  GLY A C   1 
ATOM   215  O O   . GLY A 1 24 ? -3.054  2.896   4.726   1.00 12.74 ? 24  GLY A O   1 
ATOM   216  N N   A MET A 1 25 ? -4.563  3.291   6.338   0.41 13.56 ? 25  MET A N   1 
ATOM   217  N N   B MET A 1 25 ? -4.560  3.322   6.336   0.59 13.49 ? 25  MET A N   1 
ATOM   218  C CA  A MET A 1 25 ? -5.711  3.071   5.465   0.41 14.01 ? 25  MET A CA  1 
ATOM   219  C CA  B MET A 1 25 ? -5.713  3.086   5.478   0.59 13.99 ? 25  MET A CA  1 
ATOM   220  C C   A MET A 1 25 ? -6.642  4.272   5.557   0.41 14.68 ? 25  MET A C   1 
ATOM   221  C C   B MET A 1 25 ? -6.635  4.288   5.570   0.59 14.66 ? 25  MET A C   1 
ATOM   222  O O   A MET A 1 25 ? -7.458  4.364   6.471   0.41 14.23 ? 25  MET A O   1 
ATOM   223  O O   B MET A 1 25 ? -7.434  4.401   6.498   0.59 14.19 ? 25  MET A O   1 
ATOM   224  C CB  A MET A 1 25 ? -6.460  1.776   5.827   0.41 17.01 ? 25  MET A CB  1 
ATOM   225  C CB  B MET A 1 25 ? -6.447  1.796   5.869   0.59 17.01 ? 25  MET A CB  1 
ATOM   226  C CG  A MET A 1 25 ? -5.931  0.507   5.131   0.41 14.85 ? 25  MET A CG  1 
ATOM   227  C CG  B MET A 1 25 ? -5.799  0.517   5.319   0.59 15.37 ? 25  MET A CG  1 
ATOM   228  S SD  A MET A 1 25 ? -7.252  -0.675  4.806   0.41 28.42 ? 25  MET A SD  1 
ATOM   229  S SD  B MET A 1 25 ? -6.443  -0.944  6.130   0.59 25.75 ? 25  MET A SD  1 
ATOM   230  C CE  A MET A 1 25 ? -7.795  -1.011  6.474   0.41 18.45 ? 25  MET A CE  1 
ATOM   231  C CE  B MET A 1 25 ? -5.441  -2.212  5.392   0.59 20.13 ? 25  MET A CE  1 
ATOM   232  N N   . PRO A 1 26 ? -6.503  5.214   4.612   1.00 11.48 ? 26  PRO A N   1 
ATOM   233  C CA  . PRO A 1 26 ? -7.364  6.397   4.567   1.00 12.46 ? 26  PRO A CA  1 
ATOM   234  C C   . PRO A 1 26 ? -8.832  6.041   4.397   1.00 13.57 ? 26  PRO A C   1 
ATOM   235  O O   . PRO A 1 26 ? -9.686  6.777   4.892   1.00 15.89 ? 26  PRO A O   1 
ATOM   236  C CB  . PRO A 1 26 ? -6.842  7.165   3.341   1.00 16.72 ? 26  PRO A CB  1 
ATOM   237  C CG  . PRO A 1 26 ? -5.441  6.730   3.200   1.00 20.65 ? 26  PRO A CG  1 
ATOM   238  C CD  . PRO A 1 26 ? -5.424  5.278   3.608   1.00 14.55 ? 26  PRO A CD  1 
ATOM   239  N N   . PHE A 1 27 ? -9.103  4.948   3.684   1.00 11.59 ? 27  PHE A N   1 
ATOM   240  C CA  . PHE A 1 27 ? -10.448 4.402   3.501   1.00 12.76 ? 27  PHE A CA  1 
ATOM   241  C C   . PHE A 1 27 ? -10.347 2.900   3.618   1.00 11.30 ? 27  PHE A C   1 
ATOM   242  O O   . PHE A 1 27 ? -9.262  2.345   3.437   1.00 14.79 ? 27  PHE A O   1 
ATOM   243  C CB  . PHE A 1 27 ? -11.041 4.736   2.130   1.00 19.33 ? 27  PHE A CB  1 
ATOM   244  C CG  . PHE A 1 27 ? -10.884 6.154   1.729   1.00 25.15 ? 27  PHE A CG  1 
ATOM   245  C CD1 . PHE A 1 27 ? -11.761 7.117   2.195   1.00 24.87 ? 27  PHE A CD1 1 
ATOM   246  C CD2 . PHE A 1 27 ? -9.867  6.527   0.873   1.00 17.95 ? 27  PHE A CD2 1 
ATOM   247  C CE1 . PHE A 1 27 ? -11.609 8.447   1.824   1.00 32.52 ? 27  PHE A CE1 1 
ATOM   248  C CE2 . PHE A 1 27 ? -9.704  7.847   0.504   1.00 29.74 ? 27  PHE A CE2 1 
ATOM   249  C CZ  . PHE A 1 27 ? -10.579 8.808   0.978   1.00 37.00 ? 27  PHE A CZ  1 
ATOM   250  N N   . ARG A 1 28 ? -11.474 2.226   3.853   1.00 10.29 ? 28  ARG A N   1 
ATOM   251  C CA  . ARG A 1 28 ? -11.424 0.787   4.085   1.00 11.37 ? 28  ARG A CA  1 
ATOM   252  C C   . ARG A 1 28 ? -10.870 0.006   2.891   1.00 12.14 ? 28  ARG A C   1 
ATOM   253  O O   . ARG A 1 28 ? -10.365 -1.093  3.064   1.00 12.75 ? 28  ARG A O   1 
ATOM   254  C CB  . ARG A 1 28 ? -12.807 0.254   4.455   1.00 11.46 ? 28  ARG A CB  1 
ATOM   255  C CG  . ARG A 1 28 ? -13.780 0.205   3.290   1.00 12.34 ? 28  ARG A CG  1 
ATOM   256  C CD  . ARG A 1 28 ? -15.196 -0.118  3.766   1.00 15.18 ? 28  ARG A CD  1 
ATOM   257  N NE  . ARG A 1 28 ? -15.730 0.950   4.603   1.00 16.78 ? 28  ARG A NE  1 
ATOM   258  C CZ  . ARG A 1 28 ? -16.849 0.839   5.310   1.00 24.87 ? 28  ARG A CZ  1 
ATOM   259  N NH1 . ARG A 1 28 ? -17.545 -0.286  5.259   1.00 24.27 ? 28  ARG A NH1 1 
ATOM   260  N NH2 . ARG A 1 28 ? -17.268 1.847   6.057   1.00 23.10 ? 28  ARG A NH2 1 
ATOM   261  N N   A ASN A 1 29 ? -10.960 0.582   1.694   0.66 12.00 ? 29  ASN A N   1 
ATOM   262  N N   B ASN A 1 29 ? -10.975 0.567   1.686   0.34 12.08 ? 29  ASN A N   1 
ATOM   263  C CA  A ASN A 1 29 ? -10.500 -0.115  0.504   0.66 12.02 ? 29  ASN A CA  1 
ATOM   264  C CA  B ASN A 1 29 ? -10.488 -0.106  0.479   0.34 12.06 ? 29  ASN A CA  1 
ATOM   265  C C   A ASN A 1 29 ? -9.157  0.387   -0.007  0.66 11.46 ? 29  ASN A C   1 
ATOM   266  C C   B ASN A 1 29 ? -9.029  0.207   0.162   0.34 12.30 ? 29  ASN A C   1 
ATOM   267  O O   A ASN A 1 29 ? -8.693  -0.059  -1.050  0.66 12.10 ? 29  ASN A O   1 
ATOM   268  O O   B ASN A 1 29 ? -8.373  -0.521  -0.584  0.34 11.11 ? 29  ASN A O   1 
ATOM   269  C CB  A ASN A 1 29 ? -11.547 -0.014  -0.608  0.66 13.66 ? 29  ASN A CB  1 
ATOM   270  C CB  B ASN A 1 29 ? -11.339 0.271   -0.741  0.34 12.62 ? 29  ASN A CB  1 
ATOM   271  C CG  A ASN A 1 29 ? -11.816 1.413   -1.036  0.66 18.19 ? 29  ASN A CG  1 
ATOM   272  C CG  B ASN A 1 29 ? -12.726 -0.348  -0.712  0.34 12.92 ? 29  ASN A CG  1 
ATOM   273  O OD1 A ASN A 1 29 ? -11.621 2.355   -0.266  0.66 18.53 ? 29  ASN A OD1 1 
ATOM   274  O OD1 B ASN A 1 29 ? -13.013 -1.226  0.094   0.34 16.11 ? 29  ASN A OD1 1 
ATOM   275  N ND2 A ASN A 1 29 ? -12.282 1.583   -2.272  0.66 20.07 ? 29  ASN A ND2 1 
ATOM   276  N ND2 B ASN A 1 29 ? -13.594 0.110   -1.610  0.34 26.54 ? 29  ASN A ND2 1 
ATOM   277  N N   . LEU A 1 30 ? -8.525  1.292   0.736   1.00 12.02 ? 30  LEU A N   1 
ATOM   278  C CA  . LEU A 1 30 ? -7.248  1.865   0.303   1.00 10.09 ? 30  LEU A CA  1 
ATOM   279  C C   . LEU A 1 30 ? -6.164  1.746   1.355   1.00 14.84 ? 30  LEU A C   1 
ATOM   280  O O   . LEU A 1 30 ? -6.313  2.274   2.456   1.00 15.61 ? 30  LEU A O   1 
ATOM   281  C CB  . LEU A 1 30 ? -7.448  3.338   -0.057  1.00 13.94 ? 30  LEU A CB  1 
ATOM   282  C CG  . LEU A 1 30 ? -6.166  4.027   -0.528  1.00 18.13 ? 30  LEU A CG  1 
ATOM   283  C CD1 . LEU A 1 30 ? -5.724  3.376   -1.817  1.00 19.55 ? 30  LEU A CD1 1 
ATOM   284  C CD2 . LEU A 1 30 ? -6.406  5.512   -0.716  1.00 19.14 ? 30  LEU A CD2 1 
ATOM   285  N N   . LYS A 1 31 ? -5.077  1.050   1.023   1.00 11.99 ? 31  LYS A N   1 
ATOM   286  C CA  . LYS A 1 31 ? -3.928  0.952   1.918   1.00 11.80 ? 31  LYS A CA  1 
ATOM   287  C C   . LYS A 1 31 ? -2.769  1.716   1.309   1.00 12.73 ? 31  LYS A C   1 
ATOM   288  O O   . LYS A 1 31 ? -2.490  1.572   0.119   1.00 12.71 ? 31  LYS A O   1 
ATOM   289  C CB  . LYS A 1 31 ? -3.534  -0.513  2.150   1.00 14.21 ? 31  LYS A CB  1 
ATOM   290  C CG  . LYS A 1 31 ? -2.573  -0.721  3.318   1.00 16.40 ? 31  LYS A CG  1 
ATOM   291  C CD  . LYS A 1 31 ? -2.332  -2.214  3.525   1.00 27.04 ? 31  LYS A CD  1 
ATOM   292  C CE  . LYS A 1 31 ? -1.542  -2.487  4.797   1.00 34.37 ? 31  LYS A CE  1 
ATOM   293  N NZ  . LYS A 1 31 ? -1.345  -3.952  4.994   1.00 48.51 ? 31  LYS A NZ  1 
ATOM   294  N N   . LEU A 1 32 ? -2.109  2.537   2.119   1.00 11.40 ? 32  LEU A N   1 
ATOM   295  C CA  . LEU A 1 32 ? -0.888  3.210   1.695   1.00 10.53 ? 32  LEU A CA  1 
ATOM   296  C C   . LEU A 1 32 ? 0.257   2.643   2.510   1.00 10.63 ? 32  LEU A C   1 
ATOM   297  O O   . LEU A 1 32 ? 0.164   2.588   3.739   1.00 13.09 ? 32  LEU A O   1 
ATOM   298  C CB  . LEU A 1 32 ? -0.987  4.719   1.911   1.00 11.53 ? 32  LEU A CB  1 
ATOM   299  C CG  . LEU A 1 32 ? -2.110  5.429   1.167   1.00 14.47 ? 32  LEU A CG  1 
ATOM   300  C CD1 . LEU A 1 32 ? -2.094  6.900   1.536   1.00 15.94 ? 32  LEU A CD1 1 
ATOM   301  C CD2 . LEU A 1 32 ? -1.919  5.245   -0.306  1.00 17.02 ? 32  LEU A CD2 1 
ATOM   302  N N   . ILE A 1 33 ? 1.322   2.204   1.848   1.00 11.71 ? 33  ILE A N   1 
ATOM   303  C CA  . ILE A 1 33 ? 2.485   1.681   2.581   1.00 11.92 ? 33  ILE A CA  1 
ATOM   304  C C   . ILE A 1 33 ? 3.736   2.439   2.193   1.00 13.56 ? 33  ILE A C   1 
ATOM   305  O O   . ILE A 1 33 ? 4.093   2.488   1.025   1.00 14.40 ? 33  ILE A O   1 
ATOM   306  C CB  . ILE A 1 33 ? 2.728   0.193   2.321   1.00 12.75 ? 33  ILE A CB  1 
ATOM   307  C CG1 . ILE A 1 33 ? 1.466   -0.631  2.605   1.00 14.95 ? 33  ILE A CG1 1 
ATOM   308  C CG2 . ILE A 1 33 ? 3.898   -0.299  3.189   1.00 15.28 ? 33  ILE A CG2 1 
ATOM   309  C CD1 . ILE A 1 33 ? 1.610   -2.090  2.256   1.00 25.79 ? 33  ILE A CD1 1 
ATOM   310  N N   . LEU A 1 34 ? 4.385   3.037   3.188   1.00 12.13 ? 34  LEU A N   1 
ATOM   311  C CA  . LEU A 1 34 ? 5.641   3.749   2.998   1.00 11.08 ? 34  LEU A CA  1 
ATOM   312  C C   . LEU A 1 34 ? 6.772   2.885   3.503   1.00 10.97 ? 34  LEU A C   1 
ATOM   313  O O   . LEU A 1 34 ? 6.729   2.416   4.635   1.00 11.56 ? 34  LEU A O   1 
ATOM   314  C CB  . LEU A 1 34 ? 5.643   5.069   3.756   1.00 14.50 ? 34  LEU A CB  1 
ATOM   315  C CG  . LEU A 1 34 ? 4.972   6.286   3.143   1.00 18.46 ? 34  LEU A CG  1 
ATOM   316  C CD1 . LEU A 1 34 ? 4.998   7.411   4.164   1.00 18.05 ? 34  LEU A CD1 1 
ATOM   317  C CD2 . LEU A 1 34 ? 5.699   6.705   1.885   1.00 21.71 ? 34  LEU A CD2 1 
ATOM   318  N N   . GLN A 1 35 ? 7.776   2.648   2.667   1.00 13.38 ? 35  GLN A N   1 
ATOM   319  C CA  . GLN A 1 35 ? 8.880   1.785   3.078   1.00 13.19 ? 35  GLN A CA  1 
ATOM   320  C C   . GLN A 1 35 ? 10.093  2.119   2.248   1.00 13.14 ? 35  GLN A C   1 
ATOM   321  O O   . GLN A 1 35 ? 10.001  2.189   1.025   1.00 13.93 ? 35  GLN A O   1 
ATOM   322  C CB  . GLN A 1 35 ? 8.526   0.309   2.921   1.00 13.06 ? 35  GLN A CB  1 
ATOM   323  C CG  . GLN A 1 35 ? 9.563   -0.623  3.526   1.00 17.71 ? 35  GLN A CG  1 
ATOM   324  C CD  . GLN A 1 35 ? 9.282   -2.070  3.226   1.00 17.85 ? 35  GLN A CD  1 
ATOM   325  O OE1 . GLN A 1 35 ? 8.956   -2.435  2.092   1.00 19.97 ? 35  GLN A OE1 1 
ATOM   326  N NE2 . GLN A 1 35 ? 9.392   -2.911  4.250   1.00 16.99 ? 35  GLN A NE2 1 
ATOM   327  N N   . GLY A 1 36 ? 11.214  2.363   2.918   1.00 11.05 ? 36  GLY A N   1 
ATOM   328  C CA  . GLY A 1 36 ? 12.441  2.677   2.211   1.00 11.35 ? 36  GLY A CA  1 
ATOM   329  C C   . GLY A 1 36 ? 13.418  3.381   3.117   1.00 12.22 ? 36  GLY A C   1 
ATOM   330  O O   . GLY A 1 36 ? 13.236  3.409   4.330   1.00 11.68 ? 36  GLY A O   1 
ATOM   331  N N   . CYS A 1 37 ? 14.457  3.955   2.528   1.00 13.18 ? 37  CYS A N   1 
ATOM   332  C CA  . CYS A 1 37 ? 15.379  4.772   3.287   1.00 7.54  ? 37  CYS A CA  1 
ATOM   333  C C   . CYS A 1 37 ? 14.736  6.093   3.662   1.00 12.23 ? 37  CYS A C   1 
ATOM   334  O O   . CYS A 1 37 ? 13.807  6.550   2.980   1.00 12.87 ? 37  CYS A O   1 
ATOM   335  C CB  . CYS A 1 37 ? 16.639  5.061   2.489   1.00 11.29 ? 37  CYS A CB  1 
ATOM   336  S SG  . CYS A 1 37 ? 17.529  3.583   1.985   1.00 14.33 ? 37  CYS A SG  1 
ATOM   337  N N   A SER A 1 38 ? 15.268  6.727   4.700   0.44 12.34 ? 38  SER A N   1 
ATOM   338  N N   B SER A 1 38 ? 15.225  6.706   4.732   0.56 12.35 ? 38  SER A N   1 
ATOM   339  C CA  A SER A 1 38 ? 14.660  7.935   5.246   0.44 10.30 ? 38  SER A CA  1 
ATOM   340  C CA  B SER A 1 38 ? 14.726  8.016   5.141   0.56 10.20 ? 38  SER A CA  1 
ATOM   341  C C   A SER A 1 38 ? 15.613  8.726   6.141   0.44 9.92  ? 38  SER A C   1 
ATOM   342  C C   B SER A 1 38 ? 15.682  8.765   6.051   0.56 9.88  ? 38  SER A C   1 
ATOM   343  O O   A SER A 1 38 ? 16.600  8.189   6.652   0.44 10.42 ? 38  SER A O   1 
ATOM   344  O O   B SER A 1 38 ? 16.714  8.242   6.491   0.56 10.43 ? 38  SER A O   1 
ATOM   345  C CB  A SER A 1 38 ? 13.397  7.544   6.023   0.44 12.99 ? 38  SER A CB  1 
ATOM   346  C CB  B SER A 1 38 ? 13.369  7.879   5.842   0.56 12.25 ? 38  SER A CB  1 
ATOM   347  O OG  A SER A 1 38 ? 12.834  8.633   6.720   0.44 12.43 ? 38  SER A OG  1 
ATOM   348  O OG  B SER A 1 38 ? 13.523  7.432   7.177   0.56 11.84 ? 38  SER A OG  1 
ATOM   349  N N   . SER A 1 39 ? 15.331  10.014  6.330   1.00 10.12 ? 39  SER A N   1 
ATOM   350  C CA  . SER A 1 39 ? 15.993  10.750  7.370   1.00 8.40  ? 39  SER A CA  1 
ATOM   351  C C   . SER A 1 39 ? 15.205  10.485  8.650   1.00 11.99 ? 39  SER A C   1 
ATOM   352  O O   . SER A 1 39 ? 14.279  9.663   8.656   1.00 12.41 ? 39  SER A O   1 
ATOM   353  C CB  . SER A 1 39 ? 16.053  12.236  7.047   1.00 14.79 ? 39  SER A CB  1 
ATOM   354  O OG  . SER A 1 39 ? 14.763  12.656  6.664   1.00 27.60 ? 39  SER A OG  1 
ATOM   355  N N   . SER A 1 40 ? 15.579  11.176  9.717   1.00 12.98 ? 40  SER A N   1 
ATOM   356  C CA  . SER A 1 40 ? 14.986  10.945  11.036  1.00 13.00 ? 40  SER A CA  1 
ATOM   357  C C   . SER A 1 40 ? 13.474  11.069  11.061  1.00 11.93 ? 40  SER A C   1 
ATOM   358  O O   . SER A 1 40 ? 12.883  11.939  10.418  1.00 12.83 ? 40  SER A O   1 
ATOM   359  C CB  . SER A 1 40 ? 15.591  11.916  12.059  1.00 13.11 ? 40  SER A CB  1 
ATOM   360  O OG  . SER A 1 40 ? 15.447  13.271  11.634  1.00 13.68 ? 40  SER A OG  1 
ATOM   361  N N   . CYS A 1 41 ? 12.844  10.203  11.845  1.00 12.49 ? 41  CYS A N   1 
ATOM   362  C CA  . CYS A 1 41 ? 11.409  10.250  12.016  1.00 11.58 ? 41  CYS A CA  1 
ATOM   363  C C   . CYS A 1 41 ? 11.017  11.396  12.920  1.00 12.92 ? 41  CYS A C   1 
ATOM   364  O O   . CYS A 1 41 ? 11.810  11.839  13.745  1.00 16.62 ? 41  CYS A O   1 
ATOM   365  C CB  . CYS A 1 41 ? 10.895  8.953   12.630  1.00 14.34 ? 41  CYS A CB  1 
ATOM   366  S SG  . CYS A 1 41 ? 10.682  7.606   11.506  1.00 15.22 ? 41  CYS A SG  1 
ATOM   367  N N   . SER A 1 42 ? 9.778   11.850  12.784  1.00 13.89 ? 42  SER A N   1 
ATOM   368  C CA  . SER A 1 42 ? 9.218   12.743  13.789  1.00 14.11 ? 42  SER A CA  1 
ATOM   369  C C   . SER A 1 42 ? 9.140   11.993  15.101  1.00 13.05 ? 42  SER A C   1 
ATOM   370  O O   . SER A 1 42 ? 9.134   10.757  15.118  1.00 12.86 ? 42  SER A O   1 
ATOM   371  C CB  . SER A 1 42 ? 7.839   13.242  13.372  1.00 18.38 ? 42  SER A CB  1 
ATOM   372  O OG  . SER A 1 42 ? 6.939   12.159  13.266  1.00 23.17 ? 42  SER A OG  1 
ATOM   373  N N   . GLU A 1 43 ? 9.069   12.734  16.200  1.00 14.28 ? 43  GLU A N   1 
ATOM   374  C CA  . GLU A 1 43 ? 9.022   12.106  17.507  1.00 14.42 ? 43  GLU A CA  1 
ATOM   375  C C   . GLU A 1 43 ? 7.776   11.241  17.608  1.00 12.13 ? 43  GLU A C   1 
ATOM   376  O O   . GLU A 1 43 ? 7.820   10.172  18.192  1.00 14.54 ? 43  GLU A O   1 
ATOM   377  C CB  . GLU A 1 43 ? 9.049   13.153  18.625  1.00 16.93 ? 43  GLU A CB  1 
ATOM   378  C CG  . GLU A 1 43 ? 9.018   12.565  20.033  1.00 14.86 ? 43  GLU A CG  1 
ATOM   379  C CD  . GLU A 1 43 ? 10.211  11.704  20.350  1.00 17.24 ? 43  GLU A CD  1 
ATOM   380  O OE1 . GLU A 1 43 ? 11.261  11.854  19.682  1.00 23.68 ? 43  GLU A OE1 1 
ATOM   381  O OE2 . GLU A 1 43 ? 10.118  10.877  21.287  1.00 16.09 ? 43  GLU A OE2 1 
ATOM   382  N N   . THR A 1 44 ? 6.674   11.689  17.014  1.00 13.50 ? 44  THR A N   1 
ATOM   383  C CA  . THR A 1 44 ? 5.436   10.918  17.093  1.00 11.65 ? 44  THR A CA  1 
ATOM   384  C C   . THR A 1 44 ? 5.522   9.625   16.289  1.00 14.14 ? 44  THR A C   1 
ATOM   385  O O   . THR A 1 44 ? 4.748   8.709   16.502  1.00 14.76 ? 44  THR A O   1 
ATOM   386  C CB  . THR A 1 44 ? 4.223   11.746  16.624  1.00 22.06 ? 44  THR A CB  1 
ATOM   387  O OG1 . THR A 1 44 ? 3.018   11.096  17.042  1.00 28.12 ? 44  THR A OG1 1 
ATOM   388  C CG2 . THR A 1 44 ? 4.213   11.917  15.110  1.00 17.61 ? 44  THR A CG2 1 
ATOM   389  N N   . GLU A 1 45 ? 6.481   9.557   15.372  1.00 12.71 ? 45  GLU A N   1 
ATOM   390  C CA  . GLU A 1 45 ? 6.717   8.354   14.576  1.00 13.53 ? 45  GLU A CA  1 
ATOM   391  C C   . GLU A 1 45 ? 8.039   7.696   14.922  1.00 14.14 ? 45  GLU A C   1 
ATOM   392  O O   . GLU A 1 45 ? 8.624   6.995   14.094  1.00 13.31 ? 45  GLU A O   1 
ATOM   393  C CB  . GLU A 1 45 ? 6.701   8.685   13.079  1.00 15.21 ? 45  GLU A CB  1 
ATOM   394  C CG  . GLU A 1 45 ? 5.347   9.125   12.573  1.00 14.78 ? 45  GLU A CG  1 
ATOM   395  C CD  . GLU A 1 45 ? 5.241   9.128   11.061  1.00 24.03 ? 45  GLU A CD  1 
ATOM   396  O OE1 . GLU A 1 45 ? 6.282   9.037   10.366  1.00 19.32 ? 45  GLU A OE1 1 
ATOM   397  O OE2 . GLU A 1 45 ? 4.100   9.237   10.568  1.00 26.96 ? 45  GLU A OE2 1 
ATOM   398  N N   . ASN A 1 46 ? 8.508   7.900   16.148  1.00 10.35 ? 46  ASN A N   1 
ATOM   399  C CA  . ASN A 1 46 ? 9.821   7.398   16.524  1.00 13.12 ? 46  ASN A CA  1 
ATOM   400  C C   . ASN A 1 46 ? 10.017  5.896   16.265  1.00 16.06 ? 46  ASN A C   1 
ATOM   401  O O   . ASN A 1 46 ? 11.088  5.484   15.825  1.00 15.96 ? 46  ASN A O   1 
ATOM   402  C CB  . ASN A 1 46 ? 10.092  7.713   17.995  1.00 13.21 ? 46  ASN A CB  1 
ATOM   403  C CG  . ASN A 1 46 ? 11.497  7.354   18.405  1.00 16.66 ? 46  ASN A CG  1 
ATOM   404  O OD1 . ASN A 1 46 ? 12.472  7.980   17.965  1.00 25.12 ? 46  ASN A OD1 1 
ATOM   405  N ND2 . ASN A 1 46 ? 11.617  6.350   19.250  1.00 15.79 ? 46  ASN A ND2 1 
ATOM   406  N N   . ASN A 1 47 ? 8.993   5.075   16.488  1.00 12.68 ? 47  ASN A N   1 
ATOM   407  C CA  . ASN A 1 47 ? 9.199   3.641   16.287  1.00 15.22 ? 47  ASN A CA  1 
ATOM   408  C C   . ASN A 1 47 ? 9.032   3.181   14.832  1.00 13.94 ? 47  ASN A C   1 
ATOM   409  O O   . ASN A 1 47 ? 9.095   1.990   14.559  1.00 17.88 ? 47  ASN A O   1 
ATOM   410  C CB  . ASN A 1 47 ? 8.271   2.827   17.207  1.00 17.73 ? 47  ASN A CB  1 
ATOM   411  C CG  . ASN A 1 47 ? 6.797   3.079   16.954  1.00 24.51 ? 47  ASN A CG  1 
ATOM   412  O OD1 . ASN A 1 47 ? 6.407   3.678   15.957  1.00 27.19 ? 47  ASN A OD1 1 
ATOM   413  N ND2 . ASN A 1 47 ? 5.960   2.590   17.865  1.00 34.74 ? 47  ASN A ND2 1 
ATOM   414  N N   A LYS A 1 48 ? 8.844   4.126   13.910  0.61 11.41 ? 48  LYS A N   1 
ATOM   415  N N   B LYS A 1 48 ? 8.842   4.124   13.911  0.39 11.47 ? 48  LYS A N   1 
ATOM   416  C CA  A LYS A 1 48 ? 8.709   3.793   12.494  0.61 11.11 ? 48  LYS A CA  1 
ATOM   417  C CA  B LYS A 1 48 ? 8.709   3.778   12.499  0.39 11.19 ? 48  LYS A CA  1 
ATOM   418  C C   A LYS A 1 48 ? 10.057  3.852   11.788  0.61 13.27 ? 48  LYS A C   1 
ATOM   419  C C   B LYS A 1 48 ? 10.065  3.818   11.801  0.39 13.28 ? 48  LYS A C   1 
ATOM   420  O O   A LYS A 1 48 ? 10.157  3.503   10.611  0.61 13.06 ? 48  LYS A O   1 
ATOM   421  O O   B LYS A 1 48 ? 10.180  3.414   10.642  0.39 13.06 ? 48  LYS A O   1 
ATOM   422  C CB  A LYS A 1 48 ? 7.722   4.731   11.790  0.61 12.06 ? 48  LYS A CB  1 
ATOM   423  C CB  B LYS A 1 48 ? 7.726   4.719   11.793  0.39 12.10 ? 48  LYS A CB  1 
ATOM   424  C CG  A LYS A 1 48 ? 6.322   4.803   12.429  0.61 14.36 ? 48  LYS A CG  1 
ATOM   425  C CG  B LYS A 1 48 ? 6.326   4.772   12.426  0.39 14.40 ? 48  LYS A CG  1 
ATOM   426  C CD  A LYS A 1 48 ? 5.657   3.443   12.463  0.61 16.31 ? 48  LYS A CD  1 
ATOM   427  C CD  B LYS A 1 48 ? 5.692   3.394   12.505  0.39 16.29 ? 48  LYS A CD  1 
ATOM   428  C CE  A LYS A 1 48 ? 4.215   3.548   12.947  0.61 19.38 ? 48  LYS A CE  1 
ATOM   429  C CE  B LYS A 1 48 ? 4.246   3.472   12.984  0.39 19.45 ? 48  LYS A CE  1 
ATOM   430  N NZ  A LYS A 1 48 ? 3.558   2.207   12.982  0.61 21.42 ? 48  LYS A NZ  1 
ATOM   431  N NZ  B LYS A 1 48 ? 4.122   4.014   14.367  0.39 16.47 ? 48  LYS A NZ  1 
ATOM   432  N N   . CYS A 1 49 ? 11.081  4.302   12.511  1.00 11.99 ? 49  CYS A N   1 
ATOM   433  C CA  . CYS A 1 49 ? 12.453  4.370   11.985  1.00 13.32 ? 49  CYS A CA  1 
ATOM   434  C C   . CYS A 1 49 ? 13.368  3.407   12.729  1.00 16.90 ? 49  CYS A C   1 
ATOM   435  O O   . CYS A 1 49 ? 13.166  3.130   13.908  1.00 16.92 ? 49  CYS A O   1 
ATOM   436  C CB  . CYS A 1 49 ? 13.039  5.782   12.107  1.00 14.42 ? 49  CYS A CB  1 
ATOM   437  S SG  . CYS A 1 49 ? 12.509  6.966   10.868  1.00 15.37 ? 49  CYS A SG  1 
ATOM   438  N N   . CYS A 1 50 ? 14.374  2.904   12.027  1.00 13.08 ? 50  CYS A N   1 
ATOM   439  C CA  . CYS A 1 50 ? 15.419  2.094   12.642  1.00 10.81 ? 50  CYS A CA  1 
ATOM   440  C C   . CYS A 1 50 ? 16.672  2.379   11.839  1.00 14.61 ? 50  CYS A C   1 
ATOM   441  O O   . CYS A 1 50 ? 16.579  2.925   10.744  1.00 14.87 ? 50  CYS A O   1 
ATOM   442  C CB  . CYS A 1 50 ? 15.046  0.611   12.636  1.00 15.22 ? 50  CYS A CB  1 
ATOM   443  S SG  . CYS A 1 50 ? 14.511  -0.042  11.026  1.00 18.42 ? 50  CYS A SG  1 
ATOM   444  N N   A SER A 1 51 ? 17.845  2.033   12.359  0.61 13.97 ? 51  SER A N   1 
ATOM   445  N N   B SER A 1 51 ? 17.842  2.016   12.361  0.39 13.99 ? 51  SER A N   1 
ATOM   446  C CA  A SER A 1 51 ? 19.059  2.453   11.671  0.61 15.82 ? 51  SER A CA  1 
ATOM   447  C CA  B SER A 1 51 ? 19.088  2.460   11.738  0.39 15.86 ? 51  SER A CA  1 
ATOM   448  C C   A SER A 1 51 ? 20.083  1.350   11.443  0.61 11.93 ? 51  SER A C   1 
ATOM   449  C C   B SER A 1 51 ? 20.072  1.361   11.334  0.39 12.01 ? 51  SER A C   1 
ATOM   450  O O   A SER A 1 51 ? 21.278  1.628   11.412  0.61 14.51 ? 51  SER A O   1 
ATOM   451  O O   B SER A 1 51 ? 21.235  1.655   11.067  0.39 13.73 ? 51  SER A O   1 
ATOM   452  C CB  A SER A 1 51 ? 19.726  3.588   12.445  0.61 19.08 ? 51  SER A CB  1 
ATOM   453  C CB  B SER A 1 51 ? 19.810  3.431   12.674  0.39 18.51 ? 51  SER A CB  1 
ATOM   454  O OG  A SER A 1 51 ? 19.852  3.248   13.813  0.61 18.18 ? 51  SER A OG  1 
ATOM   455  O OG  B SER A 1 51 ? 19.056  4.613   12.861  0.39 21.35 ? 51  SER A OG  1 
ATOM   456  N N   . THR A 1 52 ? 19.619  0.113   11.278  1.00 16.59 ? 52  THR A N   1 
ATOM   457  C CA  . THR A 1 52 ? 20.515  -0.992  10.947  1.00 16.63 ? 52  THR A CA  1 
ATOM   458  C C   . THR A 1 52 ? 20.065  -1.646  9.648   1.00 17.67 ? 52  THR A C   1 
ATOM   459  O O   . THR A 1 52 ? 18.906  -1.528  9.275   1.00 16.43 ? 52  THR A O   1 
ATOM   460  C CB  . THR A 1 52 ? 20.579  -2.033  12.095  1.00 17.34 ? 52  THR A CB  1 
ATOM   461  O OG1 . THR A 1 52 ? 19.279  -2.581  12.319  1.00 15.50 ? 52  THR A OG1 1 
ATOM   462  C CG2 . THR A 1 52 ? 21.066  -1.373  13.375  1.00 19.70 ? 52  THR A CG2 1 
ATOM   463  N N   . ASP A 1 53 ? 20.971  -2.319  8.940   1.00 13.11 ? 53  ASP A N   1 
ATOM   464  C CA  . ASP A 1 53 ? 20.639  -2.827  7.611   1.00 14.37 ? 53  ASP A CA  1 
ATOM   465  C C   . ASP A 1 53 ? 19.397  -3.709  7.629   1.00 18.36 ? 53  ASP A C   1 
ATOM   466  O O   . ASP A 1 53 ? 19.271  -4.582  8.490   1.00 18.30 ? 53  ASP A O   1 
ATOM   467  C CB  . ASP A 1 53 ? 21.798  -3.630  7.020   1.00 18.26 ? 53  ASP A CB  1 
ATOM   468  C CG  . ASP A 1 53 ? 23.005  -2.782  6.712   1.00 20.34 ? 53  ASP A CG  1 
ATOM   469  O OD1 . ASP A 1 53 ? 22.843  -1.577  6.436   1.00 16.98 ? 53  ASP A OD1 1 
ATOM   470  O OD2 . ASP A 1 53 ? 24.132  -3.337  6.731   1.00 17.62 ? 53  ASP A OD2 1 
ATOM   471  N N   . ARG A 1 54 ? 18.490  -3.465  6.680   1.00 14.12 ? 54  ARG A N   1 
ATOM   472  C CA  . ARG A 1 54 ? 17.286  -4.288  6.482   1.00 15.14 ? 54  ARG A CA  1 
ATOM   473  C C   . ARG A 1 54 ? 16.375  -4.353  7.694   1.00 16.48 ? 54  ARG A C   1 
ATOM   474  O O   . ARG A 1 54 ? 15.580  -5.276  7.830   1.00 21.42 ? 54  ARG A O   1 
ATOM   475  C CB  . ARG A 1 54 ? 17.686  -5.711  6.072   1.00 17.66 ? 54  ARG A CB  1 
ATOM   476  C CG  . ARG A 1 54 ? 18.408  -5.786  4.736   1.00 19.28 ? 54  ARG A CG  1 
ATOM   477  C CD  . ARG A 1 54 ? 19.004  -7.178  4.494   1.00 28.19 ? 54  ARG A CD  1 
ATOM   478  N NE  . ARG A 1 54 ? 19.739  -7.222  3.231   1.00 49.89 ? 54  ARG A NE  1 
ATOM   479  C CZ  . ARG A 1 54 ? 21.020  -6.884  3.099   1.00 49.97 ? 54  ARG A CZ  1 
ATOM   480  N NH1 . ARG A 1 54 ? 21.716  -6.483  4.157   1.00 39.84 ? 54  ARG A NH1 1 
ATOM   481  N NH2 . ARG A 1 54 ? 21.605  -6.949  1.904   1.00 40.88 ? 54  ARG A NH2 1 
ATOM   482  N N   . CYS A 1 55 ? 16.467  -3.368  8.570   1.00 13.33 ? 55  CYS A N   1 
ATOM   483  C CA  . CYS A 1 55 ? 15.718  -3.427  9.807   1.00 13.32 ? 55  CYS A CA  1 
ATOM   484  C C   . CYS A 1 55 ? 14.233  -3.128  9.635   1.00 17.03 ? 55  CYS A C   1 
ATOM   485  O O   . CYS A 1 55 ? 13.452  -3.375  10.551  1.00 16.36 ? 55  CYS A O   1 
ATOM   486  C CB  . CYS A 1 55 ? 16.305  -2.458  10.832  1.00 17.50 ? 55  CYS A CB  1 
ATOM   487  S SG  . CYS A 1 55 ? 16.267  -0.714  10.304  1.00 14.02 ? 55  CYS A SG  1 
ATOM   488  N N   . ASN A 1 56 ? 13.846  -2.590  8.479   1.00 12.42 ? 56  ASN A N   1 
ATOM   489  C CA  . ASN A 1 56 ? 12.455  -2.156  8.279   1.00 14.58 ? 56  ASN A CA  1 
ATOM   490  C C   . ASN A 1 56 ? 11.610  -3.187  7.540   1.00 17.22 ? 56  ASN A C   1 
ATOM   491  O O   . ASN A 1 56 ? 10.604  -2.858  6.915   1.00 18.15 ? 56  ASN A O   1 
ATOM   492  C CB  . ASN A 1 56 ? 12.419  -0.827  7.524   1.00 12.38 ? 56  ASN A CB  1 
ATOM   493  C CG  . ASN A 1 56 ? 12.958  -0.947  6.107   1.00 11.91 ? 56  ASN A CG  1 
ATOM   494  O OD1 . ASN A 1 56 ? 13.797  -1.797  5.823   1.00 16.20 ? 56  ASN A OD1 1 
ATOM   495  N ND2 . ASN A 1 56 ? 12.483  -0.080  5.210   1.00 12.34 ? 56  ASN A ND2 1 
ATOM   496  N N   . LYS A 1 57 ? 12.026  -4.444  7.616   1.00 24.03 ? 57  LYS A N   1 
ATOM   497  C CA  . LYS A 1 57 ? 11.320  -5.519  6.938   1.00 24.88 ? 57  LYS A CA  1 
ATOM   498  C C   . LYS A 1 57 ? 9.887   -5.617  7.442   1.00 29.86 ? 57  LYS A C   1 
ATOM   499  O O   . LYS A 1 57 ? 9.636   -5.503  8.640   1.00 32.22 ? 57  LYS A O   1 
ATOM   500  C CB  . LYS A 1 57 ? 12.051  -6.848  7.148   1.00 32.19 ? 57  LYS A CB  1 
ATOM   501  C CG  . LYS A 1 57 ? 11.624  -7.953  6.195   1.00 39.08 ? 57  LYS A CG  1 
ATOM   502  C CD  . LYS A 1 57 ? 12.472  -9.198  6.396   1.00 45.80 ? 57  LYS A CD  1 
ATOM   503  C CE  . LYS A 1 57 ? 11.802  -10.428 5.801   1.00 46.09 ? 57  LYS A CE  1 
ATOM   504  N NZ  . LYS A 1 57 ? 11.854  -10.422 4.315   1.00 54.50 ? 57  LYS A NZ  1 
ATOM   505  O OXT . LYS A 1 57 ? 8.949   -5.791  6.666   1.00 34.53 ? 57  LYS A OXT 1 
ATOM   506  N N   . LEU B 1 1  ? -23.437 -9.148  -4.047  1.00 13.42 ? 1   LEU B N   1 
ATOM   507  C CA  . LEU B 1 1  ? -22.039 -9.313  -4.430  1.00 12.70 ? 1   LEU B CA  1 
ATOM   508  C C   . LEU B 1 1  ? -21.145 -9.220  -3.205  1.00 13.34 ? 1   LEU B C   1 
ATOM   509  O O   . LEU B 1 1  ? -21.359 -8.374  -2.337  1.00 13.26 ? 1   LEU B O   1 
ATOM   510  C CB  . LEU B 1 1  ? -21.638 -8.255  -5.477  1.00 12.93 ? 1   LEU B CB  1 
ATOM   511  C CG  . LEU B 1 1  ? -20.162 -8.233  -5.886  1.00 14.18 ? 1   LEU B CG  1 
ATOM   512  C CD1 . LEU B 1 1  ? -19.739 -9.536  -6.546  1.00 14.56 ? 1   LEU B CD1 1 
ATOM   513  C CD2 . LEU B 1 1  ? -19.890 -7.045  -6.818  1.00 12.91 ? 1   LEU B CD2 1 
ATOM   514  N N   . LYS B 1 2  ? -20.165 -10.117 -3.124  1.00 11.75 ? 2   LYS B N   1 
ATOM   515  C CA  . LYS B 1 2  ? -19.158 -10.075 -2.076  1.00 14.97 ? 2   LYS B CA  1 
ATOM   516  C C   . LYS B 1 2  ? -17.764 -9.876  -2.674  1.00 13.60 ? 2   LYS B C   1 
ATOM   517  O O   . LYS B 1 2  ? -17.447 -10.430 -3.728  1.00 15.16 ? 2   LYS B O   1 
ATOM   518  C CB  . LYS B 1 2  ? -19.215 -11.353 -1.237  1.00 20.52 ? 2   LYS B CB  1 
ATOM   519  C CG  . LYS B 1 2  ? -20.565 -11.546 -0.546  1.00 21.27 ? 2   LYS B CG  1 
ATOM   520  C CD  . LYS B 1 2  ? -20.415 -12.321 0.765   1.00 27.84 ? 2   LYS B CD  1 
ATOM   521  C CE  . LYS B 1 2  ? -21.749 -12.500 1.471   1.00 39.53 ? 2   LYS B CE  1 
ATOM   522  N NZ  . LYS B 1 2  ? -21.655 -13.537 2.543   1.00 53.24 ? 2   LYS B NZ  1 
ATOM   523  N N   . CYS B 1 3  ? -16.943 -9.063  -2.009  1.00 13.02 ? 3   CYS B N   1 
ATOM   524  C CA  . CYS B 1 3  ? -15.599 -8.754  -2.498  1.00 12.21 ? 3   CYS B CA  1 
ATOM   525  C C   . CYS B 1 3  ? -14.563 -8.862  -1.391  1.00 12.12 ? 3   CYS B C   1 
ATOM   526  O O   . CYS B 1 3  ? -14.873 -8.620  -0.230  1.00 14.98 ? 3   CYS B O   1 
ATOM   527  C CB  . CYS B 1 3  ? -15.530 -7.338  -3.075  1.00 14.09 ? 3   CYS B CB  1 
ATOM   528  S SG  . CYS B 1 3  ? -16.708 -6.973  -4.368  1.00 14.67 ? 3   CYS B SG  1 
ATOM   529  N N   . TYR B 1 4  ? -13.329 -9.185  -1.761  1.00 15.52 ? 4   TYR B N   1 
ATOM   530  C CA  . TYR B 1 4  ? -12.218 -9.074  -0.827  1.00 15.26 ? 4   TYR B CA  1 
ATOM   531  C C   . TYR B 1 4  ? -11.944 -7.610  -0.565  1.00 13.29 ? 4   TYR B C   1 
ATOM   532  O O   . TYR B 1 4  ? -12.083 -6.773  -1.453  1.00 13.83 ? 4   TYR B O   1 
ATOM   533  C CB  . TYR B 1 4  ? -10.956 -9.740  -1.361  1.00 13.96 ? 4   TYR B CB  1 
ATOM   534  C CG  . TYR B 1 4  ? -11.013 -11.242 -1.312  1.00 20.82 ? 4   TYR B CG  1 
ATOM   535  C CD1 . TYR B 1 4  ? -10.894 -11.918 -0.106  1.00 31.55 ? 4   TYR B CD1 1 
ATOM   536  C CD2 . TYR B 1 4  ? -11.189 -11.982 -2.468  1.00 23.14 ? 4   TYR B CD2 1 
ATOM   537  C CE1 . TYR B 1 4  ? -10.954 -13.297 -0.058  1.00 23.29 ? 4   TYR B CE1 1 
ATOM   538  C CE2 . TYR B 1 4  ? -11.250 -13.361 -2.425  1.00 27.34 ? 4   TYR B CE2 1 
ATOM   539  C CZ  . TYR B 1 4  ? -11.135 -14.007 -1.221  1.00 26.89 ? 4   TYR B CZ  1 
ATOM   540  O OH  . TYR B 1 4  ? -11.189 -15.382 -1.181  1.00 40.97 ? 4   TYR B OH  1 
ATOM   541  N N   . GLN B 1 5  ? -11.551 -7.309  0.662   1.00 13.57 ? 5   GLN B N   1 
ATOM   542  C CA  . GLN B 1 5  ? -11.254 -5.938  1.031   1.00 15.51 ? 5   GLN B CA  1 
ATOM   543  C C   . GLN B 1 5  ? -10.158 -5.963  2.083   1.00 17.17 ? 5   GLN B C   1 
ATOM   544  O O   . GLN B 1 5  ? -10.439 -5.897  3.269   1.00 20.26 ? 5   GLN B O   1 
ATOM   545  C CB  . GLN B 1 5  ? -12.505 -5.244  1.558   1.00 15.17 ? 5   GLN B CB  1 
ATOM   546  C CG  . GLN B 1 5  ? -12.324 -3.773  1.895   1.00 17.64 ? 5   GLN B CG  1 
ATOM   547  C CD  . GLN B 1 5  ? -13.388 -3.298  2.851   1.00 19.70 ? 5   GLN B CD  1 
ATOM   548  O OE1 . GLN B 1 5  ? -13.201 -3.308  4.075   1.00 22.24 ? 5   GLN B OE1 1 
ATOM   549  N NE2 . GLN B 1 5  ? -14.516 -2.901  2.309   1.00 16.97 ? 5   GLN B NE2 1 
ATOM   550  N N   . HIS B 1 6  ? -8.914  -6.111  1.635   1.00 15.83 ? 6   HIS B N   1 
ATOM   551  C CA  . HIS B 1 6  ? -7.755  -6.107  2.532   1.00 18.19 ? 6   HIS B CA  1 
ATOM   552  C C   . HIS B 1 6  ? -7.890  -7.083  3.696   1.00 17.38 ? 6   HIS B C   1 
ATOM   553  O O   . HIS B 1 6  ? -7.841  -6.697  4.872   1.00 20.52 ? 6   HIS B O   1 
ATOM   554  C CB  . HIS B 1 6  ? -7.508  -4.694  3.045   1.00 16.17 ? 6   HIS B CB  1 
ATOM   555  C CG  . HIS B 1 6  ? -7.077  -3.754  1.967   1.00 15.69 ? 6   HIS B CG  1 
ATOM   556  N ND1 . HIS B 1 6  ? -5.853  -3.854  1.345   1.00 18.65 ? 6   HIS B ND1 1 
ATOM   557  C CD2 . HIS B 1 6  ? -7.725  -2.731  1.363   1.00 15.26 ? 6   HIS B CD2 1 
ATOM   558  C CE1 . HIS B 1 6  ? -5.754  -2.916  0.422   1.00 18.27 ? 6   HIS B CE1 1 
ATOM   559  N NE2 . HIS B 1 6  ? -6.874  -2.219  0.412   1.00 15.11 ? 6   HIS B NE2 1 
ATOM   560  N N   . GLY B 1 7  ? -8.043  -8.355  3.348   1.00 21.95 ? 7   GLY B N   1 
ATOM   561  C CA  . GLY B 1 7  ? -7.999  -9.423  4.330   1.00 19.74 ? 7   GLY B CA  1 
ATOM   562  C C   . GLY B 1 7  ? -9.369  -9.886  4.779   1.00 25.38 ? 7   GLY B C   1 
ATOM   563  O O   . GLY B 1 7  ? -9.487  -10.911 5.447   1.00 35.25 ? 7   GLY B O   1 
ATOM   564  N N   . LYS B 1 8  ? -10.405 -9.132  4.431   1.00 21.81 ? 8   LYS B N   1 
ATOM   565  C CA  . LYS B 1 8  ? -11.760 -9.512  4.820   1.00 28.56 ? 8   LYS B CA  1 
ATOM   566  C C   . LYS B 1 8  ? -12.645 -9.643  3.589   1.00 26.71 ? 8   LYS B C   1 
ATOM   567  O O   . LYS B 1 8  ? -12.283 -9.180  2.513   1.00 21.20 ? 8   LYS B O   1 
ATOM   568  C CB  . LYS B 1 8  ? -12.350 -8.498  5.799   1.00 30.38 ? 8   LYS B CB  1 
ATOM   569  C CG  . LYS B 1 8  ? -12.617 -7.135  5.203   1.00 34.74 ? 8   LYS B CG  1 
ATOM   570  C CD  . LYS B 1 8  ? -12.378 -6.011  6.216   1.00 43.95 ? 8   LYS B CD  1 
ATOM   571  C CE  . LYS B 1 8  ? -13.470 -5.950  7.265   1.00 36.18 ? 8   LYS B CE  1 
ATOM   572  N NZ  . LYS B 1 8  ? -13.279 -4.824  8.219   1.00 48.04 ? 8   LYS B NZ  1 
ATOM   573  N N   . VAL B 1 9  ? -13.791 -10.295 3.747   1.00 22.92 ? 9   VAL B N   1 
ATOM   574  C CA  . VAL B 1 9  ? -14.775 -10.394 2.671   1.00 20.05 ? 9   VAL B CA  1 
ATOM   575  C C   . VAL B 1 9  ? -16.000 -9.598  3.060   1.00 22.26 ? 9   VAL B C   1 
ATOM   576  O O   . VAL B 1 9  ? -16.570 -9.801  4.135   1.00 25.38 ? 9   VAL B O   1 
ATOM   577  C CB  . VAL B 1 9  ? -15.162 -11.863 2.368   1.00 19.94 ? 9   VAL B CB  1 
ATOM   578  C CG1 . VAL B 1 9  ? -16.338 -11.919 1.395   1.00 22.15 ? 9   VAL B CG1 1 
ATOM   579  C CG2 . VAL B 1 9  ? -13.970 -12.600 1.793   1.00 21.95 ? 9   VAL B CG2 1 
ATOM   580  N N   . VAL B 1 10 ? -16.390 -8.663  2.205   1.00 16.94 ? 10  VAL B N   1 
ATOM   581  C CA  . VAL B 1 10 ? -17.483 -7.759  2.524   1.00 13.34 ? 10  VAL B CA  1 
ATOM   582  C C   . VAL B 1 10 ? -18.602 -7.857  1.506   1.00 18.71 ? 10  VAL B C   1 
ATOM   583  O O   . VAL B 1 10 ? -18.383 -8.274  0.373   1.00 19.91 ? 10  VAL B O   1 
ATOM   584  C CB  . VAL B 1 10 ? -17.007 -6.304  2.574   1.00 17.69 ? 10  VAL B CB  1 
ATOM   585  C CG1 . VAL B 1 10 ? -15.984 -6.119  3.695   1.00 20.60 ? 10  VAL B CG1 1 
ATOM   586  C CG2 . VAL B 1 10 ? -16.416 -5.916  1.223   1.00 16.74 ? 10  VAL B CG2 1 
ATOM   587  N N   . THR B 1 11 ? -19.803 -7.472  1.929   1.00 18.62 ? 11  THR B N   1 
ATOM   588  C CA  . THR B 1 11 ? -20.951 -7.380  1.038   1.00 15.73 ? 11  THR B CA  1 
ATOM   589  C C   . THR B 1 11 ? -21.056 -5.975  0.479   1.00 15.36 ? 11  THR B C   1 
ATOM   590  O O   . THR B 1 11 ? -21.061 -5.004  1.235   1.00 19.83 ? 11  THR B O   1 
ATOM   591  C CB  . THR B 1 11 ? -22.261 -7.723  1.768   1.00 20.43 ? 11  THR B CB  1 
ATOM   592  O OG1 . THR B 1 11 ? -22.156 -9.034  2.328   1.00 20.09 ? 11  THR B OG1 1 
ATOM   593  C CG2 . THR B 1 11 ? -23.440 -7.662  0.815   1.00 19.60 ? 11  THR B CG2 1 
ATOM   594  N N   . CYS B 1 12 ? -21.145 -5.867  -0.841  1.00 13.97 ? 12  CYS B N   1 
ATOM   595  C CA  . CYS B 1 12 ? -21.243 -4.568  -1.491  1.00 15.06 ? 12  CYS B CA  1 
ATOM   596  C C   . CYS B 1 12 ? -22.590 -3.887  -1.266  1.00 16.14 ? 12  CYS B C   1 
ATOM   597  O O   . CYS B 1 12 ? -23.610 -4.543  -1.112  1.00 16.06 ? 12  CYS B O   1 
ATOM   598  C CB  . CYS B 1 12 ? -21.002 -4.720  -2.991  1.00 15.96 ? 12  CYS B CB  1 
ATOM   599  S SG  . CYS B 1 12 ? -19.393 -5.438  -3.370  1.00 16.36 ? 12  CYS B SG  1 
ATOM   600  N N   . HIS B 1 13 ? -22.587 -2.557  -1.259  1.00 15.81 ? 13  HIS B N   1 
ATOM   601  C CA  . HIS B 1 13 ? -23.817 -1.799  -1.395  1.00 18.42 ? 13  HIS B CA  1 
ATOM   602  C C   . HIS B 1 13 ? -24.473 -2.200  -2.695  1.00 16.61 ? 13  HIS B C   1 
ATOM   603  O O   . HIS B 1 13 ? -23.792 -2.589  -3.640  1.00 18.62 ? 13  HIS B O   1 
ATOM   604  C CB  . HIS B 1 13 ? -23.561 -0.294  -1.404  1.00 17.65 ? 13  HIS B CB  1 
ATOM   605  C CG  . HIS B 1 13 ? -22.946 0.225   -0.146  1.00 27.92 ? 13  HIS B CG  1 
ATOM   606  N ND1 . HIS B 1 13 ? -22.636 1.558   0.031   1.00 23.86 ? 13  HIS B ND1 1 
ATOM   607  C CD2 . HIS B 1 13 ? -22.583 -0.404  0.996   1.00 25.42 ? 13  HIS B CD2 1 
ATOM   608  C CE1 . HIS B 1 13 ? -22.109 1.725   1.232   1.00 23.98 ? 13  HIS B CE1 1 
ATOM   609  N NE2 . HIS B 1 13 ? -22.066 0.552   1.839   1.00 27.48 ? 13  HIS B NE2 1 
ATOM   610  N N   . ARG B 1 14 ? -25.791 -2.068  -2.764  1.00 18.31 ? 14  ARG B N   1 
ATOM   611  C CA  . ARG B 1 14 ? -26.512 -2.520  -3.946  1.00 21.62 ? 14  ARG B CA  1 
ATOM   612  C C   . ARG B 1 14 ? -26.150 -1.738  -5.210  1.00 24.41 ? 14  ARG B C   1 
ATOM   613  O O   . ARG B 1 14 ? -26.303 -2.254  -6.315  1.00 23.48 ? 14  ARG B O   1 
ATOM   614  C CB  . ARG B 1 14 ? -28.023 -2.459  -3.721  1.00 27.05 ? 14  ARG B CB  1 
ATOM   615  C CG  . ARG B 1 14 ? -28.754 -3.380  -4.691  1.00 56.19 ? 14  ARG B CG  1 
ATOM   616  C CD  . ARG B 1 14 ? -30.250 -3.157  -4.760  1.00 65.41 ? 14  ARG B CD  1 
ATOM   617  N NE  . ARG B 1 14 ? -30.812 -3.906  -5.882  1.00 54.93 ? 14  ARG B NE  1 
ATOM   618  C CZ  . ARG B 1 14 ? -32.098 -4.207  -6.019  1.00 56.25 ? 14  ARG B CZ  1 
ATOM   619  N NH1 . ARG B 1 14 ? -32.508 -4.893  -7.077  1.00 59.05 ? 14  ARG B NH1 1 
ATOM   620  N NH2 . ARG B 1 14 ? -32.971 -3.825  -5.096  1.00 64.97 ? 14  ARG B NH2 1 
ATOM   621  N N   . ASP B 1 15 ? -25.648 -0.514  -5.064  1.00 17.10 ? 15  ASP B N   1 
ATOM   622  C CA  . ASP B 1 15 ? -25.283 0.256   -6.247  1.00 19.23 ? 15  ASP B CA  1 
ATOM   623  C C   . ASP B 1 15 ? -23.836 0.009   -6.677  1.00 21.09 ? 15  ASP B C   1 
ATOM   624  O O   . ASP B 1 15 ? -23.372 0.585   -7.659  1.00 22.92 ? 15  ASP B O   1 
ATOM   625  C CB  . ASP B 1 15 ? -25.522 1.756   -6.030  1.00 21.72 ? 15  ASP B CB  1 
ATOM   626  C CG  . ASP B 1 15 ? -24.588 2.366   -5.011  1.00 24.16 ? 15  ASP B CG  1 
ATOM   627  O OD1 . ASP B 1 15 ? -24.276 1.705   -3.996  1.00 19.76 ? 15  ASP B OD1 1 
ATOM   628  O OD2 . ASP B 1 15 ? -24.169 3.525   -5.231  1.00 23.92 ? 15  ASP B OD2 1 
ATOM   629  N N   A MET B 1 16 ? -23.136 -0.853  -5.945  0.57 15.19 ? 16  MET B N   1 
ATOM   630  N N   B MET B 1 16 ? -23.140 -0.850  -5.941  0.43 15.24 ? 16  MET B N   1 
ATOM   631  C CA  A MET B 1 16 ? -21.781 -1.265  -6.317  0.57 15.41 ? 16  MET B CA  1 
ATOM   632  C CA  B MET B 1 16 ? -21.792 -1.272  -6.312  0.43 15.45 ? 16  MET B CA  1 
ATOM   633  C C   A MET B 1 16 ? -21.796 -2.675  -6.878  0.57 18.13 ? 16  MET B C   1 
ATOM   634  C C   B MET B 1 16 ? -21.849 -2.676  -6.884  0.43 18.13 ? 16  MET B C   1 
ATOM   635  O O   A MET B 1 16 ? -21.899 -3.641  -6.121  0.57 17.14 ? 16  MET B O   1 
ATOM   636  O O   B MET B 1 16 ? -22.046 -3.639  -6.144  0.43 17.14 ? 16  MET B O   1 
ATOM   637  C CB  A MET B 1 16 ? -20.840 -1.209  -5.115  0.57 18.08 ? 16  MET B CB  1 
ATOM   638  C CB  B MET B 1 16 ? -20.859 -1.237  -5.105  0.43 18.04 ? 16  MET B CB  1 
ATOM   639  C CG  A MET B 1 16 ? -20.652 0.174   -4.523  0.57 15.05 ? 16  MET B CG  1 
ATOM   640  C CG  B MET B 1 16 ? -20.859 0.083   -4.360  0.43 15.18 ? 16  MET B CG  1 
ATOM   641  S SD  A MET B 1 16 ? -19.402 0.147   -3.234  0.57 17.41 ? 16  MET B SD  1 
ATOM   642  S SD  B MET B 1 16 ? -20.031 -0.053  -2.773  0.43 18.50 ? 16  MET B SD  1 
ATOM   643  C CE  A MET B 1 16 ? -20.178 -0.895  -2.017  0.57 7.07  ? 16  MET B CE  1 
ATOM   644  C CE  B MET B 1 16 ? -19.846 1.679   -2.355  0.43 12.88 ? 16  MET B CE  1 
ATOM   645  N N   . LYS B 1 17 ? -21.675 -2.793  -8.194  1.00 15.84 ? 17  LYS B N   1 
ATOM   646  C CA  . LYS B 1 17 ? -21.876 -4.070  -8.857  1.00 18.62 ? 17  LYS B CA  1 
ATOM   647  C C   . LYS B 1 17 ? -20.577 -4.746  -9.251  1.00 12.62 ? 17  LYS B C   1 
ATOM   648  O O   . LYS B 1 17 ? -20.591 -5.766  -9.946  1.00 14.20 ? 17  LYS B O   1 
ATOM   649  C CB  . LYS B 1 17 ? -22.768 -3.876  -10.081 1.00 20.41 ? 17  LYS B CB  1 
ATOM   650  C CG  . LYS B 1 17 ? -24.153 -3.375  -9.717  1.00 23.27 ? 17  LYS B CG  1 
ATOM   651  C CD  . LYS B 1 17 ? -25.004 -3.154  -10.951 1.00 39.47 ? 17  LYS B CD  1 
ATOM   652  C CE  . LYS B 1 17 ? -26.481 -3.279  -10.610 1.00 57.04 ? 17  LYS B CE  1 
ATOM   653  N NZ  . LYS B 1 17 ? -26.874 -2.351  -9.515  1.00 42.98 ? 17  LYS B NZ  1 
ATOM   654  N N   . PHE B 1 18 ? -19.459 -4.196  -8.783  1.00 12.12 ? 18  PHE B N   1 
ATOM   655  C CA  . PHE B 1 18 ? -18.147 -4.731  -9.127  1.00 11.27 ? 18  PHE B CA  1 
ATOM   656  C C   . PHE B 1 18 ? -17.262 -4.903  -7.916  1.00 13.69 ? 18  PHE B C   1 
ATOM   657  O O   . PHE B 1 18 ? -17.465 -4.246  -6.896  1.00 14.79 ? 18  PHE B O   1 
ATOM   658  C CB  . PHE B 1 18 ? -17.436 -3.810  -10.128 1.00 15.79 ? 18  PHE B CB  1 
ATOM   659  C CG  . PHE B 1 18 ? -18.227 -3.553  -11.370 1.00 18.22 ? 18  PHE B CG  1 
ATOM   660  C CD1 . PHE B 1 18 ? -19.142 -2.512  -11.420 1.00 17.76 ? 18  PHE B CD1 1 
ATOM   661  C CD2 . PHE B 1 18 ? -18.064 -4.355  -12.483 1.00 21.25 ? 18  PHE B CD2 1 
ATOM   662  C CE1 . PHE B 1 18 ? -19.881 -2.283  -12.561 1.00 17.43 ? 18  PHE B CE1 1 
ATOM   663  C CE2 . PHE B 1 18 ? -18.805 -4.133  -13.627 1.00 24.86 ? 18  PHE B CE2 1 
ATOM   664  C CZ  . PHE B 1 18 ? -19.711 -3.088  -13.666 1.00 23.30 ? 18  PHE B CZ  1 
ATOM   665  N N   . CYS B 1 19 ? -16.285 -5.801  -8.049  1.00 12.22 ? 19  CYS B N   1 
ATOM   666  C CA  . CYS B 1 19 ? -15.138 -5.873  -7.152  1.00 11.30 ? 19  CYS B CA  1 
ATOM   667  C C   . CYS B 1 19 ? -13.935 -5.277  -7.861  1.00 13.24 ? 19  CYS B C   1 
ATOM   668  O O   . CYS B 1 19 ? -13.853 -5.323  -9.078  1.00 14.41 ? 19  CYS B O   1 
ATOM   669  C CB  . CYS B 1 19 ? -14.822 -7.313  -6.756  1.00 13.18 ? 19  CYS B CB  1 
ATOM   670  S SG  . CYS B 1 19 ? -16.127 -8.181  -5.886  1.00 15.18 ? 19  CYS B SG  1 
ATOM   671  N N   . TYR B 1 20 ? -12.990 -4.747  -7.097  1.00 10.66 ? 20  TYR B N   1 
ATOM   672  C CA  . TYR B 1 20 ? -11.831 -4.096  -7.689  1.00 14.89 ? 20  TYR B CA  1 
ATOM   673  C C   . TYR B 1 20 ? -10.564 -4.498  -6.946  1.00 13.65 ? 20  TYR B C   1 
ATOM   674  O O   . TYR B 1 20 ? -10.584 -4.726  -5.737  1.00 11.94 ? 20  TYR B O   1 
ATOM   675  C CB  . TYR B 1 20 ? -12.014 -2.573  -7.666  1.00 16.40 ? 20  TYR B CB  1 
ATOM   676  C CG  . TYR B 1 20 ? -10.898 -1.803  -8.334  1.00 17.60 ? 20  TYR B CG  1 
ATOM   677  C CD1 . TYR B 1 20 ? -9.760  -1.430  -7.624  1.00 16.19 ? 20  TYR B CD1 1 
ATOM   678  C CD2 . TYR B 1 20 ? -10.980 -1.445  -9.670  1.00 20.34 ? 20  TYR B CD2 1 
ATOM   679  C CE1 . TYR B 1 20 ? -8.736  -0.732  -8.237  1.00 17.08 ? 20  TYR B CE1 1 
ATOM   680  C CE2 . TYR B 1 20 ? -9.954  -0.743  -10.288 1.00 21.43 ? 20  TYR B CE2 1 
ATOM   681  C CZ  . TYR B 1 20 ? -8.839  -0.391  -9.563  1.00 20.21 ? 20  TYR B CZ  1 
ATOM   682  O OH  . TYR B 1 20 ? -7.819  0.316   -10.172 1.00 23.24 ? 20  TYR B OH  1 
ATOM   683  N N   . HIS B 1 21 ? -9.462  -4.611  -7.677  1.00 12.06 ? 21  HIS B N   1 
ATOM   684  C CA  . HIS B 1 21 ? -8.162  -4.786  -7.039  1.00 11.77 ? 21  HIS B CA  1 
ATOM   685  C C   . HIS B 1 21 ? -7.080  -4.206  -7.939  1.00 17.86 ? 21  HIS B C   1 
ATOM   686  O O   . HIS B 1 21 ? -6.994  -4.561  -9.107  1.00 17.60 ? 21  HIS B O   1 
ATOM   687  C CB  . HIS B 1 21 ? -7.885  -6.269  -6.764  1.00 15.57 ? 21  HIS B CB  1 
ATOM   688  C CG  . HIS B 1 21 ? -6.675  -6.517  -5.914  1.00 20.25 ? 21  HIS B CG  1 
ATOM   689  N ND1 . HIS B 1 21 ? -6.112  -7.770  -5.767  1.00 22.32 ? 21  HIS B ND1 1 
ATOM   690  C CD2 . HIS B 1 21 ? -5.941  -5.683  -5.137  1.00 22.41 ? 21  HIS B CD2 1 
ATOM   691  C CE1 . HIS B 1 21 ? -5.070  -7.690  -4.956  1.00 28.59 ? 21  HIS B CE1 1 
ATOM   692  N NE2 . HIS B 1 21 ? -4.948  -6.436  -4.558  1.00 24.80 ? 21  HIS B NE2 1 
ATOM   693  N N   . ASN B 1 22 ? -6.262  -3.304  -7.407  1.00 13.45 ? 22  ASN B N   1 
ATOM   694  C CA  . ASN B 1 22 ? -5.113  -2.814  -8.162  1.00 12.37 ? 22  ASN B CA  1 
ATOM   695  C C   . ASN B 1 22 ? -4.060  -2.315  -7.189  1.00 15.00 ? 22  ASN B C   1 
ATOM   696  O O   . ASN B 1 22 ? -4.355  -2.028  -6.034  1.00 14.52 ? 22  ASN B O   1 
ATOM   697  C CB  . ASN B 1 22 ? -5.529  -1.713  -9.128  1.00 16.12 ? 22  ASN B CB  1 
ATOM   698  C CG  . ASN B 1 22 ? -4.571  -1.559  -10.293 1.00 22.21 ? 22  ASN B CG  1 
ATOM   699  O OD1 . ASN B 1 22 ? -3.577  -2.279  -10.401 1.00 20.41 ? 22  ASN B OD1 1 
ATOM   700  N ND2 . ASN B 1 22 ? -4.873  -0.611  -11.177 1.00 26.89 ? 22  ASN B ND2 1 
ATOM   701  N N   . ALA B 1 23 ? -2.817  -2.270  -7.637  1.00 15.69 ? 23  ALA B N   1 
ATOM   702  C CA  . ALA B 1 23 ? -1.755  -1.756  -6.796  1.00 17.18 ? 23  ALA B CA  1 
ATOM   703  C C   . ALA B 1 23 ? -0.839  -0.946  -7.678  1.00 20.82 ? 23  ALA B C   1 
ATOM   704  O O   . ALA B 1 23 ? -0.792  -1.154  -8.894  1.00 20.69 ? 23  ALA B O   1 
ATOM   705  C CB  . ALA B 1 23 ? -1.004  -2.871  -6.106  1.00 19.96 ? 23  ALA B CB  1 
ATOM   706  N N   . GLY B 1 24 ? -0.133  -0.005  -7.076  1.00 17.42 ? 24  GLY B N   1 
ATOM   707  C CA  . GLY B 1 24 ? 0.790   0.809   -7.837  1.00 20.89 ? 24  GLY B CA  1 
ATOM   708  C C   . GLY B 1 24 ? 1.757   1.527   -6.931  1.00 17.65 ? 24  GLY B C   1 
ATOM   709  O O   . GLY B 1 24 ? 1.611   1.512   -5.712  1.00 15.99 ? 24  GLY B O   1 
ATOM   710  N N   A MET B 1 25 ? 2.761   2.146   -7.543  0.39 16.72 ? 25  MET B N   1 
ATOM   711  N N   B MET B 1 25 ? 2.745   2.162   -7.547  0.61 16.65 ? 25  MET B N   1 
ATOM   712  C CA  A MET B 1 25 ? 3.786   2.887   -6.824  0.39 16.81 ? 25  MET B CA  1 
ATOM   713  C CA  B MET B 1 25 ? 3.784   2.891   -6.838  0.61 16.76 ? 25  MET B CA  1 
ATOM   714  C C   A MET B 1 25 ? 3.849   4.317   -7.316  0.39 16.57 ? 25  MET B C   1 
ATOM   715  C C   B MET B 1 25 ? 3.852   4.322   -7.316  0.61 16.53 ? 25  MET B C   1 
ATOM   716  O O   A MET B 1 25 ? 4.607   4.616   -8.236  0.39 17.79 ? 25  MET B O   1 
ATOM   717  O O   B MET B 1 25 ? 4.622   4.626   -8.222  0.61 17.81 ? 25  MET B O   1 
ATOM   718  C CB  A MET B 1 25 ? 5.153   2.235   -7.006  0.39 21.18 ? 25  MET B CB  1 
ATOM   719  C CB  B MET B 1 25 ? 5.144   2.230   -7.055  0.61 21.22 ? 25  MET B CB  1 
ATOM   720  C CG  A MET B 1 25 ? 5.171   0.749   -6.776  0.39 29.01 ? 25  MET B CG  1 
ATOM   721  C CG  B MET B 1 25 ? 5.129   0.743   -6.891  0.61 29.15 ? 25  MET B CG  1 
ATOM   722  S SD  A MET B 1 25 ? 5.282   0.410   -5.024  0.39 29.97 ? 25  MET B SD  1 
ATOM   723  S SD  B MET B 1 25 ? 5.270   0.364   -5.153  0.61 30.49 ? 25  MET B SD  1 
ATOM   724  C CE  A MET B 1 25 ? 5.730   -1.321  -5.049  0.39 18.11 ? 25  MET B CE  1 
ATOM   725  C CE  B MET B 1 25 ? 6.721   1.331   -4.719  0.61 21.11 ? 25  MET B CE  1 
ATOM   726  N N   . PRO B 1 26 ? 3.055   5.208   -6.708  1.00 15.32 ? 26  PRO B N   1 
ATOM   727  C CA  . PRO B 1 26 ? 3.048   6.617   -7.103  1.00 16.75 ? 26  PRO B CA  1 
ATOM   728  C C   . PRO B 1 26 ? 4.404   7.271   -6.911  1.00 20.56 ? 26  PRO B C   1 
ATOM   729  O O   . PRO B 1 26 ? 4.743   8.215   -7.627  1.00 18.18 ? 26  PRO B O   1 
ATOM   730  C CB  . PRO B 1 26 ? 2.017   7.241   -6.168  1.00 17.78 ? 26  PRO B CB  1 
ATOM   731  C CG  . PRO B 1 26 ? 1.134   6.111   -5.757  1.00 21.34 ? 26  PRO B CG  1 
ATOM   732  C CD  . PRO B 1 26 ? 1.990   4.888   -5.737  1.00 14.69 ? 26  PRO B CD  1 
ATOM   733  N N   . PHE B 1 27 ? 5.146   6.782   -5.920  1.00 15.37 ? 27  PHE B N   1 
ATOM   734  C CA  . PHE B 1 27 ? 6.495   7.253   -5.634  1.00 17.30 ? 27  PHE B CA  1 
ATOM   735  C C   . PHE B 1 27 ? 7.302   6.016   -5.246  1.00 18.93 ? 27  PHE B C   1 
ATOM   736  O O   . PHE B 1 27 ? 6.725   4.990   -4.894  1.00 17.61 ? 27  PHE B O   1 
ATOM   737  C CB  . PHE B 1 27 ? 6.502   8.310   -4.522  1.00 22.03 ? 27  PHE B CB  1 
ATOM   738  C CG  . PHE B 1 27 ? 5.526   9.455   -4.752  1.00 17.79 ? 27  PHE B CG  1 
ATOM   739  C CD1 . PHE B 1 27 ? 5.822   10.483  -5.637  1.00 19.29 ? 27  PHE B CD1 1 
ATOM   740  C CD2 . PHE B 1 27 ? 4.311   9.500   -4.080  1.00 19.17 ? 27  PHE B CD2 1 
ATOM   741  C CE1 . PHE B 1 27 ? 4.922   11.516  -5.851  1.00 23.75 ? 27  PHE B CE1 1 
ATOM   742  C CE2 . PHE B 1 27 ? 3.412   10.535  -4.290  1.00 23.33 ? 27  PHE B CE2 1 
ATOM   743  C CZ  . PHE B 1 27 ? 3.719   11.545  -5.178  1.00 28.12 ? 27  PHE B CZ  1 
ATOM   744  N N   . ARG B 1 28 ? 8.628   6.087   -5.317  1.00 22.09 ? 28  ARG B N   1 
ATOM   745  C CA  . ARG B 1 28 ? 9.413   4.866   -5.178  1.00 17.50 ? 28  ARG B CA  1 
ATOM   746  C C   . ARG B 1 28 ? 9.269   4.198   -3.798  1.00 17.92 ? 28  ARG B C   1 
ATOM   747  O O   . ARG B 1 28 ? 9.404   2.981   -3.687  1.00 19.51 ? 28  ARG B O   1 
ATOM   748  C CB  . ARG B 1 28 ? 10.897  5.133   -5.490  1.00 21.41 ? 28  ARG B CB  1 
ATOM   749  C CG  . ARG B 1 28 ? 11.678  5.826   -4.393  1.00 31.32 ? 28  ARG B CG  1 
ATOM   750  C CD  . ARG B 1 28 ? 13.162  5.916   -4.750  1.00 37.91 ? 28  ARG B CD  1 
ATOM   751  N NE  . ARG B 1 28 ? 13.950  6.479   -3.658  1.00 33.00 ? 28  ARG B NE  1 
ATOM   752  C CZ  . ARG B 1 28 ? 13.985  7.771   -3.347  1.00 46.66 ? 28  ARG B CZ  1 
ATOM   753  N NH1 . ARG B 1 28 ? 13.279  8.643   -4.056  1.00 34.33 ? 28  ARG B NH1 1 
ATOM   754  N NH2 . ARG B 1 28 ? 14.729  8.192   -2.329  1.00 30.09 ? 28  ARG B NH2 1 
ATOM   755  N N   A ASN B 1 29 ? 8.983   4.980   -2.760  0.55 18.49 ? 29  ASN B N   1 
ATOM   756  N N   B ASN B 1 29 ? 8.982   4.991   -2.766  0.45 18.49 ? 29  ASN B N   1 
ATOM   757  C CA  A ASN B 1 29 ? 8.809   4.411   -1.425  0.55 15.05 ? 29  ASN B CA  1 
ATOM   758  C CA  B ASN B 1 29 ? 8.818   4.453   -1.420  0.45 15.09 ? 29  ASN B CA  1 
ATOM   759  C C   A ASN B 1 29 ? 7.344   4.212   -1.034  0.55 12.76 ? 29  ASN B C   1 
ATOM   760  C C   B ASN B 1 29 ? 7.351   4.300   -1.006  0.45 12.75 ? 29  ASN B C   1 
ATOM   761  O O   A ASN B 1 29 ? 7.049   3.696   0.041   0.55 13.28 ? 29  ASN B O   1 
ATOM   762  O O   B ASN B 1 29 ? 7.064   3.904   0.121   0.45 13.33 ? 29  ASN B O   1 
ATOM   763  C CB  A ASN B 1 29 ? 9.499   5.292   -0.381  0.55 18.80 ? 29  ASN B CB  1 
ATOM   764  C CB  B ASN B 1 29 ? 9.545   5.340   -0.401  0.45 18.81 ? 29  ASN B CB  1 
ATOM   765  C CG  A ASN B 1 29 ? 9.258   6.769   -0.616  0.55 23.10 ? 29  ASN B CG  1 
ATOM   766  C CG  B ASN B 1 29 ? 11.058  5.247   -0.514  0.45 16.25 ? 29  ASN B CG  1 
ATOM   767  O OD1 A ASN B 1 29 ? 8.375   7.151   -1.382  0.55 19.27 ? 29  ASN B OD1 1 
ATOM   768  O OD1 B ASN B 1 29 ? 11.607  4.195   -0.826  0.45 23.98 ? 29  ASN B OD1 1 
ATOM   769  N ND2 A ASN B 1 29 ? 10.052  7.610   0.037   0.55 25.91 ? 29  ASN B ND2 1 
ATOM   770  N ND2 B ASN B 1 29 ? 11.737  6.361   -0.269  0.45 28.98 ? 29  ASN B ND2 1 
ATOM   771  N N   . LEU B 1 30 ? 6.428   4.606   -1.914  1.00 13.79 ? 30  LEU B N   1 
ATOM   772  C CA  . LEU B 1 30 ? 5.000   4.555   -1.585  1.00 11.54 ? 30  LEU B CA  1 
ATOM   773  C C   . LEU B 1 30 ? 4.257   3.540   -2.430  1.00 14.46 ? 30  LEU B C   1 
ATOM   774  O O   . LEU B 1 30 ? 4.244   3.648   -3.646  1.00 15.46 ? 30  LEU B O   1 
ATOM   775  C CB  . LEU B 1 30 ? 4.374   5.942   -1.765  1.00 9.57  ? 30  LEU B CB  1 
ATOM   776  C CG  . LEU B 1 30 ? 2.872   5.985   -1.453  1.00 15.41 ? 30  LEU B CG  1 
ATOM   777  C CD1 . LEU B 1 30 ? 2.653   5.628   0.016   1.00 14.87 ? 30  LEU B CD1 1 
ATOM   778  C CD2 . LEU B 1 30 ? 2.301   7.362   -1.751  1.00 17.78 ? 30  LEU B CD2 1 
ATOM   779  N N   . LYS B 1 31 ? 3.654   2.548   -1.784  1.00 12.28 ? 31  LYS B N   1 
ATOM   780  C CA  . LYS B 1 31 ? 2.797   1.586   -2.466  1.00 10.25 ? 31  LYS B CA  1 
ATOM   781  C C   . LYS B 1 31 ? 1.345   1.862   -2.109  1.00 15.12 ? 31  LYS B C   1 
ATOM   782  O O   . LYS B 1 31 ? 1.008   2.089   -0.945  1.00 12.20 ? 31  LYS B O   1 
ATOM   783  C CB  . LYS B 1 31 ? 3.173   0.156   -2.088  1.00 15.99 ? 31  LYS B CB  1 
ATOM   784  C CG  . LYS B 1 31 ? 2.373   -0.900  -2.834  1.00 17.55 ? 31  LYS B CG  1 
ATOM   785  C CD  . LYS B 1 31 ? 2.939   -2.282  -2.545  1.00 22.18 ? 31  LYS B CD  1 
ATOM   786  C CE  . LYS B 1 31 ? 2.222   -3.357  -3.323  1.00 29.78 ? 31  LYS B CE  1 
ATOM   787  N NZ  . LYS B 1 31 ? 2.796   -4.707  -3.046  1.00 40.34 ? 31  LYS B NZ  1 
ATOM   788  N N   . LEU B 1 32 ? 0.499   1.880   -3.129  1.00 12.12 ? 32  LEU B N   1 
ATOM   789  C CA  . LEU B 1 32 ? -0.934  2.090   -2.962  1.00 9.63  ? 32  LEU B CA  1 
ATOM   790  C C   . LEU B 1 32 ? -1.637  0.799   -3.347  1.00 17.69 ? 32  LEU B C   1 
ATOM   791  O O   . LEU B 1 32 ? -1.381  0.259   -4.419  1.00 15.17 ? 32  LEU B O   1 
ATOM   792  C CB  . LEU B 1 32 ? -1.393  3.237   -3.856  1.00 12.99 ? 32  LEU B CB  1 
ATOM   793  C CG  . LEU B 1 32 ? -2.853  3.653   -3.863  1.00 24.06 ? 32  LEU B CG  1 
ATOM   794  C CD1 . LEU B 1 32 ? -2.924  5.143   -4.167  1.00 23.86 ? 32  LEU B CD1 1 
ATOM   795  C CD2 . LEU B 1 32 ? -3.625  2.855   -4.898  1.00 25.21 ? 32  LEU B CD2 1 
ATOM   796  N N   . ILE B 1 33 ? -2.496  0.287   -2.473  1.00 14.44 ? 33  ILE B N   1 
ATOM   797  C CA  . ILE B 1 33 ? -3.283  -0.895  -2.811  1.00 11.91 ? 33  ILE B CA  1 
ATOM   798  C C   . ILE B 1 33 ? -4.763  -0.583  -2.646  1.00 13.55 ? 33  ILE B C   1 
ATOM   799  O O   . ILE B 1 33 ? -5.209  -0.242  -1.552  1.00 15.20 ? 33  ILE B O   1 
ATOM   800  C CB  . ILE B 1 33 ? -2.910  -2.102  -1.943  1.00 14.27 ? 33  ILE B CB  1 
ATOM   801  C CG1 . ILE B 1 33 ? -1.403  -2.358  -1.992  1.00 17.83 ? 33  ILE B CG1 1 
ATOM   802  C CG2 . ILE B 1 33 ? -3.663  -3.346  -2.433  1.00 15.79 ? 33  ILE B CG2 1 
ATOM   803  C CD1 . ILE B 1 33 ? -0.921  -3.340  -0.956  1.00 21.64 ? 33  ILE B CD1 1 
ATOM   804  N N   A LEU B 1 34 ? -5.531  -0.716  -3.726  0.60 12.45 ? 34  LEU B N   1 
ATOM   805  N N   B LEU B 1 34 ? -5.494  -0.674  -3.751  0.40 12.49 ? 34  LEU B N   1 
ATOM   806  C CA  A LEU B 1 34 ? -6.969  -0.428  -3.713  0.60 12.42 ? 34  LEU B CA  1 
ATOM   807  C CA  B LEU B 1 34 ? -6.935  -0.516  -3.743  0.40 12.52 ? 34  LEU B CA  1 
ATOM   808  C C   A LEU B 1 34 ? -7.764  -1.715  -3.951  0.60 13.11 ? 34  LEU B C   1 
ATOM   809  C C   B LEU B 1 34 ? -7.552  -1.899  -3.811  0.40 14.51 ? 34  LEU B C   1 
ATOM   810  O O   A LEU B 1 34 ? -7.673  -2.303  -5.029  0.60 11.08 ? 34  LEU B O   1 
ATOM   811  O O   B LEU B 1 34 ? -7.147  -2.731  -4.624  0.40 10.19 ? 34  LEU B O   1 
ATOM   812  C CB  A LEU B 1 34 ? -7.309  0.627   -4.773  0.60 12.64 ? 34  LEU B CB  1 
ATOM   813  C CB  B LEU B 1 34 ? -7.399  0.344   -4.917  0.40 13.75 ? 34  LEU B CB  1 
ATOM   814  C CG  A LEU B 1 34 ? -8.764  1.061   -4.938  0.60 12.02 ? 34  LEU B CG  1 
ATOM   815  C CG  B LEU B 1 34 ? -7.736  1.799   -4.612  0.40 15.31 ? 34  LEU B CG  1 
ATOM   816  C CD1 A LEU B 1 34 ? -9.265  1.743   -3.679  0.60 12.91 ? 34  LEU B CD1 1 
ATOM   817  C CD1 B LEU B 1 34 ? -8.393  2.448   -5.816  0.40 21.37 ? 34  LEU B CD1 1 
ATOM   818  C CD2 A LEU B 1 34 ? -8.924  1.988   -6.133  0.60 21.73 ? 34  LEU B CD2 1 
ATOM   819  C CD2 B LEU B 1 34 ? -8.645  1.883   -3.397  0.40 13.59 ? 34  LEU B CD2 1 
ATOM   820  N N   . GLN B 1 35 ? -8.513  -2.165  -2.940  1.00 14.34 ? 35  GLN B N   1 
ATOM   821  C CA  . GLN B 1 35 ? -9.213  -3.451  -3.011  1.00 13.95 ? 35  GLN B CA  1 
ATOM   822  C C   . GLN B 1 35 ? -10.527 -3.411  -2.265  1.00 15.02 ? 35  GLN B C   1 
ATOM   823  O O   . GLN B 1 35 ? -10.555 -3.105  -1.079  1.00 15.47 ? 35  GLN B O   1 
ATOM   824  C CB  . GLN B 1 35 ? -8.360  -4.576  -2.440  1.00 13.51 ? 35  GLN B CB  1 
ATOM   825  C CG  . GLN B 1 35 ? -8.967  -5.961  -2.675  1.00 15.23 ? 35  GLN B CG  1 
ATOM   826  C CD  . GLN B 1 35 ? -8.182  -7.073  -2.032  1.00 17.74 ? 35  GLN B CD  1 
ATOM   827  O OE1 . GLN B 1 35 ? -7.841  -7.015  -0.849  1.00 21.45 ? 35  GLN B OE1 1 
ATOM   828  N NE2 . GLN B 1 35 ? -7.891  -8.109  -2.811  1.00 15.74 ? 35  GLN B NE2 1 
ATOM   829  N N   . GLY B 1 36 ? -11.607 -3.747  -2.964  1.00 12.84 ? 36  GLY B N   1 
ATOM   830  C CA  . GLY B 1 36 ? -12.920 -3.807  -2.342  1.00 14.21 ? 36  GLY B CA  1 
ATOM   831  C C   . GLY B 1 36 ? -14.033 -3.666  -3.362  1.00 15.02 ? 36  GLY B C   1 
ATOM   832  O O   . GLY B 1 36 ? -13.827 -3.849  -4.564  1.00 12.10 ? 36  GLY B O   1 
ATOM   833  N N   . CYS B 1 37 ? -15.223 -3.343  -2.873  1.00 12.53 ? 37  CYS B N   1 
ATOM   834  C CA  . CYS B 1 37 ? -16.374 -3.123  -3.733  1.00 10.08 ? 37  CYS B CA  1 
ATOM   835  C C   . CYS B 1 37 ? -16.227 -1.862  -4.563  1.00 14.33 ? 37  CYS B C   1 
ATOM   836  O O   . CYS B 1 37 ? -15.564 -0.907  -4.142  1.00 19.09 ? 37  CYS B O   1 
ATOM   837  C CB  . CYS B 1 37 ? -17.642 -3.036  -2.894  1.00 15.20 ? 37  CYS B CB  1 
ATOM   838  S SG  . CYS B 1 37 ? -18.043 -4.585  -2.086  1.00 16.76 ? 37  CYS B SG  1 
ATOM   839  N N   . SER B 1 38 ? -16.877 -1.825  -5.716  1.00 14.52 ? 38  SER B N   1 
ATOM   840  C CA  . SER B 1 38 ? -16.676 -0.701  -6.617  1.00 18.65 ? 38  SER B CA  1 
ATOM   841  C C   . SER B 1 38 ? -17.830 -0.500  -7.592  1.00 17.50 ? 38  SER B C   1 
ATOM   842  O O   . SER B 1 38 ? -18.607 -1.424  -7.880  1.00 16.14 ? 38  SER B O   1 
ATOM   843  C CB  . SER B 1 38 ? -15.361 -0.903  -7.395  1.00 16.83 ? 38  SER B CB  1 
ATOM   844  O OG  . SER B 1 38 ? -15.146 0.148   -8.318  1.00 28.69 ? 38  SER B OG  1 
ATOM   845  N N   . SER B 1 39 ? -17.940 0.721   -8.105  1.00 21.71 ? 39  SER B N   1 
ATOM   846  C CA  . SER B 1 39 ? -18.755 0.973   -9.276  1.00 20.11 ? 39  SER B CA  1 
ATOM   847  C C   . SER B 1 39 ? -17.896 0.661   -10.488 1.00 22.20 ? 39  SER B C   1 
ATOM   848  O O   . SER B 1 39 ? -16.739 0.261   -10.343 1.00 22.74 ? 39  SER B O   1 
ATOM   849  C CB  . SER B 1 39 ? -19.252 2.422   -9.307  1.00 23.33 ? 39  SER B CB  1 
ATOM   850  O OG  . SER B 1 39 ? -18.212 3.305   -8.914  1.00 26.00 ? 39  SER B OG  1 
ATOM   851  N N   . SER B 1 40 ? -18.457 0.853   -11.675 1.00 18.19 ? 40  SER B N   1 
ATOM   852  C CA  . SER B 1 40 ? -17.788 0.492   -12.920 1.00 22.70 ? 40  SER B CA  1 
ATOM   853  C C   . SER B 1 40 ? -16.426 1.145   -13.078 1.00 21.87 ? 40  SER B C   1 
ATOM   854  O O   . SER B 1 40 ? -16.203 2.285   -12.664 1.00 25.53 ? 40  SER B O   1 
ATOM   855  C CB  . SER B 1 40 ? -18.671 0.854   -14.112 1.00 23.63 ? 40  SER B CB  1 
ATOM   856  O OG  . SER B 1 40 ? -18.976 2.239   -14.112 1.00 23.56 ? 40  SER B OG  1 
ATOM   857  N N   . CYS B 1 41 ? -15.511 0.404   -13.680 1.00 19.21 ? 41  CYS B N   1 
ATOM   858  C CA  . CYS B 1 41 ? -14.168 0.900   -13.918 1.00 20.32 ? 41  CYS B CA  1 
ATOM   859  C C   . CYS B 1 41 ? -14.109 1.882   -15.068 1.00 27.50 ? 41  CYS B C   1 
ATOM   860  O O   . CYS B 1 41 ? -15.008 1.929   -15.914 1.00 23.98 ? 41  CYS B O   1 
ATOM   861  C CB  . CYS B 1 41 ? -13.223 -0.261  -14.220 1.00 22.16 ? 41  CYS B CB  1 
ATOM   862  S SG  . CYS B 1 41 ? -12.635 -1.116  -12.766 1.00 25.91 ? 41  CYS B SG  1 
ATOM   863  N N   . SER B 1 42 ? -13.029 2.652   -15.105 1.00 24.05 ? 42  SER B N   1 
ATOM   864  C CA  . SER B 1 42 ? -12.681 3.385   -16.306 1.00 23.47 ? 42  SER B CA  1 
ATOM   865  C C   . SER B 1 42 ? -12.473 2.371   -17.420 1.00 28.20 ? 42  SER B C   1 
ATOM   866  O O   . SER B 1 42 ? -12.180 1.203   -17.152 1.00 26.66 ? 42  SER B O   1 
ATOM   867  C CB  . SER B 1 42 ? -11.423 4.222   -16.086 1.00 27.16 ? 42  SER B CB  1 
ATOM   868  O OG  . SER B 1 42 ? -10.276 3.394   -16.001 1.00 32.19 ? 42  SER B OG  1 
ATOM   869  N N   . GLU B 1 43 ? -12.633 2.802   -18.665 1.00 25.70 ? 43  GLU B N   1 
ATOM   870  C CA  . GLU B 1 43 ? -12.488 1.890   -19.793 1.00 41.80 ? 43  GLU B CA  1 
ATOM   871  C C   . GLU B 1 43 ? -11.133 1.176   -19.807 1.00 36.42 ? 43  GLU B C   1 
ATOM   872  O O   . GLU B 1 43 ? -11.066 -0.029  -20.056 1.00 36.70 ? 43  GLU B O   1 
ATOM   873  C CB  . GLU B 1 43 ? -12.702 2.641   -21.110 1.00 40.17 ? 43  GLU B CB  1 
ATOM   874  C CG  . GLU B 1 43 ? -12.506 1.789   -22.361 1.00 48.03 ? 43  GLU B CG  1 
ATOM   875  C CD  . GLU B 1 43 ? -13.218 0.444   -22.294 1.00 59.11 ? 43  GLU B CD  1 
ATOM   876  O OE1 . GLU B 1 43 ? -14.346 0.384   -21.756 1.00 56.14 ? 43  GLU B OE1 1 
ATOM   877  O OE2 . GLU B 1 43 ? -12.644 -0.555  -22.788 1.00 47.24 ? 43  GLU B OE2 1 
ATOM   878  N N   . THR B 1 44 ? -10.056 1.901   -19.516 1.00 29.95 ? 44  THR B N   1 
ATOM   879  C CA  . THR B 1 44 ? -8.723  1.305   -19.585 1.00 29.97 ? 44  THR B CA  1 
ATOM   880  C C   . THR B 1 44 ? -8.436  0.374   -18.408 1.00 39.90 ? 44  THR B C   1 
ATOM   881  O O   . THR B 1 44 ? -7.497  -0.420  -18.451 1.00 40.97 ? 44  THR B O   1 
ATOM   882  C CB  . THR B 1 44 ? -7.625  2.377   -19.635 1.00 33.21 ? 44  THR B CB  1 
ATOM   883  O OG1 . THR B 1 44 ? -7.667  3.147   -18.430 1.00 35.80 ? 44  THR B OG1 1 
ATOM   884  C CG2 . THR B 1 44 ? -7.834  3.295   -20.830 1.00 30.69 ? 44  THR B CG2 1 
ATOM   885  N N   . GLU B 1 45 ? -9.240  0.474   -17.356 1.00 26.54 ? 45  GLU B N   1 
ATOM   886  C CA  . GLU B 1 45 ? -9.065  -0.390  -16.191 1.00 33.88 ? 45  GLU B CA  1 
ATOM   887  C C   . GLU B 1 45 ? -10.138 -1.466  -16.102 1.00 31.50 ? 45  GLU B C   1 
ATOM   888  O O   . GLU B 1 45 ? -10.383 -2.007  -15.029 1.00 27.22 ? 45  GLU B O   1 
ATOM   889  C CB  . GLU B 1 45 ? -9.072  0.428   -14.894 1.00 30.81 ? 45  GLU B CB  1 
ATOM   890  C CG  . GLU B 1 45 ? -7.750  1.098   -14.568 1.00 37.16 ? 45  GLU B CG  1 
ATOM   891  C CD  . GLU B 1 45 ? -7.607  1.412   -13.089 1.00 41.67 ? 45  GLU B CD  1 
ATOM   892  O OE1 . GLU B 1 45 ? -8.639  1.442   -12.378 1.00 34.47 ? 45  GLU B OE1 1 
ATOM   893  O OE2 . GLU B 1 45 ? -6.459  1.621   -12.635 1.00 31.82 ? 45  GLU B OE2 1 
ATOM   894  N N   . ASN B 1 46 ? -10.766 -1.785  -17.231 1.00 32.53 ? 46  ASN B N   1 
ATOM   895  C CA  . ASN B 1 46 ? -11.901 -2.702  -17.226 1.00 34.20 ? 46  ASN B CA  1 
ATOM   896  C C   . ASN B 1 46 ? -11.543 -4.091  -16.685 1.00 34.85 ? 46  ASN B C   1 
ATOM   897  O O   . ASN B 1 46 ? -12.416 -4.815  -16.205 1.00 40.40 ? 46  ASN B O   1 
ATOM   898  C CB  . ASN B 1 46 ? -12.494 -2.820  -18.635 1.00 36.85 ? 46  ASN B CB  1 
ATOM   899  C CG  . ASN B 1 46 ? -11.611 -3.623  -19.572 1.00 44.55 ? 46  ASN B CG  1 
ATOM   900  O OD1 . ASN B 1 46 ? -11.811 -4.826  -19.751 1.00 49.16 ? 46  ASN B OD1 1 
ATOM   901  N ND2 . ASN B 1 46 ? -10.628 -2.963  -20.173 1.00 41.19 ? 46  ASN B ND2 1 
ATOM   902  N N   . ASN B 1 47 ? -10.265 -4.455  -16.749 1.00 27.69 ? 47  ASN B N   1 
ATOM   903  C CA  . ASN B 1 47 ? -9.830  -5.764  -16.265 1.00 27.87 ? 47  ASN B CA  1 
ATOM   904  C C   . ASN B 1 47 ? -9.409  -5.729  -14.797 1.00 30.90 ? 47  ASN B C   1 
ATOM   905  O O   . ASN B 1 47 ? -8.983  -6.739  -14.240 1.00 29.49 ? 47  ASN B O   1 
ATOM   906  C CB  . ASN B 1 47 ? -8.680  -6.302  -17.127 1.00 41.71 ? 47  ASN B CB  1 
ATOM   907  C CG  . ASN B 1 47 ? -7.419  -5.476  -17.001 1.00 47.21 ? 47  ASN B CG  1 
ATOM   908  O OD1 . ASN B 1 47 ? -7.472  -4.271  -16.744 1.00 47.93 ? 47  ASN B OD1 1 
ATOM   909  N ND2 . ASN B 1 47 ? -6.269  -6.120  -17.188 1.00 51.48 ? 47  ASN B ND2 1 
ATOM   910  N N   . LYS B 1 48 ? -9.525  -4.564  -14.169 1.00 23.37 ? 48  LYS B N   1 
ATOM   911  C CA  . LYS B 1 48 ? -9.274  -4.468  -12.734 1.00 18.95 ? 48  LYS B CA  1 
ATOM   912  C C   . LYS B 1 48 ? -10.583 -4.632  -11.977 1.00 19.40 ? 48  LYS B C   1 
ATOM   913  O O   . LYS B 1 48 ? -10.579 -4.861  -10.761 1.00 22.06 ? 48  LYS B O   1 
ATOM   914  C CB  . LYS B 1 48 ? -8.606  -3.136  -12.383 1.00 22.94 ? 48  LYS B CB  1 
ATOM   915  C CG  . LYS B 1 48 ? -7.264  -2.919  -13.075 1.00 25.13 ? 48  LYS B CG  1 
ATOM   916  C CD  . LYS B 1 48 ? -6.272  -4.015  -12.710 1.00 33.33 ? 48  LYS B CD  1 
ATOM   917  C CE  . LYS B 1 48 ? -4.854  -3.654  -13.148 1.00 31.03 ? 48  LYS B CE  1 
ATOM   918  N NZ  . LYS B 1 48 ? -3.902  -4.746  -12.802 1.00 40.57 ? 48  LYS B NZ  1 
ATOM   919  N N   . CYS B 1 49 ? -11.690 -4.492  -12.707 1.00 20.42 ? 49  CYS B N   1 
ATOM   920  C CA  . CYS B 1 49 ? -13.038 -4.698  -12.181 1.00 19.73 ? 49  CYS B CA  1 
ATOM   921  C C   . CYS B 1 49 ? -13.515 -6.087  -12.567 1.00 27.19 ? 49  CYS B C   1 
ATOM   922  O O   . CYS B 1 49 ? -13.190 -6.584  -13.645 1.00 21.61 ? 49  CYS B O   1 
ATOM   923  C CB  . CYS B 1 49 ? -14.024 -3.660  -12.723 1.00 18.22 ? 49  CYS B CB  1 
ATOM   924  S SG  . CYS B 1 49 ? -14.117 -2.117  -11.809 1.00 22.89 ? 49  CYS B SG  1 
ATOM   925  N N   . CYS B 1 50 ? -14.280 -6.710  -11.682 1.00 16.34 ? 50  CYS B N   1 
ATOM   926  C CA  . CYS B 1 50 ? -14.945 -7.975  -12.002 1.00 15.14 ? 50  CYS B CA  1 
ATOM   927  C C   . CYS B 1 50 ? -16.256 -7.980  -11.241 1.00 15.98 ? 50  CYS B C   1 
ATOM   928  O O   . CYS B 1 50 ? -16.433 -7.203  -10.305 1.00 16.28 ? 50  CYS B O   1 
ATOM   929  C CB  . CYS B 1 50 ? -14.064 -9.169  -11.639 1.00 15.48 ? 50  CYS B CB  1 
ATOM   930  S SG  . CYS B 1 50 ? -13.350 -9.077  -9.971  1.00 21.37 ? 50  CYS B SG  1 
ATOM   931  N N   A SER B 1 51 ? -17.183 -8.846  -11.632 0.49 16.28 ? 51  SER B N   1 
ATOM   932  N N   B SER B 1 51 ? -17.180 -8.853  -11.631 0.51 16.28 ? 51  SER B N   1 
ATOM   933  C CA  A SER B 1 51 ? -18.517 -8.789  -11.046 0.49 17.67 ? 51  SER B CA  1 
ATOM   934  C CA  B SER B 1 51 ? -18.532 -8.800  -11.072 0.51 17.67 ? 51  SER B CA  1 
ATOM   935  C C   A SER B 1 51 ? -19.029 -10.129 -10.531 0.49 15.11 ? 51  SER B C   1 
ATOM   936  C C   B SER B 1 51 ? -19.033 -10.099 -10.452 0.51 15.12 ? 51  SER B C   1 
ATOM   937  O O   A SER B 1 51 ? -20.231 -10.377 -10.546 0.49 16.39 ? 51  SER B O   1 
ATOM   938  O O   B SER B 1 51 ? -20.238 -10.290 -10.311 0.51 16.15 ? 51  SER B O   1 
ATOM   939  C CB  A SER B 1 51 ? -19.504 -8.223  -12.067 0.49 23.91 ? 51  SER B CB  1 
ATOM   940  C CB  B SER B 1 51 ? -19.522 -8.365  -12.149 0.51 23.85 ? 51  SER B CB  1 
ATOM   941  O OG  A SER B 1 51 ? -19.380 -8.882  -13.313 0.49 21.22 ? 51  SER B OG  1 
ATOM   942  O OG  B SER B 1 51 ? -19.398 -6.982  -12.419 0.51 21.67 ? 51  SER B OG  1 
ATOM   943  N N   . THR B 1 52 ? -18.125 -10.986 -10.069 1.00 16.20 ? 52  THR B N   1 
ATOM   944  C CA  . THR B 1 52 ? -18.541 -12.218 -9.412  1.00 19.28 ? 52  THR B CA  1 
ATOM   945  C C   . THR B 1 52 ? -17.945 -12.272 -8.011  1.00 17.61 ? 52  THR B C   1 
ATOM   946  O O   . THR B 1 52 ? -16.930 -11.633 -7.739  1.00 17.55 ? 52  THR B O   1 
ATOM   947  C CB  . THR B 1 52 ? -18.150 -13.469 -10.234 1.00 17.02 ? 52  THR B CB  1 
ATOM   948  O OG1 . THR B 1 52 ? -16.723 -13.547 -10.339 1.00 17.98 ? 52  THR B OG1 1 
ATOM   949  C CG2 . THR B 1 52 ? -18.740 -13.380 -11.629 1.00 17.00 ? 52  THR B CG2 1 
ATOM   950  N N   . ASP B 1 53 ? -18.592 -12.997 -7.107  1.00 15.79 ? 53  ASP B N   1 
ATOM   951  C CA  . ASP B 1 53 ? -18.152 -13.015 -5.716  1.00 14.91 ? 53  ASP B CA  1 
ATOM   952  C C   . ASP B 1 53 ? -16.675 -13.358 -5.580  1.00 17.52 ? 53  ASP B C   1 
ATOM   953  O O   . ASP B 1 53 ? -16.194 -14.305 -6.212  1.00 18.67 ? 53  ASP B O   1 
ATOM   954  C CB  . ASP B 1 53 ? -18.956 -14.019 -4.889  1.00 16.97 ? 53  ASP B CB  1 
ATOM   955  C CG  . ASP B 1 53 ? -20.400 -13.626 -4.729  1.00 21.26 ? 53  ASP B CG  1 
ATOM   956  O OD1 . ASP B 1 53 ? -20.720 -12.424 -4.843  1.00 17.53 ? 53  ASP B OD1 1 
ATOM   957  O OD2 . ASP B 1 53 ? -21.222 -14.532 -4.472  1.00 16.26 ? 53  ASP B OD2 1 
ATOM   958  N N   . ARG B 1 54 ? -15.973 -12.578 -4.762  1.00 13.07 ? 54  ARG B N   1 
ATOM   959  C CA  . ARG B 1 54 ? -14.569 -12.828 -4.429  1.00 16.09 ? 54  ARG B CA  1 
ATOM   960  C C   . ARG B 1 54 ? -13.644 -12.863 -5.643  1.00 17.59 ? 54  ARG B C   1 
ATOM   961  O O   . ARG B 1 54 ? -12.571 -13.466 -5.596  1.00 23.37 ? 54  ARG B O   1 
ATOM   962  C CB  . ARG B 1 54 ? -14.445 -14.150 -3.656  1.00 21.20 ? 54  ARG B CB  1 
ATOM   963  C CG  . ARG B 1 54 ? -14.972 -14.089 -2.240  1.00 23.18 ? 54  ARG B CG  1 
ATOM   964  C CD  . ARG B 1 54 ? -15.068 -15.494 -1.618  1.00 27.49 ? 54  ARG B CD  1 
ATOM   965  N NE  . ARG B 1 54 ? -16.170 -15.558 -0.662  1.00 47.27 ? 54  ARG B NE  1 
ATOM   966  C CZ  . ARG B 1 54 ? -17.421 -15.889 -0.975  1.00 47.08 ? 54  ARG B CZ  1 
ATOM   967  N NH1 . ARG B 1 54 ? -17.744 -16.208 -2.220  1.00 37.09 ? 54  ARG B NH1 1 
ATOM   968  N NH2 . ARG B 1 54 ? -18.353 -15.910 -0.032  1.00 50.67 ? 54  ARG B NH2 1 
ATOM   969  N N   . CYS B 1 55 ? -14.031 -12.207 -6.727  1.00 14.97 ? 55  CYS B N   1 
ATOM   970  C CA  . CYS B 1 55 ? -13.249 -12.295 -7.943  1.00 16.12 ? 55  CYS B CA  1 
ATOM   971  C C   . CYS B 1 55 ? -11.975 -11.462 -7.860  1.00 17.66 ? 55  CYS B C   1 
ATOM   972  O O   . CYS B 1 55 ? -11.058 -11.662 -8.649  1.00 17.25 ? 55  CYS B O   1 
ATOM   973  C CB  . CYS B 1 55 ? -14.079 -11.850 -9.150  1.00 18.19 ? 55  CYS B CB  1 
ATOM   974  S SG  . CYS B 1 55 ? -14.765 -10.169 -9.014  1.00 16.88 ? 55  CYS B SG  1 
ATOM   975  N N   . ASN B 1 56 ? -11.919 -10.536 -6.907  1.00 15.43 ? 56  ASN B N   1 
ATOM   976  C CA  . ASN B 1 56 ? -10.803 -9.590  -6.848  1.00 12.68 ? 56  ASN B CA  1 
ATOM   977  C C   . ASN B 1 56 ? -9.700  -10.009 -5.875  1.00 18.91 ? 56  ASN B C   1 
ATOM   978  O O   . ASN B 1 56 ? -9.052  -9.170  -5.260  1.00 17.27 ? 56  ASN B O   1 
ATOM   979  C CB  . ASN B 1 56 ? -11.332 -8.191  -6.475  1.00 14.75 ? 56  ASN B CB  1 
ATOM   980  C CG  . ASN B 1 56 ? -11.884 -8.128  -5.062  1.00 15.62 ? 56  ASN B CG  1 
ATOM   981  O OD1 . ASN B 1 56 ? -12.433 -9.100  -4.558  1.00 13.83 ? 56  ASN B OD1 1 
ATOM   982  N ND2 . ASN B 1 56 ? -11.735 -6.968  -4.411  1.00 11.25 ? 56  ASN B ND2 1 
ATOM   983  N N   . LYS B 1 57 ? -9.477  -11.316 -5.741  0.99 24.43 ? 57  LYS B N   1 
ATOM   984  C CA  . LYS B 1 57 ? -8.465  -11.807 -4.813  0.99 30.37 ? 57  LYS B CA  1 
ATOM   985  C C   . LYS B 1 57 ? -7.072  -11.382 -5.263  0.99 34.15 ? 57  LYS B C   1 
ATOM   986  O O   . LYS B 1 57 ? -6.841  -11.138 -6.444  0.99 47.71 ? 57  LYS B O   1 
ATOM   987  C CB  . LYS B 1 57 ? -8.532  -13.330 -4.682  0.99 32.05 ? 57  LYS B CB  1 
ATOM   988  C CG  . LYS B 1 57 ? -7.938  -13.852 -3.381  0.99 45.19 ? 57  LYS B CG  1 
ATOM   989  C CD  . LYS B 1 57 ? -8.079  -15.360 -3.261  0.99 47.86 ? 57  LYS B CD  1 
ATOM   990  C CE  . LYS B 1 57 ? -7.662  -15.836 -1.879  0.99 57.43 ? 57  LYS B CE  1 
ATOM   991  N NZ  . LYS B 1 57 ? -6.387  -15.209 -1.432  0.99 55.78 ? 57  LYS B NZ  1 
ATOM   992  O OXT . LYS B 1 57 ? -6.158  -11.261 -4.449  0.99 40.84 ? 57  LYS B OXT 1 
HETATM 993  I I   . IOD C 2 .  ? 25.946  -0.287  3.030   0.52 28.39 ? 101 IOD A I   1 
HETATM 994  I I   . IOD D 2 .  ? -2.794  -0.411  7.792   0.54 36.55 ? 102 IOD A I   1 
HETATM 995  I I   . IOD E 2 .  ? 13.445  11.413  3.361   0.45 16.59 ? 103 IOD A I   1 
HETATM 996  I I   . IOD F 2 .  ? 0.428   13.219  18.353  0.71 24.08 ? 104 IOD A I   1 
HETATM 997  C C1  . EDO G 3 .  ? 8.914   -5.898  1.734   1.00 33.84 ? 105 EDO A C1  1 
HETATM 998  O O1  . EDO G 3 .  ? 9.722   -4.815  1.255   1.00 23.23 ? 105 EDO A O1  1 
HETATM 999  C C2  . EDO G 3 .  ? 9.481   -6.399  3.056   1.00 28.91 ? 105 EDO A C2  1 
HETATM 1000 O O2  . EDO G 3 .  ? 8.819   -5.739  4.141   1.00 29.41 ? 105 EDO A O2  1 
HETATM 1001 I I   . IOD H 2 .  ? 3.040   -2.280  -7.231  0.47 40.17 ? 101 IOD B I   1 
HETATM 1002 C C1  . PGO I 4 .  ? -29.691 -0.911  -7.727  1.00 61.92 ? 102 PGO B C1  1 
HETATM 1003 C C2  . PGO I 4 .  ? -28.729 0.228   -7.394  1.00 46.83 ? 102 PGO B C2  1 
HETATM 1004 C C3  . PGO I 4 .  ? -29.391 1.252   -6.482  1.00 38.08 ? 102 PGO B C3  1 
HETATM 1005 O O1  . PGO I 4 .  ? -29.188 -1.690  -8.820  1.00 56.35 ? 102 PGO B O1  1 
HETATM 1006 O O2  . PGO I 4 .  ? -28.291 0.883   -8.592  1.00 52.93 ? 102 PGO B O2  1 
HETATM 1007 O O   . HOH J 5 .  ? 2.487   8.883   17.325  1.00 15.96 ? 201 HOH A O   1 
HETATM 1008 O O   . HOH J 5 .  ? 20.118  -8.120  0.580   1.00 42.21 ? 202 HOH A O   1 
HETATM 1009 O O   . HOH J 5 .  ? 4.999   12.804  11.985  1.00 35.78 ? 203 HOH A O   1 
HETATM 1010 O O   . HOH J 5 .  ? 11.198  -5.153  10.454  1.00 46.45 ? 204 HOH A O   1 
HETATM 1011 O O   . HOH J 5 .  ? -15.207 -2.259  -0.287  1.00 25.67 ? 205 HOH A O   1 
HETATM 1012 O O   . HOH J 5 .  ? -13.953 2.645   0.460   1.00 38.04 ? 206 HOH A O   1 
HETATM 1013 O O   . HOH J 5 .  ? 24.107  -5.700  4.544   1.00 35.07 ? 207 HOH A O   1 
HETATM 1014 O O   . HOH J 5 .  ? 22.094  -1.842  -3.174  1.00 46.17 ? 208 HOH A O   1 
HETATM 1015 O O   . HOH J 5 .  ? 25.396  -0.550  -2.316  1.00 37.84 ? 209 HOH A O   1 
HETATM 1016 O O   . HOH J 5 .  ? 3.909   11.334  9.071   1.00 38.13 ? 210 HOH A O   1 
HETATM 1017 O O   . HOH J 5 .  ? 19.493  -4.978  11.057  1.00 31.95 ? 211 HOH A O   1 
HETATM 1018 O O   . HOH J 5 .  ? 8.355   10.642  10.478  1.00 17.92 ? 212 HOH A O   1 
HETATM 1019 O O   . HOH J 5 .  ? 23.409  2.302   9.744   1.00 17.30 ? 213 HOH A O   1 
HETATM 1020 O O   . HOH J 5 .  ? 17.681  -1.925  14.323  1.00 25.96 ? 214 HOH A O   1 
HETATM 1021 O O   . HOH J 5 .  ? 4.518   6.082   16.742  1.00 30.56 ? 215 HOH A O   1 
HETATM 1022 O O   . HOH J 5 .  ? 12.618  1.683   16.057  1.00 43.83 ? 216 HOH A O   1 
HETATM 1023 O O   . HOH J 5 .  ? 18.001  7.045   -5.367  1.00 28.88 ? 217 HOH A O   1 
HETATM 1024 O O   . HOH J 5 .  ? 19.409  15.593  4.083   1.00 14.48 ? 218 HOH A O   1 
HETATM 1025 O O   . HOH J 5 .  ? -10.588 -2.724  5.167   1.00 21.48 ? 219 HOH A O   1 
HETATM 1026 O O   . HOH J 5 .  ? 13.889  -4.115  13.080  1.00 40.68 ? 220 HOH A O   1 
HETATM 1027 O O   . HOH J 5 .  ? 13.054  3.913   16.730  1.00 40.82 ? 221 HOH A O   1 
HETATM 1028 O O   . HOH J 5 .  ? 6.521   8.297   19.614  1.00 15.18 ? 222 HOH A O   1 
HETATM 1029 O O   . HOH J 5 .  ? 24.663  -5.496  8.242   1.00 19.88 ? 223 HOH A O   1 
HETATM 1030 O O   . HOH J 5 .  ? 10.158  -1.652  -4.932  1.00 41.02 ? 224 HOH A O   1 
HETATM 1031 O O   . HOH J 5 .  ? 9.606   4.659   20.030  1.00 24.19 ? 225 HOH A O   1 
HETATM 1032 O O   . HOH J 5 .  ? 23.971  4.320   2.744   1.00 18.24 ? 226 HOH A O   1 
HETATM 1033 O O   . HOH J 5 .  ? 18.159  4.569   -2.322  1.00 35.02 ? 227 HOH A O   1 
HETATM 1034 O O   . HOH J 5 .  ? 24.168  0.144   8.146   1.00 14.20 ? 228 HOH A O   1 
HETATM 1035 O O   . HOH J 5 .  ? 20.439  1.714   16.037  1.00 38.10 ? 229 HOH A O   1 
HETATM 1036 O O   . HOH J 5 .  ? 13.295  5.346   21.207  1.00 22.73 ? 230 HOH A O   1 
HETATM 1037 O O   . HOH J 5 .  ? 9.548   15.438  15.820  1.00 25.09 ? 231 HOH A O   1 
HETATM 1038 O O   . HOH J 5 .  ? 25.364  7.923   6.321   1.00 30.30 ? 232 HOH A O   1 
HETATM 1039 O O   . HOH J 5 .  ? 14.404  4.446   -0.225  1.00 19.81 ? 233 HOH A O   1 
HETATM 1040 O O   . HOH J 5 .  ? 22.715  4.915   9.556   1.00 17.45 ? 234 HOH A O   1 
HETATM 1041 O O   . HOH J 5 .  ? 17.592  -3.053  -5.342  1.00 41.05 ? 235 HOH A O   1 
HETATM 1042 O O   . HOH J 5 .  ? 7.042   0.182   13.914  1.00 40.29 ? 236 HOH A O   1 
HETATM 1043 O O   . HOH J 5 .  ? 23.286  6.241   4.496   1.00 17.05 ? 237 HOH A O   1 
HETATM 1044 O O   . HOH J 5 .  ? 17.804  0.815   14.914  1.00 25.02 ? 238 HOH A O   1 
HETATM 1045 O O   . HOH J 5 .  ? 1.443   6.908   11.239  1.00 38.84 ? 239 HOH A O   1 
HETATM 1046 O O   . HOH J 5 .  ? -5.225  3.960   9.013   1.00 27.95 ? 240 HOH A O   1 
HETATM 1047 O O   . HOH J 5 .  ? 8.779   -3.103  9.880   1.00 29.45 ? 241 HOH A O   1 
HETATM 1048 O O   . HOH J 5 .  ? 24.436  9.665   -1.378  1.00 27.77 ? 242 HOH A O   1 
HETATM 1049 O O   . HOH J 5 .  ? 16.828  -6.419  -3.841  1.00 33.60 ? 243 HOH A O   1 
HETATM 1050 O O   . HOH J 5 .  ? 12.296  10.273  16.092  1.00 26.63 ? 244 HOH A O   1 
HETATM 1051 O O   . HOH J 5 .  ? 10.536  0.056   16.114  1.00 47.00 ? 245 HOH A O   1 
HETATM 1052 O O   . HOH J 5 .  ? -1.035  5.446   9.718   1.00 28.42 ? 246 HOH A O   1 
HETATM 1053 O O   . HOH J 5 .  ? 7.253   0.122   11.530  1.00 35.41 ? 247 HOH A O   1 
HETATM 1054 O O   . HOH J 5 .  ? 5.187   -3.553  0.487   1.00 26.76 ? 248 HOH A O   1 
HETATM 1055 O O   . HOH J 5 .  ? 6.164   14.488  16.392  1.00 19.84 ? 249 HOH A O   1 
HETATM 1056 O O   . HOH J 5 .  ? 1.162   3.529   14.128  1.00 40.91 ? 250 HOH A O   1 
HETATM 1057 O O   . HOH J 5 .  ? -19.689 -0.316  7.313   1.00 43.82 ? 251 HOH A O   1 
HETATM 1058 O O   . HOH J 5 .  ? 10.571  12.685  23.604  1.00 33.01 ? 252 HOH A O   1 
HETATM 1059 O O   . HOH J 5 .  ? 15.140  6.709   18.385  1.00 35.97 ? 253 HOH A O   1 
HETATM 1060 O O   . HOH J 5 .  ? 3.273   6.847   13.950  1.00 33.54 ? 254 HOH A O   1 
HETATM 1061 O O   . HOH J 5 .  ? 15.731  -8.038  8.991   1.00 47.25 ? 255 HOH A O   1 
HETATM 1062 O O   . HOH J 5 .  ? 14.351  8.810   14.037  1.00 23.98 ? 256 HOH A O   1 
HETATM 1063 O O   . HOH J 5 .  ? 7.057   5.876   18.646  1.00 22.46 ? 257 HOH A O   1 
HETATM 1064 O O   . HOH J 5 .  ? -11.891 0.600   -5.107  1.00 27.91 ? 258 HOH A O   1 
HETATM 1065 O O   . HOH J 5 .  ? 21.234  6.700   12.530  1.00 39.20 ? 259 HOH A O   1 
HETATM 1066 O O   . HOH J 5 .  ? 13.914  6.437   15.188  1.00 33.78 ? 260 HOH A O   1 
HETATM 1067 O O   . HOH J 5 .  ? 14.364  2.171   -6.468  1.00 48.33 ? 261 HOH A O   1 
HETATM 1068 O O   . HOH J 5 .  ? 5.523   -3.736  3.319   1.00 31.71 ? 262 HOH A O   1 
HETATM 1069 O O   . HOH J 5 .  ? 16.904  4.469   15.101  1.00 27.07 ? 263 HOH A O   1 
HETATM 1070 O O   . HOH J 5 .  ? 0.785   0.865   10.626  1.00 39.58 ? 264 HOH A O   1 
HETATM 1071 O O   . HOH J 5 .  ? 20.227  0.820   -4.565  1.00 28.42 ? 265 HOH A O   1 
HETATM 1072 O O   . HOH J 5 .  ? 22.046  13.950  6.932   0.50 26.17 ? 266 HOH A O   1 
HETATM 1073 O O   . HOH J 5 .  ? 2.530   3.682   17.223  1.00 43.65 ? 267 HOH A O   1 
HETATM 1074 O O   . HOH J 5 .  ? 22.856  16.105  1.926   1.00 39.91 ? 268 HOH A O   1 
HETATM 1075 O O   . HOH J 5 .  ? -19.658 3.224   7.847   1.00 36.64 ? 269 HOH A O   1 
HETATM 1076 O O   . HOH J 5 .  ? -1.461  -5.317  2.003   1.00 36.72 ? 270 HOH A O   1 
HETATM 1077 O O   . HOH J 5 .  ? 6.100   10.255  6.731   1.00 33.01 ? 271 HOH A O   1 
HETATM 1078 O O   . HOH J 5 .  ? -4.267  -5.441  5.523   1.00 49.76 ? 272 HOH A O   1 
HETATM 1079 O O   . HOH J 5 .  ? 13.323  -9.199  -0.608  1.00 53.00 ? 273 HOH A O   1 
HETATM 1080 O O   . HOH J 5 .  ? 0.282   9.723   18.403  1.00 19.73 ? 274 HOH A O   1 
HETATM 1081 O O   . HOH J 5 .  ? 7.548   0.413   19.873  1.00 46.49 ? 275 HOH A O   1 
HETATM 1082 O O   . HOH J 5 .  ? 25.707  -4.318  2.794   1.00 38.70 ? 276 HOH A O   1 
HETATM 1083 O O   . HOH J 5 .  ? 1.615   8.777   14.947  1.00 27.08 ? 277 HOH A O   1 
HETATM 1084 O O   . HOH J 5 .  ? 23.717  12.446  -0.311  1.00 38.13 ? 278 HOH A O   1 
HETATM 1085 O O   . HOH J 5 .  ? 21.541  -4.017  -2.603  1.00 55.57 ? 279 HOH A O   1 
HETATM 1086 O O   . HOH J 5 .  ? 6.412   -5.663  -1.189  1.00 42.13 ? 280 HOH A O   1 
HETATM 1087 O O   . HOH J 5 .  ? 25.811  13.226  4.342   1.00 39.93 ? 281 HOH A O   1 
HETATM 1088 O O   . HOH J 5 .  ? -12.079 5.511   -2.476  1.00 43.54 ? 282 HOH A O   1 
HETATM 1089 O O   . HOH J 5 .  ? -18.829 -3.952  5.669   1.00 47.33 ? 283 HOH A O   1 
HETATM 1090 O O   . HOH J 5 .  ? 10.438  -0.390  11.594  1.00 39.48 ? 284 HOH A O   1 
HETATM 1091 O O   . HOH J 5 .  ? 10.800  -9.174  0.046   1.00 46.71 ? 285 HOH A O   1 
HETATM 1092 O O   . HOH J 5 .  ? 3.665   -0.571  9.955   1.00 41.32 ? 286 HOH A O   1 
HETATM 1093 O O   . HOH J 5 .  ? -3.206  4.007   10.789  1.00 39.57 ? 287 HOH A O   1 
HETATM 1094 O O   . HOH J 5 .  ? 17.284  -5.187  -5.941  1.00 49.69 ? 288 HOH A O   1 
HETATM 1095 O O   . HOH J 5 .  ? 18.549  12.421  14.332  1.00 45.12 ? 289 HOH A O   1 
HETATM 1096 O O   . HOH J 5 .  ? 21.935  -5.926  11.955  1.00 47.73 ? 290 HOH A O   1 
HETATM 1097 O O   . HOH J 5 .  ? 9.279   -1.041  17.783  1.00 44.68 ? 291 HOH A O   1 
HETATM 1098 O O   . HOH J 5 .  ? 15.470  -2.813  14.625  1.00 39.32 ? 292 HOH A O   1 
HETATM 1099 O O   . HOH J 5 .  ? 24.644  14.372  5.819   1.00 47.50 ? 293 HOH A O   1 
HETATM 1100 O O   . HOH J 5 .  ? 16.387  10.540  15.545  1.00 39.43 ? 294 HOH A O   1 
HETATM 1101 O O   . HOH J 5 .  ? 21.761  9.291   12.869  1.00 44.00 ? 295 HOH A O   1 
HETATM 1102 O O   . HOH K 5 .  ? -8.231  5.206   -18.111 1.00 30.01 ? 201 HOH B O   1 
HETATM 1103 O O   . HOH K 5 .  ? -16.760 3.842   -7.349  0.62 17.09 ? 202 HOH B O   1 
HETATM 1104 O O   . HOH K 5 .  ? -17.389 -15.634 1.949   1.00 37.33 ? 203 HOH B O   1 
HETATM 1105 O O   . HOH K 5 .  ? -13.068 -8.060  -15.608 1.00 33.87 ? 204 HOH B O   1 
HETATM 1106 O O   . HOH K 5 .  ? -4.056  -5.604  1.728   1.00 37.84 ? 205 HOH B O   1 
HETATM 1107 O O   . HOH K 5 .  ? -15.722 -15.271 -8.716  1.00 30.96 ? 206 HOH B O   1 
HETATM 1108 O O   . HOH K 5 .  ? -10.864 2.529   -13.103 1.00 30.79 ? 207 HOH B O   1 
HETATM 1109 O O   . HOH K 5 .  ? -7.793  -9.131  0.640   1.00 25.82 ? 208 HOH B O   1 
HETATM 1110 O O   . HOH K 5 .  ? -4.575  0.867   -14.278 1.00 35.54 ? 209 HOH B O   1 
HETATM 1111 O O   . HOH K 5 .  ? -20.443 -16.162 -1.598  1.00 38.19 ? 210 HOH B O   1 
HETATM 1112 O O   . HOH K 5 .  ? -16.182 1.348   -18.198 1.00 52.12 ? 211 HOH B O   1 
HETATM 1113 O O   . HOH K 5 .  ? 3.079   9.452   -9.277  1.00 26.49 ? 212 HOH B O   1 
HETATM 1114 O O   . HOH K 5 .  ? -24.004 4.860   -7.530  1.00 23.41 ? 213 HOH B O   1 
HETATM 1115 O O   . HOH K 5 .  ? -19.466 -3.040  2.063   1.00 30.90 ? 214 HOH B O   1 
HETATM 1116 O O   . HOH K 5 .  ? -8.896  -4.636  6.238   1.00 29.23 ? 215 HOH B O   1 
HETATM 1117 O O   . HOH K 5 .  ? -22.594 -10.017 -9.026  1.00 16.93 ? 216 HOH B O   1 
HETATM 1118 O O   . HOH K 5 .  ? -20.702 -17.063 -5.291  1.00 17.17 ? 217 HOH B O   1 
HETATM 1119 O O   . HOH K 5 .  ? -14.085 3.188   -11.233 1.00 42.39 ? 218 HOH B O   1 
HETATM 1120 O O   . HOH K 5 .  ? -8.881  -4.293  -21.775 1.00 34.53 ? 219 HOH B O   1 
HETATM 1121 O O   . HOH K 5 .  ? -0.424  -0.458  -11.497 1.00 48.29 ? 220 HOH B O   1 
HETATM 1122 O O   . HOH K 5 .  ? 10.125  1.137   -5.579  1.00 32.03 ? 221 HOH B O   1 
HETATM 1123 O O   . HOH K 5 .  ? 6.797   9.206   -9.143  1.00 43.11 ? 222 HOH B O   1 
HETATM 1124 O O   . HOH K 5 .  ? 7.337   4.934   -8.427  1.00 30.85 ? 223 HOH B O   1 
HETATM 1125 O O   . HOH K 5 .  ? -15.136 -4.463  -15.922 1.00 36.41 ? 224 HOH B O   1 
HETATM 1126 O O   . HOH K 5 .  ? -16.329 -8.789  6.701   1.00 41.86 ? 225 HOH B O   1 
HETATM 1127 O O   . HOH K 5 .  ? -24.197 -5.112  -5.182  1.00 20.14 ? 226 HOH B O   1 
HETATM 1128 O O   . HOH K 5 .  ? -19.150 -11.115 -14.982 1.00 34.45 ? 227 HOH B O   1 
HETATM 1129 O O   . HOH K 5 .  ? -22.930 -7.306  -9.628  1.00 20.32 ? 228 HOH B O   1 
HETATM 1130 O O   . HOH K 5 .  ? -23.073 -3.551  2.639   1.00 36.52 ? 229 HOH B O   1 
HETATM 1131 O O   . HOH K 5 .  ? -16.534 -10.498 -13.868 1.00 24.74 ? 230 HOH B O   1 
HETATM 1132 O O   . HOH K 5 .  ? -24.255 -6.605  -3.024  1.00 18.47 ? 231 HOH B O   1 
HETATM 1133 O O   . HOH K 5 .  ? -20.039 -6.526  4.619   1.00 28.34 ? 232 HOH B O   1 
HETATM 1134 O O   . HOH K 5 .  ? -15.375 -12.793 -12.757 1.00 28.88 ? 233 HOH B O   1 
HETATM 1135 O O   . HOH K 5 .  ? -27.133 -1.235  -0.364  1.00 29.02 ? 234 HOH B O   1 
HETATM 1136 O O   . HOH K 5 .  ? -14.272 -11.361 6.378   1.00 37.60 ? 235 HOH B O   1 
HETATM 1137 O O   . HOH K 5 .  ? 1.555   -5.477  -5.552  1.00 50.54 ? 236 HOH B O   1 
HETATM 1138 O O   . HOH K 5 .  ? -2.897  -6.858  -2.549  1.00 47.11 ? 237 HOH B O   1 
HETATM 1139 O O   . HOH K 5 .  ? -9.671  -7.471  -9.785  1.00 39.29 ? 238 HOH B O   1 
HETATM 1140 O O   . HOH K 5 .  ? -25.594 1.569   -9.578  0.50 30.74 ? 239 HOH B O   1 
HETATM 1141 O O   . HOH K 5 .  ? -26.815 -5.024  -7.284  1.00 32.66 ? 240 HOH B O   1 
HETATM 1142 O O   . HOH K 5 .  ? -17.203 -2.748  3.595   1.00 24.10 ? 241 HOH B O   1 
HETATM 1143 O O   . HOH K 5 .  ? 3.009   1.764   -10.498 1.00 31.36 ? 242 HOH B O   1 
HETATM 1144 O O   . HOH K 5 .  ? 16.725  6.183   -1.281  1.00 24.83 ? 243 HOH B O   1 
HETATM 1145 O O   . HOH K 5 .  ? -6.486  -10.466 -1.533  1.00 33.95 ? 244 HOH B O   1 
HETATM 1146 O O   . HOH K 5 .  ? -16.193 -2.073  -15.342 1.00 28.77 ? 245 HOH B O   1 
HETATM 1147 O O   . HOH K 5 .  ? -6.906  -12.560 0.017   1.00 54.55 ? 246 HOH B O   1 
HETATM 1148 O O   . HOH K 5 .  ? 2.841   -4.864  0.037   1.00 34.79 ? 247 HOH B O   1 
HETATM 1149 O O   . HOH K 5 .  ? -13.853 5.650   -19.156 1.00 38.41 ? 248 HOH B O   1 
HETATM 1150 O O   . HOH K 5 .  ? -9.038  -13.340 3.396   1.00 46.42 ? 249 HOH B O   1 
HETATM 1151 O O   . HOH K 5 .  ? 5.860   -4.770  -4.178  1.00 37.62 ? 250 HOH B O   1 
HETATM 1152 O O   . HOH K 5 .  ? -22.690 -15.248 -0.079  1.00 42.50 ? 251 HOH B O   1 
HETATM 1153 O O   . HOH K 5 .  ? -22.489 -5.982  -13.503 1.00 46.55 ? 252 HOH B O   1 
HETATM 1154 O O   . HOH K 5 .  ? -16.996 -7.003  -14.984 1.00 35.58 ? 253 HOH B O   1 
HETATM 1155 O O   . HOH K 5 .  ? -1.236  3.161   -8.033  1.00 25.32 ? 254 HOH B O   1 
HETATM 1156 O O   . HOH K 5 .  ? 12.000  11.024  -1.667  1.00 35.44 ? 255 HOH B O   1 
HETATM 1157 O O   . HOH K 5 .  ? -4.491  -7.229  3.546   1.00 48.56 ? 256 HOH B O   1 
HETATM 1158 O O   . HOH K 5 .  ? 9.909   7.647   3.689   1.00 31.30 ? 257 HOH B O   1 
HETATM 1159 O O   . HOH K 5 .  ? -3.329  -6.001  -9.398  1.00 47.73 ? 258 HOH B O   1 
HETATM 1160 O O   . HOH K 5 .  ? -15.491 -8.839  -15.600 1.00 42.23 ? 259 HOH B O   1 
HETATM 1161 O O   . HOH K 5 .  ? -13.608 6.149   -13.280 1.00 48.79 ? 260 HOH B O   1 
HETATM 1162 O O   . HOH K 5 .  ? -2.026  2.222   -11.251 1.00 48.31 ? 261 HOH B O   1 
HETATM 1163 O O   . HOH K 5 .  ? -18.603 -1.149  0.675   1.00 47.00 ? 262 HOH B O   1 
HETATM 1164 O O   . HOH K 5 .  ? -11.521 2.826   -9.576  1.00 46.41 ? 263 HOH B O   1 
HETATM 1165 O O   . HOH K 5 .  ? -12.828 -12.843 -12.340 1.00 39.07 ? 264 HOH B O   1 
HETATM 1166 O O   . HOH K 5 .  ? -8.668  -8.177  8.863   1.00 52.01 ? 265 HOH B O   1 
HETATM 1167 O O   . HOH K 5 .  ? -22.523 -6.015  5.440   1.00 50.55 ? 266 HOH B O   1 
HETATM 1168 O O   . HOH K 5 .  ? -18.046 -1.478  -16.718 1.00 45.00 ? 267 HOH B O   1 
HETATM 1169 O O   . HOH K 5 .  ? -2.006  -9.858  -4.362  1.00 48.18 ? 268 HOH B O   1 
HETATM 1170 O O   . HOH K 5 .  ? 0.730   2.156   -11.946 1.00 46.30 ? 269 HOH B O   1 
HETATM 1171 O O   . HOH K 5 .  ? -19.683 -4.225  -17.485 1.00 50.33 ? 270 HOH B O   1 
# 
